data_5EWJ
#
_entry.id   5EWJ
#
_cell.length_a   268.460
_cell.length_b   60.100
_cell.length_c   145.000
_cell.angle_alpha   90.000
_cell.angle_beta   116.220
_cell.angle_gamma   90.000
#
_symmetry.space_group_name_H-M   'C 1 2 1'
#
loop_
_entity.id
_entity.type
_entity.pdbx_description
1 polymer 'NMDA glutamate receptor subunit'
2 polymer 'Glutamate receptor ionotropic, NMDA 2B'
3 branched alpha-D-mannopyranose-(1-3)-[alpha-D-mannopyranose-(1-6)]beta-D-mannopyranose-(1-4)-2-acetamido-2-deoxy-beta-D-glucopyranose-(1-4)-2-acetamido-2-deoxy-beta-D-glucopyranose
4 non-polymer 'SODIUM ION'
5 non-polymer 2-acetamido-2-deoxy-beta-D-glucopyranose
6 non-polymer 4-[(1R,2S)-2-(4-benzylpiperidin-1-yl)-1-hydroxypropyl]phenol
7 water water
#
loop_
_entity_poly.entity_id
_entity_poly.type
_entity_poly.pdbx_seq_one_letter_code
_entity_poly.pdbx_strand_id
1 'polypeptide(L)'
;DPKIVNIGAVLSTKKHEQIFREAVNQANKRHFTRKIQLQATSVTHRPNAIQMALSVCEDLISSQVYAILVSHPPAPTDHL
TPTPISYTAGFYRIPVIGLTTRMSIYSDKSIHLSFLRTVPPYSHQALVWFEMMRLFNWNHVILIVSDDHEGRAAQKKLET
LLEGKESKSKKRNYENLDQLSYDNKRGPKADKVLQFEPGTKNLTALLLEAKELEARVIILSASEDDATAVYKSAAMLDMT
GAGYVWLVGEREISGSALRYAPDGIIGLQLINGKNESAHISDAVAVVAQAIHELFEMENITDPPRGCVGNTNIWKTGPLF
KRVLMSSKYPDGVTGRIEFNEDGDRKFAQYSIMNLQNRKLVQVGIFNGSYIIQNDRKIIWPGGETELVPR
;
A,C
2 'polypeptide(L)'
;SPPSIGIAVILVGTSDEVAIKDAHEKDDFHHLSVVPRVELVAMNETDPKSIITRICDLMSDRKIQGVVFADDTDQEAIAQ
ILDFISAQTLTPILGIHGGSSMIMADKDESSMFFQFGPSIEQQASVMLNIMEEYDWYIFSIVTTYFPGYQDFVNKIRSTI
ENSFVGWELEEVLLLDMSLDDGDSKIQNQLKKLQSPIILLYCTKEEATYIFEVANSVGLTGYGYTWIVPSLVAGDTDTVP
AEFPTGLISVSYDEWDYGLPARVRDGIAIITTAASDMLSEHSFIPEPKSSCYNTHEKRIYQSNMLNRYLINVTFEGRDLS
FSEDGYQMHPKLVIILLNKERKWERVGKWKDKSLQMKYYVWPRM
;
B,D
#
loop_
_chem_comp.id
_chem_comp.type
_chem_comp.name
_chem_comp.formula
BMA D-saccharide, beta linking beta-D-mannopyranose 'C6 H12 O6'
MAN D-saccharide, alpha linking alpha-D-mannopyranose 'C6 H12 O6'
NA non-polymer 'SODIUM ION' 'Na 1'
NAG D-saccharide, beta linking 2-acetamido-2-deoxy-beta-D-glucopyranose 'C8 H15 N O6'
QEL non-polymer 4-[(1R,2S)-2-(4-benzylpiperidin-1-yl)-1-hydroxypropyl]phenol 'C21 H27 N O2'
#
# COMPACT_ATOMS: atom_id res chain seq x y z
N ASP A 1 -15.36 2.44 -60.30
CA ASP A 1 -14.88 2.54 -58.92
C ASP A 1 -15.54 1.51 -57.96
N PRO A 2 -14.77 0.62 -57.29
CA PRO A 2 -15.38 -0.29 -56.33
C PRO A 2 -15.59 0.34 -54.96
N LYS A 3 -16.32 -0.37 -54.10
CA LYS A 3 -16.58 0.00 -52.72
C LYS A 3 -15.42 -0.56 -51.90
N ILE A 4 -14.72 0.34 -51.18
CA ILE A 4 -13.58 -0.09 -50.38
C ILE A 4 -14.04 -0.54 -49.01
N VAL A 5 -13.78 -1.84 -48.72
CA VAL A 5 -14.12 -2.58 -47.51
C VAL A 5 -12.83 -2.81 -46.68
N ASN A 6 -12.75 -2.17 -45.51
CA ASN A 6 -11.58 -2.30 -44.66
C ASN A 6 -11.57 -3.52 -43.79
N ILE A 7 -10.37 -4.06 -43.60
CA ILE A 7 -10.08 -5.19 -42.74
C ILE A 7 -9.03 -4.67 -41.77
N GLY A 8 -9.26 -4.92 -40.48
CA GLY A 8 -8.33 -4.50 -39.45
C GLY A 8 -7.42 -5.60 -38.94
N ALA A 9 -6.34 -5.19 -38.29
CA ALA A 9 -5.40 -6.13 -37.66
C ALA A 9 -4.63 -5.49 -36.53
N VAL A 10 -4.44 -6.26 -35.45
CA VAL A 10 -3.59 -5.90 -34.31
C VAL A 10 -2.50 -6.97 -34.36
N LEU A 11 -1.31 -6.57 -34.86
CA LEU A 11 -0.20 -7.51 -35.09
C LEU A 11 1.05 -7.21 -34.26
N SER A 12 1.99 -8.15 -34.21
CA SER A 12 3.19 -8.03 -33.38
C SER A 12 4.15 -6.93 -33.75
N THR A 13 4.51 -6.83 -35.04
CA THR A 13 5.54 -5.93 -35.54
C THR A 13 5.16 -5.32 -36.86
N LYS A 14 5.92 -4.28 -37.29
CA LYS A 14 5.84 -3.68 -38.63
C LYS A 14 6.06 -4.80 -39.77
N LYS A 15 6.95 -5.84 -39.56
CA LYS A 15 7.10 -6.93 -40.55
C LYS A 15 5.76 -7.59 -40.79
N HIS A 16 5.05 -7.93 -39.69
CA HIS A 16 3.75 -8.59 -39.71
C HIS A 16 2.67 -7.68 -40.29
N GLU A 17 2.79 -6.36 -40.06
CA GLU A 17 1.88 -5.38 -40.63
C GLU A 17 1.98 -5.41 -42.15
N GLN A 18 3.21 -5.50 -42.67
CA GLN A 18 3.56 -5.57 -44.09
C GLN A 18 3.09 -6.86 -44.75
N ILE A 19 3.19 -8.00 -44.03
CA ILE A 19 2.69 -9.33 -44.44
C ILE A 19 1.15 -9.22 -44.64
N PHE A 20 0.40 -8.60 -43.68
CA PHE A 20 -1.03 -8.38 -43.75
C PHE A 20 -1.39 -7.55 -44.98
N ARG A 21 -0.73 -6.40 -45.16
CA ARG A 21 -0.94 -5.52 -46.33
C ARG A 21 -0.77 -6.34 -47.66
N GLU A 22 0.23 -7.26 -47.71
CA GLU A 22 0.48 -8.08 -48.89
C GLU A 22 -0.59 -9.13 -49.14
N ALA A 23 -1.10 -9.76 -48.04
CA ALA A 23 -2.15 -10.78 -48.10
C ALA A 23 -3.47 -10.19 -48.60
N VAL A 24 -3.77 -8.93 -48.25
CA VAL A 24 -4.96 -8.23 -48.70
C VAL A 24 -4.77 -7.88 -50.17
N ASN A 25 -3.54 -7.49 -50.55
CA ASN A 25 -3.23 -7.18 -51.95
C ASN A 25 -3.41 -8.43 -52.83
N GLN A 26 -2.96 -9.59 -52.36
CA GLN A 26 -3.12 -10.85 -53.07
C GLN A 26 -4.58 -11.27 -53.19
N ALA A 27 -5.42 -10.96 -52.17
CA ALA A 27 -6.86 -11.24 -52.08
C ALA A 27 -7.56 -10.39 -53.15
N ASN A 28 -7.09 -9.14 -53.31
CA ASN A 28 -7.65 -8.26 -54.32
C ASN A 28 -7.24 -8.78 -55.67
N LYS A 29 -6.00 -9.31 -55.80
CA LYS A 29 -5.52 -9.87 -57.06
C LYS A 29 -6.31 -11.12 -57.47
N ARG A 30 -6.51 -12.12 -56.57
CA ARG A 30 -7.18 -13.36 -56.93
C ARG A 30 -8.74 -13.22 -57.07
N HIS A 31 -9.39 -12.32 -56.33
CA HIS A 31 -10.84 -12.14 -56.42
C HIS A 31 -11.33 -11.15 -57.46
N PHE A 32 -12.63 -11.26 -57.78
CA PHE A 32 -13.32 -10.36 -58.66
C PHE A 32 -13.70 -9.17 -57.80
N THR A 33 -13.02 -8.02 -58.02
CA THR A 33 -13.10 -6.82 -57.21
C THR A 33 -13.60 -5.59 -57.97
N ARG A 34 -14.60 -5.78 -58.87
CA ARG A 34 -15.22 -4.67 -59.60
C ARG A 34 -16.20 -4.00 -58.62
N LYS A 35 -16.94 -4.82 -57.83
CA LYS A 35 -17.92 -4.36 -56.86
C LYS A 35 -17.24 -3.98 -55.53
N ILE A 36 -16.62 -4.95 -54.83
CA ILE A 36 -15.99 -4.65 -53.54
C ILE A 36 -14.45 -4.93 -53.57
N GLN A 37 -13.69 -4.07 -52.89
CA GLN A 37 -12.24 -4.17 -52.83
C GLN A 37 -11.74 -3.96 -51.37
N LEU A 38 -10.89 -4.88 -50.91
CA LEU A 38 -10.37 -4.82 -49.55
C LEU A 38 -9.29 -3.78 -49.35
N GLN A 39 -9.18 -3.27 -48.11
CA GLN A 39 -8.14 -2.35 -47.67
C GLN A 39 -7.64 -2.73 -46.28
N ALA A 40 -6.33 -2.99 -46.16
CA ALA A 40 -5.68 -3.35 -44.91
C ALA A 40 -5.47 -2.13 -44.04
N THR A 41 -5.99 -2.17 -42.80
CA THR A 41 -5.82 -1.13 -41.78
C THR A 41 -5.21 -1.91 -40.62
N SER A 42 -4.08 -1.47 -40.07
CA SER A 42 -3.45 -2.24 -38.99
C SER A 42 -2.64 -1.42 -38.07
N VAL A 43 -2.36 -1.97 -36.87
CA VAL A 43 -1.56 -1.42 -35.77
C VAL A 43 -0.86 -2.56 -35.05
N THR A 44 0.12 -2.22 -34.23
CA THR A 44 0.81 -3.15 -33.35
C THR A 44 0.13 -2.99 -32.00
N HIS A 45 0.42 -3.90 -31.07
CA HIS A 45 -0.12 -3.89 -29.71
C HIS A 45 0.31 -2.67 -28.91
N ARG A 46 -0.58 -2.13 -28.06
CA ARG A 46 -0.29 -0.96 -27.22
C ARG A 46 0.26 -1.46 -25.88
N PRO A 47 0.96 -0.61 -25.09
CA PRO A 47 1.61 -1.12 -23.85
C PRO A 47 0.68 -1.73 -22.80
N ASN A 48 -0.57 -1.23 -22.71
CA ASN A 48 -1.57 -1.70 -21.75
C ASN A 48 -2.98 -1.86 -22.39
N ALA A 49 -3.94 -2.46 -21.64
CA ALA A 49 -5.30 -2.77 -22.08
C ALA A 49 -6.17 -1.56 -22.40
N ILE A 50 -6.13 -0.53 -21.56
CA ILE A 50 -6.88 0.72 -21.78
C ILE A 50 -6.39 1.39 -23.08
N GLN A 51 -5.06 1.53 -23.23
CA GLN A 51 -4.44 2.06 -24.45
C GLN A 51 -4.80 1.24 -25.70
N MET A 52 -4.82 -0.09 -25.59
CA MET A 52 -5.22 -0.99 -26.68
C MET A 52 -6.67 -0.80 -27.11
N ALA A 53 -7.59 -0.71 -26.14
CA ALA A 53 -9.02 -0.53 -26.41
C ALA A 53 -9.21 0.79 -27.17
N LEU A 54 -8.52 1.86 -26.73
CA LEU A 54 -8.59 3.18 -27.35
C LEU A 54 -8.05 3.17 -28.78
N SER A 55 -7.00 2.36 -29.03
CA SER A 55 -6.39 2.23 -30.34
C SER A 55 -7.37 1.55 -31.30
N VAL A 56 -8.12 0.53 -30.83
CA VAL A 56 -9.12 -0.17 -31.62
C VAL A 56 -10.14 0.85 -32.18
N CYS A 57 -10.61 1.76 -31.33
CA CYS A 57 -11.53 2.83 -31.67
C CYS A 57 -10.94 3.84 -32.66
N GLU A 58 -9.80 4.43 -32.29
CA GLU A 58 -9.15 5.49 -33.02
C GLU A 58 -8.54 5.09 -34.33
N ASP A 59 -7.91 3.93 -34.37
CA ASP A 59 -7.18 3.48 -35.53
C ASP A 59 -7.91 2.54 -36.43
N LEU A 60 -8.77 1.66 -35.86
CA LEU A 60 -9.47 0.64 -36.65
C LEU A 60 -10.97 0.90 -36.85
N ILE A 61 -11.77 1.09 -35.77
CA ILE A 61 -13.21 1.32 -35.90
C ILE A 61 -13.46 2.66 -36.63
N SER A 62 -12.50 3.62 -36.55
CA SER A 62 -12.56 4.89 -37.28
C SER A 62 -12.52 4.68 -38.80
N SER A 63 -11.96 3.52 -39.24
CA SER A 63 -11.83 3.16 -40.66
C SER A 63 -12.93 2.20 -41.12
N GLN A 64 -13.98 1.98 -40.29
CA GLN A 64 -15.12 1.09 -40.59
C GLN A 64 -14.68 -0.30 -40.99
N VAL A 65 -13.84 -0.92 -40.14
CA VAL A 65 -13.32 -2.26 -40.36
C VAL A 65 -14.47 -3.24 -40.25
N TYR A 66 -14.49 -4.25 -41.13
CA TYR A 66 -15.53 -5.29 -41.14
C TYR A 66 -15.17 -6.46 -40.21
N ALA A 67 -13.89 -6.60 -39.86
CA ALA A 67 -13.30 -7.64 -39.01
C ALA A 67 -11.93 -7.20 -38.51
N ILE A 68 -11.47 -7.79 -37.39
CA ILE A 68 -10.13 -7.46 -36.88
C ILE A 68 -9.34 -8.75 -36.61
N LEU A 69 -8.16 -8.87 -37.21
CA LEU A 69 -7.23 -9.98 -36.99
C LEU A 69 -6.39 -9.65 -35.73
N VAL A 70 -6.09 -10.64 -34.88
CA VAL A 70 -5.34 -10.36 -33.64
C VAL A 70 -4.37 -11.45 -33.35
N SER A 71 -3.10 -11.11 -33.19
CA SER A 71 -2.07 -12.04 -32.77
C SER A 71 -1.68 -11.77 -31.31
N HIS A 72 -0.73 -12.54 -30.77
CA HIS A 72 -0.15 -12.33 -29.43
C HIS A 72 1.16 -11.58 -29.67
N PRO A 73 1.46 -10.52 -28.85
CA PRO A 73 2.67 -9.66 -29.11
C PRO A 73 4.08 -10.27 -28.89
N PRO A 74 5.21 -9.47 -28.99
CA PRO A 74 6.57 -10.03 -28.75
C PRO A 74 7.09 -9.77 -27.32
N LEU A 80 -0.80 -8.88 -21.62
CA LEU A 80 -1.21 -8.27 -22.89
C LEU A 80 -1.87 -9.29 -23.85
N THR A 81 -3.19 -9.44 -23.71
CA THR A 81 -4.03 -10.43 -24.42
C THR A 81 -4.97 -9.81 -25.47
N PRO A 82 -5.70 -10.64 -26.28
CA PRO A 82 -6.67 -10.09 -27.24
C PRO A 82 -7.97 -9.54 -26.63
N THR A 83 -8.22 -9.74 -25.30
CA THR A 83 -9.44 -9.32 -24.59
C THR A 83 -9.90 -7.86 -24.80
N PRO A 84 -9.05 -6.78 -24.65
CA PRO A 84 -9.60 -5.41 -24.86
C PRO A 84 -10.04 -5.19 -26.31
N ILE A 85 -9.46 -5.94 -27.25
CA ILE A 85 -9.86 -5.90 -28.67
C ILE A 85 -11.19 -6.64 -28.82
N SER A 86 -11.31 -7.83 -28.23
CA SER A 86 -12.54 -8.63 -28.28
C SER A 86 -13.73 -7.82 -27.67
N TYR A 87 -13.53 -7.21 -26.49
CA TYR A 87 -14.51 -6.38 -25.82
C TYR A 87 -14.94 -5.17 -26.67
N THR A 88 -13.96 -4.37 -27.20
CA THR A 88 -14.24 -3.18 -28.02
C THR A 88 -14.98 -3.53 -29.30
N ALA A 89 -14.48 -4.54 -30.05
CA ALA A 89 -15.11 -4.98 -31.29
C ALA A 89 -16.48 -5.64 -30.99
N GLY A 90 -16.56 -6.39 -29.88
CA GLY A 90 -17.76 -7.07 -29.41
C GLY A 90 -18.90 -6.11 -29.10
N PHE A 91 -18.56 -4.92 -28.58
CA PHE A 91 -19.54 -3.88 -28.32
C PHE A 91 -20.38 -3.60 -29.63
N TYR A 92 -19.70 -3.60 -30.79
CA TYR A 92 -20.30 -3.31 -32.09
C TYR A 92 -20.64 -4.53 -32.90
N ARG A 93 -20.25 -5.73 -32.42
CA ARG A 93 -20.50 -7.01 -33.08
C ARG A 93 -19.63 -7.18 -34.34
N ILE A 94 -18.45 -6.51 -34.33
CA ILE A 94 -17.43 -6.62 -35.34
C ILE A 94 -16.65 -7.94 -35.00
N PRO A 95 -16.63 -8.94 -35.94
CA PRO A 95 -15.88 -10.17 -35.67
C PRO A 95 -14.38 -9.97 -35.47
N VAL A 96 -13.79 -10.76 -34.58
CA VAL A 96 -12.38 -10.78 -34.26
C VAL A 96 -11.87 -12.18 -34.61
N ILE A 97 -10.71 -12.23 -35.32
CA ILE A 97 -10.06 -13.46 -35.70
C ILE A 97 -8.74 -13.58 -34.92
N GLY A 98 -8.72 -14.47 -33.94
CA GLY A 98 -7.57 -14.78 -33.11
C GLY A 98 -6.60 -15.60 -33.94
N LEU A 99 -5.37 -15.10 -34.08
CA LEU A 99 -4.40 -15.81 -34.87
C LEU A 99 -3.54 -16.76 -34.03
N THR A 100 -3.31 -16.49 -32.73
CA THR A 100 -2.38 -17.34 -31.98
C THR A 100 -2.79 -17.70 -30.49
N THR A 101 -3.88 -17.15 -29.95
CA THR A 101 -4.35 -17.41 -28.57
C THR A 101 -4.96 -18.80 -28.43
N ARG A 102 -4.44 -19.60 -27.49
CA ARG A 102 -4.93 -20.97 -27.33
C ARG A 102 -5.72 -21.15 -26.04
N MET A 103 -5.95 -20.06 -25.31
CA MET A 103 -6.69 -20.14 -24.05
C MET A 103 -8.16 -20.36 -24.36
N SER A 104 -8.73 -21.39 -23.71
CA SER A 104 -10.10 -21.84 -23.84
C SER A 104 -11.13 -20.80 -23.49
N ILE A 105 -10.80 -19.84 -22.62
CA ILE A 105 -11.71 -18.77 -22.22
C ILE A 105 -12.31 -18.02 -23.43
N TYR A 106 -11.53 -17.87 -24.49
CA TYR A 106 -11.96 -17.22 -25.72
C TYR A 106 -13.03 -17.98 -26.47
N SER A 107 -13.37 -19.21 -26.02
CA SER A 107 -14.42 -20.06 -26.62
C SER A 107 -15.80 -19.76 -26.00
N ASP A 108 -15.85 -18.94 -24.91
CA ASP A 108 -17.02 -18.53 -24.14
C ASP A 108 -17.78 -17.41 -24.82
N LYS A 109 -18.91 -17.74 -25.50
CA LYS A 109 -19.82 -16.80 -26.21
C LYS A 109 -20.37 -15.66 -25.34
N SER A 110 -20.51 -15.85 -24.01
CA SER A 110 -21.02 -14.78 -23.13
C SER A 110 -20.00 -13.65 -23.05
N ILE A 111 -18.69 -14.02 -23.10
CA ILE A 111 -17.59 -13.07 -22.90
C ILE A 111 -17.03 -12.63 -24.24
N HIS A 112 -16.71 -13.62 -25.12
CA HIS A 112 -16.14 -13.40 -26.45
C HIS A 112 -17.19 -13.66 -27.54
N LEU A 113 -18.06 -12.65 -27.72
CA LEU A 113 -19.25 -12.66 -28.55
C LEU A 113 -19.05 -12.76 -30.07
N SER A 114 -18.05 -12.11 -30.62
CA SER A 114 -17.81 -12.19 -32.05
C SER A 114 -16.35 -12.58 -32.27
N PHE A 115 -15.97 -13.73 -31.72
CA PHE A 115 -14.58 -14.18 -31.75
C PHE A 115 -14.45 -15.54 -32.41
N LEU A 116 -13.57 -15.64 -33.41
CA LEU A 116 -13.20 -16.88 -34.11
C LEU A 116 -11.69 -16.94 -34.05
N ARG A 117 -11.08 -18.11 -34.21
CA ARG A 117 -9.62 -18.26 -34.22
C ARG A 117 -9.17 -19.31 -35.16
N THR A 118 -8.01 -19.05 -35.83
CA THR A 118 -7.39 -19.98 -36.78
C THR A 118 -6.52 -21.04 -36.08
N VAL A 119 -6.39 -20.96 -34.72
CA VAL A 119 -5.66 -21.92 -33.87
C VAL A 119 -6.68 -22.54 -32.88
N PRO A 120 -6.57 -23.83 -32.50
CA PRO A 120 -7.57 -24.39 -31.57
C PRO A 120 -7.24 -24.09 -30.11
N PRO A 121 -8.19 -24.14 -29.16
CA PRO A 121 -7.78 -23.96 -27.75
C PRO A 121 -7.01 -25.19 -27.23
N TYR A 122 -6.22 -25.00 -26.15
CA TYR A 122 -5.49 -26.11 -25.55
C TYR A 122 -6.41 -27.34 -25.25
N SER A 123 -7.66 -27.11 -24.82
CA SER A 123 -8.62 -28.15 -24.48
C SER A 123 -8.89 -29.13 -25.61
N HIS A 124 -8.71 -28.68 -26.86
CA HIS A 124 -8.94 -29.51 -28.05
C HIS A 124 -7.87 -30.60 -28.25
N GLN A 125 -6.76 -30.59 -27.46
CA GLN A 125 -5.71 -31.60 -27.45
C GLN A 125 -6.32 -32.91 -26.98
N ALA A 126 -7.45 -32.86 -26.21
CA ALA A 126 -8.22 -34.05 -25.81
C ALA A 126 -8.58 -34.90 -27.04
N LEU A 127 -8.87 -34.28 -28.22
CA LEU A 127 -9.16 -34.96 -29.51
C LEU A 127 -7.99 -35.86 -29.95
N VAL A 128 -6.75 -35.42 -29.66
CA VAL A 128 -5.56 -36.19 -30.00
C VAL A 128 -5.35 -37.30 -28.99
N TRP A 129 -5.48 -37.00 -27.70
CA TRP A 129 -5.34 -37.99 -26.63
C TRP A 129 -6.34 -39.14 -26.83
N PHE A 130 -7.60 -38.81 -27.18
CA PHE A 130 -8.65 -39.78 -27.43
C PHE A 130 -8.31 -40.73 -28.59
N GLU A 131 -7.77 -40.19 -29.68
CA GLU A 131 -7.34 -40.99 -30.83
C GLU A 131 -6.11 -41.87 -30.49
N MET A 132 -5.22 -41.35 -29.62
CA MET A 132 -4.04 -42.01 -29.09
C MET A 132 -4.48 -43.18 -28.19
N MET A 133 -5.53 -42.96 -27.39
CA MET A 133 -6.13 -43.94 -26.48
C MET A 133 -6.73 -45.12 -27.25
N ARG A 134 -7.46 -44.83 -28.34
CA ARG A 134 -8.05 -45.86 -29.21
C ARG A 134 -6.94 -46.63 -29.92
N LEU A 135 -5.93 -45.92 -30.45
CA LEU A 135 -4.79 -46.54 -31.14
C LEU A 135 -3.97 -47.49 -30.24
N PHE A 136 -3.49 -47.04 -29.08
CA PHE A 136 -2.66 -47.87 -28.20
C PHE A 136 -3.44 -48.75 -27.21
N ASN A 137 -4.79 -48.65 -27.24
CA ASN A 137 -5.75 -49.43 -26.44
C ASN A 137 -5.61 -49.19 -24.95
N TRP A 138 -5.56 -47.89 -24.59
CA TRP A 138 -5.52 -47.40 -23.21
C TRP A 138 -6.97 -47.14 -22.83
N ASN A 139 -7.62 -48.19 -22.35
CA ASN A 139 -9.03 -48.17 -21.98
C ASN A 139 -9.28 -47.60 -20.58
N HIS A 140 -8.22 -47.54 -19.75
CA HIS A 140 -8.33 -47.00 -18.40
C HIS A 140 -7.26 -45.95 -18.15
N VAL A 141 -7.68 -44.67 -17.95
CA VAL A 141 -6.77 -43.53 -17.77
C VAL A 141 -7.08 -42.75 -16.50
N ILE A 142 -6.08 -41.96 -16.03
CA ILE A 142 -6.17 -41.06 -14.89
C ILE A 142 -5.94 -39.67 -15.44
N LEU A 143 -6.88 -38.78 -15.20
CA LEU A 143 -6.79 -37.41 -15.67
C LEU A 143 -6.45 -36.47 -14.52
N ILE A 144 -5.31 -35.75 -14.64
CA ILE A 144 -4.84 -34.79 -13.64
C ILE A 144 -4.91 -33.42 -14.30
N VAL A 145 -5.76 -32.55 -13.74
CA VAL A 145 -5.96 -31.21 -14.31
C VAL A 145 -5.79 -30.16 -13.24
N SER A 146 -5.38 -28.95 -13.64
CA SER A 146 -5.30 -27.83 -12.70
C SER A 146 -6.73 -27.33 -12.48
N ASP A 147 -7.04 -26.84 -11.28
CA ASP A 147 -8.36 -26.33 -11.01
C ASP A 147 -8.45 -24.84 -11.37
N ASP A 148 -8.32 -24.58 -12.67
CA ASP A 148 -8.44 -23.28 -13.29
C ASP A 148 -9.38 -23.53 -14.49
N HIS A 149 -9.65 -22.49 -15.30
CA HIS A 149 -10.52 -22.62 -16.44
C HIS A 149 -9.98 -23.62 -17.45
N GLU A 150 -8.68 -23.48 -17.79
CA GLU A 150 -7.97 -24.28 -18.77
C GLU A 150 -7.98 -25.77 -18.45
N GLY A 151 -7.64 -26.10 -17.20
CA GLY A 151 -7.65 -27.47 -16.70
C GLY A 151 -9.03 -28.09 -16.81
N ARG A 152 -10.07 -27.36 -16.40
CA ARG A 152 -11.47 -27.81 -16.48
C ARG A 152 -11.99 -27.93 -17.91
N ALA A 153 -11.51 -27.04 -18.81
CA ALA A 153 -11.82 -27.10 -20.25
C ALA A 153 -11.31 -28.42 -20.88
N ALA A 154 -10.11 -28.89 -20.48
CA ALA A 154 -9.55 -30.14 -21.02
C ALA A 154 -10.34 -31.34 -20.50
N GLN A 155 -10.68 -31.26 -19.22
CA GLN A 155 -11.46 -32.31 -18.58
C GLN A 155 -12.86 -32.44 -19.22
N LYS A 156 -13.59 -31.32 -19.39
CA LYS A 156 -14.92 -31.33 -20.04
C LYS A 156 -14.79 -31.89 -21.47
N LYS A 157 -13.79 -31.43 -22.25
CA LYS A 157 -13.59 -31.89 -23.63
C LYS A 157 -13.28 -33.38 -23.72
N LEU A 158 -12.39 -33.90 -22.85
CA LEU A 158 -12.09 -35.33 -22.86
C LEU A 158 -13.31 -36.15 -22.46
N GLU A 159 -14.05 -35.72 -21.41
CA GLU A 159 -15.28 -36.36 -20.91
C GLU A 159 -16.35 -36.47 -21.99
N THR A 160 -16.49 -35.41 -22.77
CA THR A 160 -17.41 -35.33 -23.90
C THR A 160 -17.12 -36.46 -24.91
N LEU A 161 -15.83 -36.69 -25.22
CA LEU A 161 -15.38 -37.71 -26.15
C LEU A 161 -15.55 -39.12 -25.59
N LEU A 162 -15.24 -39.31 -24.30
CA LEU A 162 -15.36 -40.63 -23.65
C LEU A 162 -16.80 -41.05 -23.44
N GLU A 163 -17.74 -40.06 -23.39
CA GLU A 163 -19.18 -40.20 -23.21
C GLU A 163 -19.95 -39.50 -24.36
N GLY A 187 -16.35 -47.97 -24.49
CA GLY A 187 -14.99 -47.83 -25.01
C GLY A 187 -13.93 -47.43 -24.00
N PRO A 188 -12.99 -46.50 -24.34
CA PRO A 188 -12.00 -46.07 -23.34
C PRO A 188 -12.63 -45.14 -22.30
N LYS A 189 -12.18 -45.25 -21.03
CA LYS A 189 -12.76 -44.55 -19.89
C LYS A 189 -11.74 -43.91 -18.97
N ALA A 190 -12.13 -42.79 -18.32
CA ALA A 190 -11.29 -42.11 -17.34
C ALA A 190 -11.68 -42.65 -15.97
N ASP A 191 -10.87 -43.58 -15.44
CA ASP A 191 -11.08 -44.23 -14.14
C ASP A 191 -11.26 -43.23 -12.99
N LYS A 192 -10.58 -42.07 -13.07
CA LYS A 192 -10.66 -40.99 -12.10
C LYS A 192 -10.11 -39.68 -12.66
N VAL A 193 -10.68 -38.57 -12.18
CA VAL A 193 -10.24 -37.22 -12.47
C VAL A 193 -9.74 -36.62 -11.15
N LEU A 194 -8.54 -36.05 -11.16
CA LEU A 194 -7.94 -35.42 -10.00
C LEU A 194 -7.62 -33.99 -10.34
N GLN A 195 -8.08 -33.05 -9.51
CA GLN A 195 -7.87 -31.62 -9.70
C GLN A 195 -6.95 -31.10 -8.60
N PHE A 196 -6.08 -30.13 -8.93
CA PHE A 196 -5.16 -29.53 -7.95
C PHE A 196 -5.23 -27.99 -8.02
N GLU A 197 -4.89 -27.32 -6.91
CA GLU A 197 -4.91 -25.87 -6.90
C GLU A 197 -3.72 -25.34 -7.66
N PRO A 198 -3.92 -24.47 -8.69
CA PRO A 198 -2.77 -23.89 -9.41
C PRO A 198 -1.86 -23.15 -8.41
N GLY A 199 -0.57 -23.41 -8.49
CA GLY A 199 0.41 -22.81 -7.58
C GLY A 199 0.92 -23.71 -6.48
N THR A 200 0.26 -24.86 -6.26
CA THR A 200 0.68 -25.85 -5.26
C THR A 200 2.00 -26.50 -5.68
N LYS A 201 2.97 -26.54 -4.76
CA LYS A 201 4.29 -27.11 -5.01
C LYS A 201 4.38 -28.58 -4.59
N ASN A 202 3.68 -28.98 -3.51
CA ASN A 202 3.68 -30.36 -3.05
C ASN A 202 2.43 -31.06 -3.51
N LEU A 203 2.59 -31.92 -4.52
CA LEU A 203 1.49 -32.68 -5.11
C LEU A 203 1.55 -34.17 -4.81
N THR A 204 2.26 -34.52 -3.70
CA THR A 204 2.49 -35.90 -3.29
C THR A 204 1.18 -36.52 -2.76
N ALA A 205 0.33 -35.75 -2.05
CA ALA A 205 -0.99 -36.24 -1.58
C ALA A 205 -1.91 -36.60 -2.78
N LEU A 206 -1.88 -35.74 -3.85
CA LEU A 206 -2.66 -35.93 -5.07
C LEU A 206 -2.17 -37.16 -5.84
N LEU A 207 -0.84 -37.28 -6.05
CA LEU A 207 -0.24 -38.37 -6.82
C LEU A 207 -0.25 -39.70 -6.09
N LEU A 208 -0.34 -39.68 -4.74
CA LEU A 208 -0.47 -40.92 -3.95
C LEU A 208 -1.81 -41.57 -4.22
N GLU A 209 -2.86 -40.75 -4.38
CA GLU A 209 -4.22 -41.17 -4.74
C GLU A 209 -4.22 -41.91 -6.08
N ALA A 210 -3.56 -41.32 -7.11
CA ALA A 210 -3.40 -41.86 -8.46
C ALA A 210 -2.59 -43.17 -8.49
N LYS A 211 -1.60 -43.29 -7.58
CA LYS A 211 -0.74 -44.47 -7.51
C LYS A 211 -1.52 -45.71 -7.03
N GLU A 212 -2.46 -45.51 -6.08
CA GLU A 212 -3.34 -46.55 -5.52
C GLU A 212 -4.22 -47.23 -6.60
N LEU A 213 -4.64 -46.46 -7.63
CA LEU A 213 -5.50 -46.91 -8.75
C LEU A 213 -4.83 -47.95 -9.67
N GLU A 214 -5.66 -48.80 -10.31
CA GLU A 214 -5.19 -49.83 -11.23
C GLU A 214 -4.60 -49.27 -12.52
N ALA A 215 -5.19 -48.16 -13.02
CA ALA A 215 -4.77 -47.43 -14.23
C ALA A 215 -3.37 -46.84 -14.08
N ARG A 216 -2.59 -46.97 -15.16
CA ARG A 216 -1.21 -46.53 -15.21
C ARG A 216 -0.94 -45.57 -16.40
N VAL A 217 -2.02 -45.06 -17.03
CA VAL A 217 -1.96 -44.04 -18.08
C VAL A 217 -2.43 -42.72 -17.44
N ILE A 218 -1.54 -41.74 -17.33
CA ILE A 218 -1.82 -40.48 -16.68
C ILE A 218 -1.77 -39.35 -17.69
N ILE A 219 -2.90 -38.66 -17.83
CA ILE A 219 -3.06 -37.52 -18.71
C ILE A 219 -2.97 -36.24 -17.84
N LEU A 220 -2.16 -35.27 -18.26
CA LEU A 220 -1.98 -34.03 -17.51
C LEU A 220 -2.42 -32.81 -18.30
N SER A 221 -3.08 -31.89 -17.60
CA SER A 221 -3.47 -30.58 -18.12
C SER A 221 -3.11 -29.55 -17.05
N ALA A 222 -2.01 -28.84 -17.28
CA ALA A 222 -1.43 -27.88 -16.36
C ALA A 222 -0.59 -26.86 -17.11
N SER A 223 -0.34 -25.71 -16.48
CA SER A 223 0.51 -24.74 -17.12
C SER A 223 1.96 -25.22 -16.94
N GLU A 224 2.89 -24.53 -17.61
CA GLU A 224 4.32 -24.78 -17.57
C GLU A 224 4.85 -24.94 -16.12
N ASP A 225 4.57 -23.98 -15.22
CA ASP A 225 5.06 -24.02 -13.83
C ASP A 225 4.37 -25.08 -12.96
N ASP A 226 3.07 -25.37 -13.22
CA ASP A 226 2.27 -26.37 -12.50
C ASP A 226 2.62 -27.80 -12.89
N ALA A 227 2.98 -28.02 -14.17
CA ALA A 227 3.43 -29.31 -14.70
C ALA A 227 4.74 -29.71 -14.04
N THR A 228 5.64 -28.72 -13.79
CA THR A 228 6.94 -28.89 -13.14
C THR A 228 6.76 -29.50 -11.75
N ALA A 229 5.81 -28.94 -10.97
CA ALA A 229 5.45 -29.43 -9.65
C ALA A 229 4.94 -30.89 -9.70
N VAL A 230 4.13 -31.23 -10.72
CA VAL A 230 3.60 -32.60 -10.92
C VAL A 230 4.77 -33.59 -11.15
N TYR A 231 5.63 -33.30 -12.15
CA TYR A 231 6.79 -34.11 -12.54
C TYR A 231 7.74 -34.39 -11.41
N LYS A 232 8.08 -33.33 -10.62
CA LYS A 232 8.96 -33.41 -9.44
C LYS A 232 8.34 -34.37 -8.41
N SER A 233 7.08 -34.13 -8.02
CA SER A 233 6.32 -35.00 -7.10
C SER A 233 6.17 -36.43 -7.63
N ALA A 234 5.83 -36.59 -8.90
CA ALA A 234 5.67 -37.90 -9.53
C ALA A 234 6.94 -38.72 -9.44
N ALA A 235 8.10 -38.09 -9.75
CA ALA A 235 9.42 -38.74 -9.75
C ALA A 235 9.81 -39.22 -8.35
N MET A 236 9.55 -38.38 -7.32
CA MET A 236 9.82 -38.73 -5.93
C MET A 236 8.98 -39.91 -5.46
N LEU A 237 7.75 -40.06 -5.98
CA LEU A 237 6.85 -41.16 -5.67
C LEU A 237 7.07 -42.32 -6.64
N ASP A 238 8.17 -42.27 -7.40
CA ASP A 238 8.62 -43.26 -8.38
C ASP A 238 7.45 -43.75 -9.27
N MET A 239 6.89 -42.80 -10.05
CA MET A 239 5.76 -42.96 -10.96
C MET A 239 6.14 -42.51 -12.39
N THR A 240 7.43 -42.24 -12.63
CA THR A 240 7.91 -41.74 -13.92
C THR A 240 8.70 -42.80 -14.71
N GLY A 241 8.63 -44.05 -14.23
CA GLY A 241 9.36 -45.19 -14.78
C GLY A 241 8.53 -46.23 -15.46
N ALA A 242 9.05 -47.45 -15.57
CA ALA A 242 8.37 -48.58 -16.21
C ALA A 242 7.01 -48.91 -15.60
N GLY A 243 6.03 -49.13 -16.48
CA GLY A 243 4.66 -49.44 -16.09
C GLY A 243 3.71 -48.28 -16.31
N TYR A 244 4.25 -47.03 -16.27
CA TYR A 244 3.48 -45.79 -16.45
C TYR A 244 3.62 -45.22 -17.84
N VAL A 245 2.54 -44.54 -18.28
CA VAL A 245 2.45 -43.77 -19.52
C VAL A 245 2.06 -42.35 -19.11
N TRP A 246 2.75 -41.31 -19.65
CA TRP A 246 2.44 -39.90 -19.42
C TRP A 246 2.07 -39.25 -20.76
N LEU A 247 0.79 -38.85 -20.88
CA LEU A 247 0.21 -38.26 -22.06
C LEU A 247 -0.20 -36.86 -21.67
N VAL A 248 0.44 -35.88 -22.30
CA VAL A 248 0.42 -34.46 -21.95
C VAL A 248 0.17 -33.60 -23.22
N GLY A 249 0.08 -32.28 -23.06
CA GLY A 249 -0.15 -31.35 -24.17
C GLY A 249 1.09 -30.55 -24.52
N GLU A 250 0.93 -29.30 -24.99
CA GLU A 250 2.06 -28.46 -25.39
C GLU A 250 2.71 -27.68 -24.26
N ARG A 251 1.86 -27.05 -23.43
CA ARG A 251 2.25 -26.24 -22.29
C ARG A 251 3.15 -27.01 -21.32
N GLU A 252 2.86 -28.31 -21.13
CA GLU A 252 3.53 -29.25 -20.21
C GLU A 252 4.85 -29.83 -20.75
N ILE A 253 5.29 -29.40 -21.93
CA ILE A 253 6.58 -29.80 -22.56
C ILE A 253 7.27 -28.55 -23.09
N SER A 254 7.02 -27.40 -22.45
CA SER A 254 7.60 -26.11 -22.81
C SER A 254 8.31 -25.48 -21.63
N GLY A 255 9.28 -24.61 -21.92
CA GLY A 255 10.06 -23.91 -20.90
C GLY A 255 10.56 -24.80 -19.79
N SER A 256 10.23 -24.43 -18.54
CA SER A 256 10.67 -25.17 -17.37
C SER A 256 10.08 -26.58 -17.28
N ALA A 257 8.83 -26.78 -17.79
CA ALA A 257 8.15 -28.09 -17.75
C ALA A 257 9.02 -29.19 -18.36
N LEU A 258 9.84 -28.83 -19.32
CA LEU A 258 10.76 -29.73 -19.98
C LEU A 258 12.01 -30.07 -19.12
N ARG A 259 12.49 -29.12 -18.28
CA ARG A 259 13.67 -29.34 -17.41
C ARG A 259 13.49 -30.51 -16.47
N TYR A 260 12.26 -30.69 -15.94
CA TYR A 260 11.96 -31.73 -14.96
C TYR A 260 11.05 -32.82 -15.50
N ALA A 261 10.68 -32.76 -16.79
CA ALA A 261 9.81 -33.74 -17.46
C ALA A 261 10.45 -35.12 -17.45
N PRO A 262 9.67 -36.20 -17.12
CA PRO A 262 10.24 -37.56 -17.13
C PRO A 262 10.58 -38.03 -18.55
N ASP A 263 11.62 -38.86 -18.71
CA ASP A 263 11.90 -39.43 -20.03
C ASP A 263 10.76 -40.39 -20.40
N GLY A 264 10.37 -40.41 -21.64
CA GLY A 264 9.33 -41.31 -22.10
C GLY A 264 8.00 -40.65 -22.33
N ILE A 265 7.82 -39.45 -21.76
CA ILE A 265 6.62 -38.64 -21.91
C ILE A 265 6.20 -38.43 -23.38
N ILE A 266 4.88 -38.34 -23.61
CA ILE A 266 4.28 -38.07 -24.91
C ILE A 266 3.56 -36.74 -24.74
N GLY A 267 3.94 -35.76 -25.54
CA GLY A 267 3.34 -34.43 -25.53
C GLY A 267 2.94 -34.05 -26.94
N LEU A 268 2.44 -32.82 -27.15
CA LEU A 268 1.97 -32.36 -28.47
C LEU A 268 2.53 -31.02 -28.77
N GLN A 269 2.67 -30.68 -30.05
CA GLN A 269 3.08 -29.35 -30.49
C GLN A 269 2.21 -28.97 -31.70
N LEU A 270 1.43 -27.89 -31.60
CA LEU A 270 0.58 -27.46 -32.71
C LEU A 270 1.47 -26.97 -33.87
N ILE A 271 1.44 -27.71 -34.99
CA ILE A 271 2.25 -27.37 -36.19
C ILE A 271 1.79 -25.97 -36.65
N ASN A 272 2.76 -25.03 -36.78
CA ASN A 272 2.58 -23.60 -37.18
C ASN A 272 1.82 -22.73 -36.17
N GLY A 273 1.63 -23.25 -34.95
CA GLY A 273 0.90 -22.60 -33.88
C GLY A 273 1.42 -21.24 -33.52
N LYS A 274 2.71 -21.07 -33.67
CA LYS A 274 3.39 -19.82 -33.35
C LYS A 274 3.79 -19.00 -34.59
N ASN A 275 3.49 -19.49 -35.81
CA ASN A 275 3.80 -18.80 -37.06
C ASN A 275 2.75 -17.77 -37.38
N GLU A 276 2.93 -16.54 -36.86
CA GLU A 276 2.01 -15.41 -37.08
C GLU A 276 1.86 -15.12 -38.58
N SER A 277 2.98 -15.24 -39.35
CA SER A 277 2.98 -15.02 -40.79
C SER A 277 2.03 -15.99 -41.51
N ALA A 278 2.03 -17.28 -41.15
CA ALA A 278 1.16 -18.29 -41.76
C ALA A 278 -0.29 -18.03 -41.40
N HIS A 279 -0.55 -17.65 -40.13
CA HIS A 279 -1.92 -17.41 -39.68
C HIS A 279 -2.53 -16.14 -40.26
N ILE A 280 -1.72 -15.09 -40.56
CA ILE A 280 -2.18 -13.85 -41.20
C ILE A 280 -2.65 -14.26 -42.60
N SER A 281 -1.79 -15.02 -43.30
CA SER A 281 -2.02 -15.50 -44.64
C SER A 281 -3.36 -16.24 -44.74
N ASP A 282 -3.59 -17.21 -43.86
CA ASP A 282 -4.81 -18.01 -43.81
C ASP A 282 -6.03 -17.24 -43.37
N ALA A 283 -5.94 -16.44 -42.27
CA ALA A 283 -7.06 -15.60 -41.81
C ALA A 283 -7.52 -14.59 -42.88
N VAL A 284 -6.58 -13.95 -43.60
CA VAL A 284 -6.90 -13.00 -44.66
C VAL A 284 -7.67 -13.70 -45.79
N ALA A 285 -7.19 -14.86 -46.22
CA ALA A 285 -7.86 -15.67 -47.26
C ALA A 285 -9.30 -16.05 -46.85
N VAL A 286 -9.52 -16.40 -45.57
CA VAL A 286 -10.85 -16.77 -45.04
C VAL A 286 -11.79 -15.56 -45.03
N VAL A 287 -11.30 -14.44 -44.49
CA VAL A 287 -12.04 -13.18 -44.37
C VAL A 287 -12.38 -12.62 -45.77
N ALA A 288 -11.41 -12.68 -46.71
CA ALA A 288 -11.58 -12.19 -48.07
C ALA A 288 -12.72 -12.92 -48.77
N GLN A 289 -12.76 -14.23 -48.63
CA GLN A 289 -13.77 -15.11 -49.17
C GLN A 289 -15.14 -14.82 -48.55
N ALA A 290 -15.20 -14.67 -47.21
CA ALA A 290 -16.41 -14.37 -46.45
C ALA A 290 -16.99 -12.99 -46.81
N ILE A 291 -16.12 -11.97 -47.05
CA ILE A 291 -16.58 -10.62 -47.40
C ILE A 291 -17.34 -10.69 -48.72
N HIS A 292 -16.74 -11.38 -49.72
CA HIS A 292 -17.31 -11.56 -51.04
C HIS A 292 -18.60 -12.35 -51.02
N GLU A 293 -18.70 -13.35 -50.13
CA GLU A 293 -19.90 -14.17 -49.94
C GLU A 293 -21.00 -13.29 -49.30
N LEU A 294 -20.61 -12.41 -48.33
CA LEU A 294 -21.51 -11.47 -47.66
C LEU A 294 -22.14 -10.52 -48.67
N PHE A 295 -21.35 -9.97 -49.61
CA PHE A 295 -21.87 -9.01 -50.58
C PHE A 295 -22.70 -9.65 -51.71
N GLU A 296 -22.88 -10.99 -51.67
CA GLU A 296 -23.76 -11.71 -52.60
C GLU A 296 -25.21 -11.54 -52.05
N MET A 297 -25.33 -11.17 -50.76
CA MET A 297 -26.59 -10.96 -50.06
C MET A 297 -27.04 -9.52 -50.11
N GLU A 298 -28.26 -9.28 -49.60
CA GLU A 298 -28.84 -7.95 -49.62
C GLU A 298 -28.90 -7.27 -48.25
N ASN A 299 -29.10 -5.95 -48.30
CA ASN A 299 -29.24 -5.04 -47.18
C ASN A 299 -28.02 -5.08 -46.22
N ILE A 300 -26.79 -5.14 -46.80
CA ILE A 300 -25.51 -5.14 -46.08
C ILE A 300 -25.20 -3.71 -45.70
N THR A 301 -25.22 -3.45 -44.40
CA THR A 301 -24.93 -2.12 -43.83
C THR A 301 -23.44 -2.01 -43.51
N ASP A 302 -22.91 -0.78 -43.46
CA ASP A 302 -21.50 -0.53 -43.11
C ASP A 302 -21.32 -0.52 -41.60
N PRO A 303 -20.12 -0.89 -41.08
CA PRO A 303 -19.90 -0.80 -39.64
C PRO A 303 -19.87 0.67 -39.17
N PRO A 304 -19.96 0.96 -37.86
CA PRO A 304 -19.88 2.37 -37.44
C PRO A 304 -18.54 2.99 -37.79
N ARG A 305 -18.49 4.32 -38.03
CA ARG A 305 -17.26 5.04 -38.34
C ARG A 305 -16.86 5.62 -37.01
N GLY A 306 -15.96 4.95 -36.31
CA GLY A 306 -15.50 5.36 -34.99
C GLY A 306 -16.40 4.96 -33.84
N CYS A 307 -15.92 5.16 -32.61
CA CYS A 307 -16.67 4.82 -31.41
C CYS A 307 -17.52 5.97 -30.90
N VAL A 308 -16.95 7.20 -30.83
CA VAL A 308 -17.61 8.42 -30.31
C VAL A 308 -19.03 8.61 -30.83
N GLY A 309 -20.00 8.62 -29.91
CA GLY A 309 -21.42 8.80 -30.19
C GLY A 309 -22.20 7.60 -30.74
N ASN A 310 -21.50 6.50 -31.03
CA ASN A 310 -22.10 5.29 -31.56
C ASN A 310 -22.23 4.21 -30.50
N THR A 311 -23.46 3.91 -30.10
CA THR A 311 -23.70 2.91 -29.08
C THR A 311 -24.55 1.76 -29.61
N ASN A 312 -24.97 1.82 -30.87
CA ASN A 312 -25.72 0.71 -31.46
C ASN A 312 -24.73 -0.26 -32.05
N ILE A 313 -25.15 -1.54 -32.17
CA ILE A 313 -24.34 -2.57 -32.79
C ILE A 313 -24.33 -2.34 -34.31
N TRP A 314 -23.43 -3.06 -35.01
CA TRP A 314 -23.38 -3.12 -36.46
C TRP A 314 -24.47 -4.15 -36.83
N LYS A 315 -25.61 -3.70 -37.43
CA LYS A 315 -26.73 -4.59 -37.79
C LYS A 315 -26.30 -5.83 -38.63
N THR A 316 -25.26 -5.71 -39.47
CA THR A 316 -24.77 -6.82 -40.31
C THR A 316 -23.73 -7.70 -39.58
N GLY A 317 -23.25 -7.24 -38.43
CA GLY A 317 -22.28 -7.96 -37.61
C GLY A 317 -22.67 -9.40 -37.38
N PRO A 318 -23.89 -9.70 -36.85
CA PRO A 318 -24.27 -11.11 -36.64
C PRO A 318 -24.36 -11.96 -37.93
N LEU A 319 -24.80 -11.38 -39.06
CA LEU A 319 -24.84 -12.08 -40.34
C LEU A 319 -23.42 -12.38 -40.81
N PHE A 320 -22.52 -11.37 -40.73
CA PHE A 320 -21.11 -11.54 -41.08
C PHE A 320 -20.45 -12.66 -40.26
N LYS A 321 -20.78 -12.75 -38.93
CA LYS A 321 -20.30 -13.82 -38.04
C LYS A 321 -20.71 -15.20 -38.60
N ARG A 322 -22.03 -15.38 -38.92
CA ARG A 322 -22.58 -16.61 -39.47
C ARG A 322 -21.84 -17.04 -40.76
N VAL A 323 -21.57 -16.08 -41.67
CA VAL A 323 -20.84 -16.31 -42.93
C VAL A 323 -19.42 -16.81 -42.63
N LEU A 324 -18.72 -16.17 -41.66
CA LEU A 324 -17.37 -16.56 -41.25
C LEU A 324 -17.36 -17.93 -40.60
N MET A 325 -18.24 -18.17 -39.61
CA MET A 325 -18.41 -19.43 -38.89
C MET A 325 -18.54 -20.62 -39.80
N SER A 326 -19.12 -20.44 -40.98
CA SER A 326 -19.40 -21.52 -41.95
C SER A 326 -18.49 -21.49 -43.19
N SER A 327 -17.38 -20.74 -43.10
CA SER A 327 -16.40 -20.65 -44.18
C SER A 327 -15.47 -21.83 -44.14
N LYS A 328 -15.17 -22.39 -45.32
CA LYS A 328 -14.24 -23.50 -45.49
C LYS A 328 -13.16 -23.00 -46.45
N TYR A 329 -11.91 -23.19 -46.07
CA TYR A 329 -10.75 -22.87 -46.87
C TYR A 329 -9.87 -24.12 -46.83
N PRO A 330 -9.90 -24.98 -47.87
CA PRO A 330 -9.15 -26.25 -47.76
C PRO A 330 -7.67 -26.16 -47.99
N ASP A 331 -7.21 -25.21 -48.84
CA ASP A 331 -5.81 -25.07 -49.20
C ASP A 331 -5.07 -23.98 -48.38
N GLY A 332 -5.26 -24.03 -47.07
CA GLY A 332 -4.58 -23.10 -46.18
C GLY A 332 -3.16 -23.55 -45.93
N VAL A 333 -2.30 -22.61 -45.58
CA VAL A 333 -0.90 -22.86 -45.22
C VAL A 333 -0.82 -23.71 -43.93
N THR A 334 -1.78 -23.54 -43.02
CA THR A 334 -1.83 -24.25 -41.76
C THR A 334 -2.78 -25.44 -41.83
N GLY A 335 -3.18 -25.79 -43.04
CA GLY A 335 -4.08 -26.90 -43.30
C GLY A 335 -5.47 -26.50 -43.76
N ARG A 336 -6.44 -27.37 -43.44
CA ARG A 336 -7.86 -27.24 -43.76
C ARG A 336 -8.53 -26.32 -42.72
N ILE A 337 -8.98 -25.12 -43.13
CA ILE A 337 -9.62 -24.18 -42.24
C ILE A 337 -11.11 -24.35 -42.26
N GLU A 338 -11.67 -24.65 -41.11
CA GLU A 338 -13.11 -24.74 -40.81
C GLU A 338 -13.17 -24.40 -39.34
N PHE A 339 -14.34 -23.88 -38.89
CA PHE A 339 -14.58 -23.49 -37.49
C PHE A 339 -15.68 -24.31 -36.89
N ASN A 340 -15.64 -24.54 -35.57
CA ASN A 340 -16.69 -25.29 -34.90
C ASN A 340 -17.81 -24.36 -34.36
N GLU A 341 -18.67 -24.89 -33.47
CA GLU A 341 -19.85 -24.22 -32.92
C GLU A 341 -19.48 -23.00 -32.04
N ASP A 342 -18.21 -22.93 -31.61
CA ASP A 342 -17.65 -21.86 -30.80
C ASP A 342 -16.67 -21.04 -31.65
N GLY A 343 -16.63 -21.32 -32.97
CA GLY A 343 -15.72 -20.66 -33.89
C GLY A 343 -14.26 -20.95 -33.62
N ASP A 344 -13.95 -22.13 -33.03
CA ASP A 344 -12.59 -22.60 -32.79
C ASP A 344 -12.18 -23.41 -34.00
N ARG A 345 -10.89 -23.27 -34.40
CA ARG A 345 -10.32 -24.00 -35.52
C ARG A 345 -10.56 -25.50 -35.39
N LYS A 346 -11.00 -26.11 -36.49
CA LYS A 346 -11.21 -27.55 -36.69
C LYS A 346 -10.10 -28.00 -37.64
N PHE A 347 -9.71 -29.28 -37.57
CA PHE A 347 -8.70 -29.90 -38.45
C PHE A 347 -7.30 -29.36 -38.27
N ALA A 348 -6.96 -29.01 -37.00
CA ALA A 348 -5.64 -28.52 -36.65
C ALA A 348 -4.67 -29.71 -36.67
N GLN A 349 -3.38 -29.44 -36.94
CA GLN A 349 -2.38 -30.51 -36.99
C GLN A 349 -1.35 -30.37 -35.91
N TYR A 350 -1.01 -31.52 -35.30
CA TYR A 350 -0.08 -31.58 -34.17
C TYR A 350 1.07 -32.55 -34.42
N SER A 351 2.22 -32.25 -33.82
CA SER A 351 3.39 -33.11 -33.78
C SER A 351 3.25 -33.91 -32.49
N ILE A 352 3.35 -35.26 -32.58
CA ILE A 352 3.30 -36.13 -31.41
C ILE A 352 4.77 -36.26 -30.99
N MET A 353 5.09 -35.64 -29.84
CA MET A 353 6.46 -35.51 -29.37
C MET A 353 6.76 -36.51 -28.26
N ASN A 354 7.94 -37.10 -28.28
CA ASN A 354 8.32 -38.08 -27.29
C ASN A 354 9.71 -37.72 -26.72
N LEU A 355 9.82 -37.62 -25.38
CA LEU A 355 11.10 -37.28 -24.74
C LEU A 355 12.00 -38.52 -24.60
N GLN A 356 13.01 -38.61 -25.48
CA GLN A 356 13.94 -39.75 -25.47
C GLN A 356 15.33 -39.23 -25.18
N ASN A 357 15.98 -39.79 -24.13
CA ASN A 357 17.31 -39.38 -23.66
C ASN A 357 17.38 -37.82 -23.57
N ARG A 358 16.39 -37.23 -22.88
CA ARG A 358 16.19 -35.81 -22.63
C ARG A 358 16.10 -34.95 -23.91
N LYS A 359 15.71 -35.57 -25.06
CA LYS A 359 15.48 -34.85 -26.33
C LYS A 359 14.03 -35.06 -26.84
N LEU A 360 13.33 -33.99 -27.27
CA LEU A 360 11.98 -34.12 -27.83
C LEU A 360 12.11 -34.62 -29.24
N VAL A 361 11.56 -35.78 -29.51
CA VAL A 361 11.65 -36.46 -30.80
C VAL A 361 10.28 -36.59 -31.37
N GLN A 362 10.06 -36.16 -32.60
CA GLN A 362 8.76 -36.34 -33.24
C GLN A 362 8.56 -37.83 -33.62
N VAL A 363 7.53 -38.46 -33.06
CA VAL A 363 7.18 -39.87 -33.28
C VAL A 363 5.98 -40.01 -34.24
N GLY A 364 5.26 -38.92 -34.46
CA GLY A 364 4.10 -38.95 -35.34
C GLY A 364 3.45 -37.60 -35.50
N ILE A 365 2.34 -37.58 -36.25
CA ILE A 365 1.54 -36.40 -36.50
C ILE A 365 0.05 -36.72 -36.38
N PHE A 366 -0.73 -35.76 -35.88
CA PHE A 366 -2.18 -35.86 -35.91
C PHE A 366 -2.52 -34.90 -37.04
N ASN A 367 -2.92 -35.46 -38.19
CA ASN A 367 -3.11 -34.72 -39.45
C ASN A 367 -4.39 -33.85 -39.55
N GLY A 368 -5.22 -33.87 -38.52
CA GLY A 368 -6.48 -33.12 -38.48
C GLY A 368 -7.63 -34.03 -38.12
N SER A 369 -7.49 -35.32 -38.46
CA SER A 369 -8.48 -36.37 -38.21
C SER A 369 -7.85 -37.73 -37.89
N TYR A 370 -6.60 -37.96 -38.32
CA TYR A 370 -5.93 -39.25 -38.21
C TYR A 370 -4.52 -39.16 -37.59
N ILE A 371 -4.10 -40.24 -36.91
CA ILE A 371 -2.74 -40.36 -36.36
C ILE A 371 -1.89 -41.09 -37.40
N ILE A 372 -0.73 -40.50 -37.72
CA ILE A 372 0.25 -41.08 -38.64
C ILE A 372 1.53 -41.25 -37.84
N GLN A 373 1.96 -42.46 -37.59
CA GLN A 373 3.20 -42.72 -36.86
C GLN A 373 4.33 -42.70 -37.86
N ASN A 374 5.49 -42.15 -37.50
CA ASN A 374 6.65 -42.16 -38.40
C ASN A 374 7.53 -43.33 -37.98
N ASP A 375 8.67 -43.52 -38.69
CA ASP A 375 9.63 -44.59 -38.48
C ASP A 375 10.46 -44.48 -37.18
N ARG A 376 10.36 -43.35 -36.43
CA ARG A 376 11.06 -43.17 -35.14
C ARG A 376 10.24 -43.88 -34.04
N LYS A 377 10.81 -44.92 -33.42
CA LYS A 377 10.19 -45.76 -32.39
C LYS A 377 9.91 -45.00 -31.08
N ILE A 378 8.74 -45.22 -30.46
CA ILE A 378 8.43 -44.61 -29.17
C ILE A 378 9.21 -45.33 -28.04
N ILE A 379 9.81 -44.56 -27.11
CA ILE A 379 10.45 -45.08 -25.91
C ILE A 379 9.54 -44.61 -24.76
N TRP A 380 8.95 -45.56 -24.05
CA TRP A 380 8.03 -45.29 -22.93
C TRP A 380 8.82 -45.06 -21.65
N PRO A 381 8.25 -44.48 -20.56
CA PRO A 381 9.03 -44.38 -19.30
C PRO A 381 9.69 -45.76 -18.96
N GLY A 382 11.05 -45.82 -19.08
CA GLY A 382 11.90 -47.02 -19.02
C GLY A 382 12.23 -47.55 -20.44
N GLY A 383 11.45 -48.56 -20.91
CA GLY A 383 11.56 -49.20 -22.23
C GLY A 383 10.28 -49.19 -23.08
N GLU A 384 9.55 -50.38 -23.22
CA GLU A 384 8.31 -50.54 -24.05
C GLU A 384 7.03 -51.21 -23.38
N THR A 385 6.66 -50.78 -22.12
CA THR A 385 5.48 -51.16 -21.27
C THR A 385 5.55 -52.60 -20.68
N PRO B 2 -9.29 18.17 8.22
CA PRO B 2 -9.18 16.75 7.81
C PRO B 2 -8.75 16.59 6.34
N PRO B 3 -8.01 15.51 5.99
CA PRO B 3 -7.60 15.32 4.59
C PRO B 3 -8.78 15.20 3.61
N SER B 4 -8.54 15.62 2.35
CA SER B 4 -9.55 15.63 1.31
C SER B 4 -9.31 14.59 0.21
N ILE B 5 -10.34 13.76 -0.06
CA ILE B 5 -10.34 12.75 -1.12
C ILE B 5 -11.20 13.24 -2.27
N GLY B 6 -10.65 13.19 -3.48
CA GLY B 6 -11.36 13.63 -4.66
C GLY B 6 -12.33 12.59 -5.16
N ILE B 7 -13.63 12.93 -5.21
CA ILE B 7 -14.69 12.04 -5.72
C ILE B 7 -15.34 12.66 -6.96
N ALA B 8 -15.34 11.93 -8.09
CA ALA B 8 -15.95 12.38 -9.33
C ALA B 8 -17.34 11.76 -9.47
N VAL B 9 -18.35 12.60 -9.69
CA VAL B 9 -19.71 12.15 -9.89
C VAL B 9 -20.00 12.39 -11.36
N ILE B 10 -20.05 11.30 -12.17
CA ILE B 10 -20.33 11.38 -13.60
C ILE B 10 -21.81 11.17 -13.90
N LEU B 11 -22.44 12.20 -14.44
CA LEU B 11 -23.85 12.18 -14.80
C LEU B 11 -24.05 12.21 -16.32
N VAL B 12 -24.64 11.13 -16.83
CA VAL B 12 -24.94 10.97 -18.24
C VAL B 12 -26.42 11.26 -18.40
N GLY B 13 -26.71 12.22 -19.26
CA GLY B 13 -28.06 12.62 -19.56
C GLY B 13 -28.57 13.69 -18.63
N THR B 14 -29.86 14.02 -18.81
CA THR B 14 -30.57 15.07 -18.06
C THR B 14 -30.78 14.68 -16.60
N SER B 15 -30.36 15.60 -15.69
CA SER B 15 -30.42 15.45 -14.24
C SER B 15 -30.35 16.82 -13.54
N ASP B 16 -31.01 16.91 -12.37
CA ASP B 16 -31.03 18.13 -11.55
C ASP B 16 -29.78 18.12 -10.67
N GLU B 17 -28.75 18.88 -11.07
CA GLU B 17 -27.49 18.97 -10.34
C GLU B 17 -27.69 19.68 -8.99
N VAL B 18 -28.64 20.65 -8.94
CA VAL B 18 -28.99 21.38 -7.72
C VAL B 18 -29.62 20.46 -6.66
N ALA B 19 -30.53 19.53 -7.09
CA ALA B 19 -31.17 18.57 -6.21
C ALA B 19 -30.16 17.55 -5.69
N ILE B 20 -29.22 17.10 -6.58
CA ILE B 20 -28.13 16.16 -6.30
C ILE B 20 -27.24 16.77 -5.20
N LYS B 21 -26.97 18.09 -5.30
CA LYS B 21 -26.23 18.83 -4.30
C LYS B 21 -27.17 19.11 -3.06
N ASP B 22 -27.48 18.03 -2.30
CA ASP B 22 -28.27 17.92 -1.07
C ASP B 22 -28.25 16.47 -0.57
N LEU B 32 -15.90 11.62 10.27
CA LEU B 32 -14.91 10.69 9.73
C LEU B 32 -13.48 11.25 9.70
N SER B 33 -12.48 10.36 9.48
CA SER B 33 -11.04 10.68 9.42
C SER B 33 -10.70 11.50 8.17
N VAL B 34 -11.49 11.31 7.10
CA VAL B 34 -11.29 11.93 5.78
C VAL B 34 -12.57 12.69 5.31
N VAL B 35 -12.41 13.71 4.45
CA VAL B 35 -13.53 14.53 3.96
C VAL B 35 -13.58 14.51 2.39
N PRO B 36 -14.80 14.45 1.76
CA PRO B 36 -14.85 14.39 0.29
C PRO B 36 -14.82 15.73 -0.45
N ARG B 37 -14.11 15.78 -1.58
CA ARG B 37 -14.07 16.94 -2.47
C ARG B 37 -14.75 16.49 -3.77
N VAL B 38 -16.07 16.57 -3.76
CA VAL B 38 -17.00 16.16 -4.83
C VAL B 38 -16.97 17.10 -6.03
N GLU B 39 -16.97 16.53 -7.24
CA GLU B 39 -16.97 17.28 -8.49
C GLU B 39 -18.01 16.63 -9.41
N LEU B 40 -19.12 17.33 -9.70
CA LEU B 40 -20.17 16.86 -10.61
C LEU B 40 -19.68 17.12 -12.01
N VAL B 41 -19.62 16.03 -12.79
CA VAL B 41 -19.12 16.01 -14.16
C VAL B 41 -20.26 15.55 -15.08
N ALA B 42 -20.50 16.32 -16.15
CA ALA B 42 -21.50 15.97 -17.16
C ALA B 42 -20.79 15.27 -18.32
N MET B 43 -21.44 14.24 -18.88
CA MET B 43 -20.92 13.44 -19.99
C MET B 43 -22.03 13.19 -20.99
N ASN B 44 -21.77 13.48 -22.28
CA ASN B 44 -22.79 13.32 -23.32
C ASN B 44 -22.84 11.97 -24.02
N GLU B 45 -21.70 11.31 -24.18
CA GLU B 45 -21.64 10.05 -24.94
C GLU B 45 -21.31 8.82 -24.08
N THR B 46 -21.90 7.63 -24.44
CA THR B 46 -21.70 6.38 -23.67
C THR B 46 -21.04 5.20 -24.44
N ASP B 47 -20.34 5.49 -25.55
CA ASP B 47 -19.55 4.52 -26.30
C ASP B 47 -18.21 4.18 -25.50
N PRO B 48 -17.45 3.08 -25.82
CA PRO B 48 -16.24 2.80 -25.04
C PRO B 48 -15.21 3.93 -24.98
N LYS B 49 -14.86 4.54 -26.14
CA LYS B 49 -13.86 5.62 -26.22
C LYS B 49 -14.20 6.81 -25.32
N SER B 50 -15.47 7.26 -25.37
CA SER B 50 -15.98 8.39 -24.61
C SER B 50 -15.88 8.17 -23.12
N ILE B 51 -16.31 7.00 -22.63
CA ILE B 51 -16.24 6.68 -21.22
C ILE B 51 -14.77 6.55 -20.77
N ILE B 52 -13.94 5.80 -21.53
CA ILE B 52 -12.52 5.59 -21.20
C ILE B 52 -11.84 6.93 -21.12
N THR B 53 -11.96 7.75 -22.19
CA THR B 53 -11.40 9.10 -22.31
C THR B 53 -11.85 10.02 -21.18
N ARG B 54 -13.16 10.07 -20.85
CA ARG B 54 -13.63 10.94 -19.77
C ARG B 54 -13.06 10.62 -18.42
N ILE B 55 -13.09 9.35 -18.01
CA ILE B 55 -12.58 8.91 -16.70
C ILE B 55 -11.07 9.09 -16.64
N CYS B 56 -10.35 8.82 -17.73
CA CYS B 56 -8.90 8.96 -17.77
C CYS B 56 -8.43 10.41 -17.73
N ASP B 57 -9.16 11.34 -18.39
CA ASP B 57 -8.86 12.78 -18.35
C ASP B 57 -9.08 13.29 -16.92
N LEU B 58 -10.20 12.92 -16.26
CA LEU B 58 -10.50 13.32 -14.88
C LEU B 58 -9.44 12.83 -13.91
N MET B 59 -8.90 11.62 -14.13
CA MET B 59 -7.89 10.98 -13.30
C MET B 59 -6.56 11.69 -13.33
N SER B 60 -6.24 12.38 -14.45
CA SER B 60 -4.97 13.11 -14.63
C SER B 60 -5.05 14.58 -14.17
N ASP B 61 -6.27 15.16 -14.14
CA ASP B 61 -6.52 16.55 -13.73
C ASP B 61 -6.63 16.69 -12.22
N ARG B 62 -7.30 15.73 -11.56
CA ARG B 62 -7.50 15.72 -10.11
C ARG B 62 -7.05 14.37 -9.54
N LYS B 63 -6.76 14.31 -8.23
CA LYS B 63 -6.40 13.05 -7.59
C LYS B 63 -7.76 12.43 -7.22
N ILE B 64 -8.31 11.61 -8.15
CA ILE B 64 -9.62 10.97 -8.02
C ILE B 64 -9.51 9.63 -7.28
N GLN B 65 -10.02 9.59 -6.04
CA GLN B 65 -10.06 8.42 -5.14
C GLN B 65 -11.13 7.39 -5.53
N GLY B 66 -12.19 7.85 -6.18
CA GLY B 66 -13.31 7.00 -6.58
C GLY B 66 -14.30 7.75 -7.46
N VAL B 67 -15.14 6.98 -8.20
CA VAL B 67 -16.12 7.47 -9.18
C VAL B 67 -17.54 7.04 -8.80
N VAL B 68 -18.49 7.97 -8.92
CA VAL B 68 -19.92 7.70 -8.71
C VAL B 68 -20.53 7.94 -10.08
N PHE B 69 -21.00 6.87 -10.72
CA PHE B 69 -21.52 6.92 -12.09
C PHE B 69 -23.04 6.70 -12.15
N ALA B 70 -23.74 7.60 -12.85
CA ALA B 70 -25.18 7.47 -13.04
C ALA B 70 -25.50 7.84 -14.47
N ASP B 71 -26.35 7.03 -15.14
CA ASP B 71 -26.77 7.33 -16.51
C ASP B 71 -28.28 7.15 -16.71
N ASP B 72 -28.83 7.73 -17.79
CA ASP B 72 -30.27 7.67 -18.12
C ASP B 72 -30.62 6.61 -19.20
N THR B 73 -29.64 5.81 -19.63
CA THR B 73 -29.82 4.82 -20.70
C THR B 73 -30.24 3.43 -20.24
N ASP B 74 -30.39 2.53 -21.23
CA ASP B 74 -30.75 1.13 -21.01
C ASP B 74 -29.58 0.32 -21.57
N GLN B 75 -28.37 0.87 -21.47
CA GLN B 75 -27.19 0.27 -22.01
C GLN B 75 -26.40 -0.45 -20.96
N GLU B 76 -26.72 -1.75 -20.75
CA GLU B 76 -26.02 -2.67 -19.83
C GLU B 76 -24.51 -2.80 -20.11
N ALA B 77 -24.04 -2.38 -21.32
CA ALA B 77 -22.62 -2.39 -21.75
C ALA B 77 -21.84 -1.38 -20.94
N ILE B 78 -22.51 -0.28 -20.49
CA ILE B 78 -21.85 0.73 -19.64
C ILE B 78 -21.22 0.06 -18.40
N ALA B 79 -21.93 -0.90 -17.74
CA ALA B 79 -21.45 -1.63 -16.56
C ALA B 79 -20.13 -2.30 -16.87
N GLN B 80 -20.09 -3.03 -18.01
CA GLN B 80 -18.94 -3.76 -18.51
C GLN B 80 -17.77 -2.84 -18.79
N ILE B 81 -17.98 -1.70 -19.51
CA ILE B 81 -16.96 -0.69 -19.79
C ILE B 81 -16.38 -0.20 -18.46
N LEU B 82 -17.25 0.16 -17.48
CA LEU B 82 -16.86 0.61 -16.13
C LEU B 82 -16.06 -0.43 -15.35
N ASP B 83 -16.47 -1.72 -15.40
CA ASP B 83 -15.75 -2.79 -14.70
C ASP B 83 -14.31 -2.86 -15.22
N PHE B 84 -14.15 -2.86 -16.55
CA PHE B 84 -12.86 -2.88 -17.23
C PHE B 84 -11.98 -1.70 -16.75
N ILE B 85 -12.52 -0.46 -16.80
CA ILE B 85 -11.81 0.73 -16.32
C ILE B 85 -11.39 0.53 -14.84
N SER B 86 -12.37 0.15 -13.98
CA SER B 86 -12.14 -0.09 -12.54
C SER B 86 -11.03 -1.10 -12.28
N ALA B 87 -11.05 -2.23 -12.99
CA ALA B 87 -10.06 -3.29 -12.87
C ALA B 87 -8.68 -2.83 -13.37
N GLN B 88 -8.59 -2.17 -14.55
CA GLN B 88 -7.30 -1.72 -15.09
C GLN B 88 -6.63 -0.63 -14.29
N THR B 89 -7.40 0.33 -13.77
CA THR B 89 -6.86 1.47 -13.05
C THR B 89 -6.84 1.28 -11.55
N LEU B 90 -7.53 0.27 -11.02
CA LEU B 90 -7.65 0.01 -9.57
C LEU B 90 -8.26 1.21 -8.86
N THR B 91 -9.41 1.64 -9.39
CA THR B 91 -10.19 2.77 -8.92
C THR B 91 -11.61 2.29 -8.58
N PRO B 92 -12.09 2.52 -7.34
CA PRO B 92 -13.50 2.22 -7.01
C PRO B 92 -14.44 3.01 -7.92
N ILE B 93 -15.42 2.31 -8.51
CA ILE B 93 -16.44 2.89 -9.38
C ILE B 93 -17.75 2.30 -8.91
N LEU B 94 -18.77 3.15 -8.70
CA LEU B 94 -20.12 2.72 -8.28
C LEU B 94 -21.15 3.04 -9.40
N GLY B 95 -21.81 1.99 -9.92
CA GLY B 95 -22.87 2.06 -10.91
C GLY B 95 -24.17 2.22 -10.13
N ILE B 96 -24.61 3.49 -9.97
CA ILE B 96 -25.75 3.80 -9.11
C ILE B 96 -27.09 3.93 -9.82
N HIS B 97 -27.11 4.06 -11.16
CA HIS B 97 -28.33 4.28 -11.93
C HIS B 97 -28.10 4.07 -13.42
N GLY B 98 -29.15 3.67 -14.13
CA GLY B 98 -29.14 3.44 -15.57
C GLY B 98 -28.50 2.13 -15.95
N GLY B 99 -27.84 2.14 -17.12
CA GLY B 99 -27.09 1.02 -17.69
C GLY B 99 -25.89 0.63 -16.84
N SER B 100 -25.36 1.61 -16.06
CA SER B 100 -24.23 1.41 -15.16
C SER B 100 -24.59 0.50 -13.98
N SER B 101 -25.89 0.44 -13.61
CA SER B 101 -26.36 -0.38 -12.50
C SER B 101 -26.98 -1.69 -13.00
N MET B 102 -27.03 -1.87 -14.35
CA MET B 102 -27.50 -3.10 -14.97
C MET B 102 -26.50 -4.23 -14.66
N ILE B 103 -26.98 -5.23 -13.97
CA ILE B 103 -26.21 -6.30 -13.38
C ILE B 103 -25.11 -6.90 -14.27
N MET B 104 -23.84 -6.83 -13.74
CA MET B 104 -22.66 -7.38 -14.42
C MET B 104 -22.21 -8.63 -13.70
N ALA B 105 -22.50 -9.78 -14.30
CA ALA B 105 -22.07 -11.06 -13.74
C ALA B 105 -20.61 -11.26 -14.10
N ASP B 106 -19.88 -11.92 -13.19
CA ASP B 106 -18.47 -12.26 -13.39
C ASP B 106 -17.61 -11.00 -13.77
N LYS B 107 -17.52 -10.10 -12.83
CA LYS B 107 -16.71 -8.90 -12.84
C LYS B 107 -15.25 -9.38 -12.65
N ASP B 108 -14.26 -8.61 -13.14
CA ASP B 108 -12.84 -8.97 -13.02
C ASP B 108 -12.41 -9.22 -11.59
N GLU B 109 -11.42 -10.10 -11.39
CA GLU B 109 -10.84 -10.39 -10.07
C GLU B 109 -10.36 -9.07 -9.43
N SER B 110 -9.67 -8.23 -10.24
CA SER B 110 -9.10 -6.94 -9.83
C SER B 110 -10.11 -5.78 -9.78
N SER B 111 -11.38 -6.06 -10.06
CA SER B 111 -12.44 -5.07 -10.07
C SER B 111 -12.68 -4.43 -8.71
N MET B 112 -13.03 -3.15 -8.74
CA MET B 112 -13.45 -2.34 -7.59
C MET B 112 -14.77 -1.66 -8.05
N PHE B 113 -15.51 -2.36 -8.95
CA PHE B 113 -16.79 -1.96 -9.51
C PHE B 113 -17.93 -2.59 -8.72
N PHE B 114 -18.83 -1.71 -8.21
CA PHE B 114 -19.99 -2.06 -7.37
C PHE B 114 -21.25 -1.41 -7.91
N GLN B 115 -22.40 -2.11 -7.85
CA GLN B 115 -23.67 -1.65 -8.43
C GLN B 115 -24.82 -1.57 -7.46
N PHE B 116 -25.70 -0.57 -7.67
CA PHE B 116 -26.91 -0.40 -6.88
C PHE B 116 -27.97 -1.22 -7.61
N GLY B 117 -28.20 -2.44 -7.13
CA GLY B 117 -29.16 -3.31 -7.76
C GLY B 117 -29.10 -4.70 -7.21
N PRO B 118 -30.10 -5.54 -7.52
CA PRO B 118 -30.06 -6.92 -6.99
C PRO B 118 -29.25 -7.87 -7.86
N SER B 119 -28.76 -8.96 -7.26
CA SER B 119 -28.06 -10.01 -7.97
C SER B 119 -29.05 -10.79 -8.83
N ILE B 120 -28.50 -11.51 -9.83
CA ILE B 120 -29.28 -12.38 -10.70
C ILE B 120 -29.98 -13.41 -9.82
N GLU B 121 -29.23 -14.00 -8.87
CA GLU B 121 -29.75 -15.02 -7.94
C GLU B 121 -30.92 -14.48 -7.04
N GLN B 122 -30.85 -13.21 -6.59
CA GLN B 122 -31.90 -12.62 -5.76
C GLN B 122 -33.15 -12.38 -6.57
N GLN B 123 -32.98 -11.90 -7.83
CA GLN B 123 -34.09 -11.64 -8.74
C GLN B 123 -34.78 -12.96 -9.09
N ALA B 124 -34.01 -14.01 -9.42
CA ALA B 124 -34.51 -15.35 -9.71
C ALA B 124 -35.33 -15.86 -8.51
N SER B 125 -34.87 -15.58 -7.28
CA SER B 125 -35.55 -15.93 -6.04
C SER B 125 -36.90 -15.20 -5.93
N VAL B 126 -36.91 -13.85 -6.14
CA VAL B 126 -38.10 -13.00 -6.11
C VAL B 126 -39.14 -13.51 -7.11
N MET B 127 -38.70 -13.87 -8.33
CA MET B 127 -39.56 -14.43 -9.39
C MET B 127 -40.34 -15.66 -8.91
N LEU B 128 -39.65 -16.60 -8.24
CA LEU B 128 -40.26 -17.82 -7.69
C LEU B 128 -41.19 -17.53 -6.52
N ASN B 129 -40.92 -16.44 -5.78
CA ASN B 129 -41.77 -15.99 -4.67
C ASN B 129 -43.11 -15.49 -5.21
N ILE B 130 -43.07 -14.78 -6.37
CA ILE B 130 -44.26 -14.29 -7.09
C ILE B 130 -45.11 -15.48 -7.52
N MET B 131 -44.48 -16.48 -8.15
CA MET B 131 -45.11 -17.71 -8.64
C MET B 131 -45.78 -18.50 -7.52
N GLU B 132 -45.08 -18.70 -6.39
CA GLU B 132 -45.62 -19.42 -5.24
C GLU B 132 -46.90 -18.73 -4.71
N GLU B 133 -46.96 -17.38 -4.74
CA GLU B 133 -48.11 -16.55 -4.28
C GLU B 133 -49.38 -16.85 -5.06
N TYR B 134 -49.26 -16.90 -6.40
CA TYR B 134 -50.36 -17.15 -7.33
C TYR B 134 -50.48 -18.62 -7.78
N ASP B 135 -49.66 -19.51 -7.15
CA ASP B 135 -49.59 -20.96 -7.39
C ASP B 135 -49.32 -21.28 -8.86
N TRP B 136 -48.27 -20.65 -9.39
CA TRP B 136 -47.79 -20.78 -10.76
C TRP B 136 -46.58 -21.71 -10.71
N TYR B 137 -46.84 -23.01 -10.60
CA TYR B 137 -45.80 -24.02 -10.41
C TYR B 137 -45.27 -24.62 -11.71
N ILE B 138 -46.01 -24.48 -12.81
CA ILE B 138 -45.60 -25.02 -14.11
C ILE B 138 -45.06 -23.89 -14.98
N PHE B 139 -43.78 -24.01 -15.36
CA PHE B 139 -43.07 -22.96 -16.11
C PHE B 139 -41.93 -23.47 -16.98
N SER B 140 -41.36 -22.55 -17.77
CA SER B 140 -40.20 -22.73 -18.65
C SER B 140 -39.29 -21.49 -18.55
N ILE B 141 -37.99 -21.68 -18.84
CA ILE B 141 -36.98 -20.62 -18.81
C ILE B 141 -36.46 -20.36 -20.24
N VAL B 142 -36.23 -19.08 -20.56
CA VAL B 142 -35.62 -18.66 -21.82
C VAL B 142 -34.53 -17.69 -21.45
N THR B 143 -33.31 -17.94 -21.93
CA THR B 143 -32.20 -17.02 -21.76
C THR B 143 -31.41 -16.93 -23.06
N THR B 144 -30.56 -15.90 -23.15
CA THR B 144 -29.60 -15.73 -24.24
C THR B 144 -28.25 -16.07 -23.57
N TYR B 145 -27.12 -15.76 -24.23
CA TYR B 145 -25.82 -16.01 -23.64
C TYR B 145 -25.34 -14.84 -22.79
N PHE B 146 -26.21 -13.84 -22.58
CA PHE B 146 -25.88 -12.67 -21.76
C PHE B 146 -25.38 -13.16 -20.41
N PRO B 147 -24.18 -12.70 -19.97
CA PRO B 147 -23.61 -13.19 -18.70
C PRO B 147 -24.55 -13.12 -17.51
N GLY B 148 -24.60 -14.24 -16.77
CA GLY B 148 -25.46 -14.40 -15.61
C GLY B 148 -26.55 -15.41 -15.87
N TYR B 149 -26.73 -15.79 -17.16
CA TYR B 149 -27.74 -16.75 -17.57
C TYR B 149 -27.59 -18.09 -16.86
N GLN B 150 -26.34 -18.54 -16.67
CA GLN B 150 -25.99 -19.77 -15.97
C GLN B 150 -26.35 -19.63 -14.51
N ASP B 151 -25.99 -18.48 -13.91
CA ASP B 151 -26.32 -18.14 -12.52
C ASP B 151 -27.85 -18.11 -12.28
N PHE B 152 -28.62 -17.58 -13.25
CA PHE B 152 -30.09 -17.51 -13.24
C PHE B 152 -30.69 -18.91 -13.25
N VAL B 153 -30.41 -19.70 -14.31
CA VAL B 153 -30.90 -21.09 -14.45
C VAL B 153 -30.52 -21.95 -13.21
N ASN B 154 -29.27 -21.85 -12.74
CA ASN B 154 -28.77 -22.58 -11.58
C ASN B 154 -29.50 -22.27 -10.26
N LYS B 155 -29.77 -20.96 -9.98
CA LYS B 155 -30.48 -20.55 -8.76
C LYS B 155 -31.89 -21.13 -8.79
N ILE B 156 -32.59 -21.02 -9.95
CA ILE B 156 -33.94 -21.55 -10.16
C ILE B 156 -33.91 -23.06 -9.86
N ARG B 157 -33.01 -23.80 -10.55
CA ARG B 157 -32.84 -25.24 -10.42
C ARG B 157 -32.59 -25.70 -8.99
N SER B 158 -31.60 -25.07 -8.30
CA SER B 158 -31.29 -25.43 -6.92
C SER B 158 -32.42 -25.13 -5.96
N THR B 159 -33.18 -24.01 -6.18
CA THR B 159 -34.33 -23.62 -5.34
C THR B 159 -35.42 -24.70 -5.44
N ILE B 160 -35.82 -24.99 -6.68
CA ILE B 160 -36.78 -25.97 -7.11
C ILE B 160 -36.38 -27.38 -6.63
N GLU B 161 -35.09 -27.77 -6.75
CA GLU B 161 -34.60 -29.08 -6.30
C GLU B 161 -34.80 -29.28 -4.79
N ASN B 162 -34.46 -28.26 -3.98
CA ASN B 162 -34.53 -28.29 -2.52
C ASN B 162 -35.86 -27.68 -1.95
N SER B 163 -37.02 -28.12 -2.50
CA SER B 163 -38.32 -27.58 -2.11
C SER B 163 -39.41 -28.65 -2.12
N PHE B 164 -40.30 -28.63 -1.09
CA PHE B 164 -41.42 -29.57 -1.02
C PHE B 164 -42.68 -29.00 -1.74
N VAL B 165 -42.42 -28.29 -2.83
CA VAL B 165 -43.42 -27.66 -3.68
C VAL B 165 -43.37 -28.34 -5.06
N GLY B 166 -44.55 -28.47 -5.67
CA GLY B 166 -44.85 -29.12 -6.93
C GLY B 166 -44.43 -28.40 -8.18
N TRP B 167 -43.19 -27.86 -8.16
CA TRP B 167 -42.58 -27.17 -9.27
C TRP B 167 -42.40 -28.10 -10.46
N GLU B 168 -42.56 -27.57 -11.68
CA GLU B 168 -42.39 -28.35 -12.91
C GLU B 168 -41.78 -27.48 -14.03
N LEU B 169 -40.45 -27.50 -14.10
CA LEU B 169 -39.68 -26.79 -15.14
C LEU B 169 -39.78 -27.65 -16.41
N GLU B 170 -40.60 -27.20 -17.38
CA GLU B 170 -40.88 -27.91 -18.63
C GLU B 170 -39.80 -27.79 -19.71
N GLU B 171 -39.21 -26.61 -19.88
CA GLU B 171 -38.17 -26.34 -20.88
C GLU B 171 -37.20 -25.26 -20.46
N VAL B 172 -35.95 -25.37 -20.91
CA VAL B 172 -34.91 -24.37 -20.73
C VAL B 172 -34.33 -24.11 -22.12
N LEU B 173 -34.59 -22.93 -22.67
CA LEU B 173 -34.06 -22.61 -23.99
C LEU B 173 -32.89 -21.61 -23.90
N LEU B 174 -31.86 -21.82 -24.74
CA LEU B 174 -30.69 -20.94 -24.82
C LEU B 174 -30.64 -20.40 -26.24
N LEU B 175 -30.88 -19.09 -26.41
CA LEU B 175 -30.92 -18.49 -27.75
C LEU B 175 -29.64 -17.74 -28.10
N ASP B 176 -29.08 -18.01 -29.29
CA ASP B 176 -27.82 -17.39 -29.74
C ASP B 176 -28.07 -16.09 -30.54
N MET B 177 -28.03 -14.97 -29.82
CA MET B 177 -28.25 -13.64 -30.36
C MET B 177 -27.04 -13.04 -31.07
N SER B 178 -25.93 -13.78 -31.13
CA SER B 178 -24.72 -13.33 -31.79
C SER B 178 -24.74 -13.57 -33.28
N LEU B 179 -25.71 -14.39 -33.77
CA LEU B 179 -25.93 -14.75 -35.18
C LEU B 179 -27.26 -14.18 -35.68
N ASP B 180 -27.43 -14.08 -37.02
CA ASP B 180 -28.67 -13.58 -37.63
C ASP B 180 -29.78 -14.61 -37.56
N ASP B 181 -31.04 -14.18 -37.71
CA ASP B 181 -32.14 -15.13 -37.71
C ASP B 181 -32.74 -15.26 -39.11
N GLY B 182 -31.90 -15.71 -40.04
CA GLY B 182 -32.28 -15.97 -41.42
C GLY B 182 -32.78 -17.39 -41.59
N ASP B 183 -32.34 -18.30 -40.69
CA ASP B 183 -32.70 -19.72 -40.62
C ASP B 183 -33.91 -19.92 -39.67
N SER B 184 -34.37 -18.82 -39.01
CA SER B 184 -35.47 -18.76 -38.04
C SER B 184 -35.28 -19.77 -36.88
N LYS B 185 -34.03 -19.88 -36.36
CA LYS B 185 -33.71 -20.81 -35.27
C LYS B 185 -34.46 -20.47 -34.00
N ILE B 186 -34.50 -19.16 -33.64
CA ILE B 186 -35.19 -18.66 -32.46
C ILE B 186 -36.68 -19.01 -32.52
N GLN B 187 -37.34 -18.75 -33.67
CA GLN B 187 -38.75 -19.09 -33.89
C GLN B 187 -38.98 -20.59 -33.70
N ASN B 188 -38.08 -21.42 -34.23
CA ASN B 188 -38.19 -22.87 -34.09
C ASN B 188 -37.94 -23.32 -32.65
N GLN B 189 -37.10 -22.57 -31.93
CA GLN B 189 -36.80 -22.85 -30.53
C GLN B 189 -38.00 -22.45 -29.66
N LEU B 190 -38.52 -21.23 -29.87
CA LEU B 190 -39.66 -20.67 -29.12
C LEU B 190 -40.93 -21.48 -29.32
N LYS B 191 -41.13 -22.07 -30.52
CA LYS B 191 -42.31 -22.90 -30.85
C LYS B 191 -42.47 -24.11 -29.92
N LYS B 192 -41.36 -24.56 -29.30
CA LYS B 192 -41.30 -25.69 -28.35
C LYS B 192 -41.98 -25.36 -26.99
N LEU B 193 -42.15 -24.04 -26.67
CA LEU B 193 -42.77 -23.61 -25.41
C LEU B 193 -44.27 -23.91 -25.31
N GLN B 194 -44.66 -24.60 -24.20
CA GLN B 194 -46.05 -24.98 -23.90
C GLN B 194 -46.54 -24.42 -22.55
N SER B 195 -45.61 -24.03 -21.65
CA SER B 195 -45.89 -23.55 -20.29
C SER B 195 -46.65 -22.25 -20.19
N PRO B 196 -47.56 -22.12 -19.19
CA PRO B 196 -48.31 -20.86 -19.04
C PRO B 196 -47.48 -19.68 -18.52
N ILE B 197 -46.29 -19.95 -17.94
CA ILE B 197 -45.35 -18.96 -17.38
C ILE B 197 -43.98 -19.14 -18.00
N ILE B 198 -43.41 -18.05 -18.52
CA ILE B 198 -42.08 -18.05 -19.09
C ILE B 198 -41.19 -17.02 -18.36
N LEU B 199 -40.05 -17.47 -17.83
CA LEU B 199 -39.04 -16.61 -17.19
C LEU B 199 -38.01 -16.29 -18.28
N LEU B 200 -37.82 -15.01 -18.56
CA LEU B 200 -36.89 -14.60 -19.61
C LEU B 200 -35.73 -13.84 -19.03
N TYR B 201 -34.49 -14.33 -19.28
CA TYR B 201 -33.25 -13.65 -18.87
C TYR B 201 -32.45 -13.27 -20.12
N CYS B 202 -32.30 -11.95 -20.38
CA CYS B 202 -31.56 -11.42 -21.54
C CYS B 202 -31.46 -9.89 -21.38
N THR B 203 -30.91 -9.17 -22.38
CA THR B 203 -30.86 -7.71 -22.37
C THR B 203 -32.23 -7.18 -22.85
N LYS B 204 -32.48 -5.87 -22.62
CA LYS B 204 -33.71 -5.20 -23.05
C LYS B 204 -33.78 -5.19 -24.60
N GLU B 205 -32.63 -4.95 -25.28
CA GLU B 205 -32.61 -4.95 -26.74
C GLU B 205 -32.89 -6.35 -27.29
N GLU B 206 -32.43 -7.40 -26.57
CA GLU B 206 -32.67 -8.80 -26.91
C GLU B 206 -34.13 -9.19 -26.71
N ALA B 207 -34.75 -8.74 -25.60
CA ALA B 207 -36.15 -9.02 -25.30
C ALA B 207 -37.10 -8.44 -26.34
N THR B 208 -36.78 -7.23 -26.92
CA THR B 208 -37.63 -6.61 -27.96
C THR B 208 -37.75 -7.58 -29.14
N TYR B 209 -36.61 -8.18 -29.55
CA TYR B 209 -36.57 -9.15 -30.65
C TYR B 209 -37.35 -10.43 -30.29
N ILE B 210 -37.02 -11.04 -29.13
CA ILE B 210 -37.61 -12.27 -28.61
C ILE B 210 -39.13 -12.16 -28.56
N PHE B 211 -39.66 -11.05 -28.03
CA PHE B 211 -41.11 -10.80 -27.95
C PHE B 211 -41.75 -10.67 -29.31
N GLU B 212 -41.08 -9.98 -30.27
CA GLU B 212 -41.57 -9.83 -31.65
C GLU B 212 -41.79 -11.22 -32.27
N VAL B 213 -40.82 -12.12 -32.10
CA VAL B 213 -40.85 -13.52 -32.57
C VAL B 213 -41.92 -14.34 -31.79
N ALA B 214 -41.88 -14.32 -30.44
CA ALA B 214 -42.83 -15.01 -29.56
C ALA B 214 -44.26 -14.61 -29.92
N ASN B 215 -44.49 -13.35 -30.36
CA ASN B 215 -45.82 -12.92 -30.78
C ASN B 215 -46.26 -13.61 -32.07
N SER B 216 -45.37 -13.68 -33.08
CA SER B 216 -45.56 -14.35 -34.36
C SER B 216 -45.96 -15.82 -34.17
N VAL B 217 -45.42 -16.48 -33.14
CA VAL B 217 -45.71 -17.87 -32.74
C VAL B 217 -46.94 -17.91 -31.77
N GLY B 218 -47.42 -16.74 -31.35
CA GLY B 218 -48.59 -16.57 -30.47
C GLY B 218 -48.41 -17.00 -29.03
N LEU B 219 -47.29 -16.60 -28.41
CA LEU B 219 -46.93 -16.95 -27.02
C LEU B 219 -46.93 -15.75 -26.11
N THR B 220 -47.50 -14.64 -26.56
CA THR B 220 -47.48 -13.41 -25.79
C THR B 220 -48.86 -12.99 -25.23
N GLY B 221 -49.93 -13.58 -25.77
CA GLY B 221 -51.32 -13.27 -25.40
C GLY B 221 -51.78 -13.64 -24.00
N TYR B 222 -53.07 -13.89 -23.85
CA TYR B 222 -53.61 -14.32 -22.55
C TYR B 222 -53.27 -15.83 -22.44
N GLY B 223 -53.04 -16.31 -21.23
CA GLY B 223 -52.66 -17.71 -21.06
C GLY B 223 -51.15 -17.93 -21.11
N TYR B 224 -50.41 -16.86 -21.45
CA TYR B 224 -48.96 -16.81 -21.47
C TYR B 224 -48.50 -15.61 -20.67
N THR B 225 -47.85 -15.85 -19.52
CA THR B 225 -47.31 -14.81 -18.64
C THR B 225 -45.79 -14.83 -18.68
N TRP B 226 -45.17 -13.67 -19.01
CA TRP B 226 -43.72 -13.52 -19.07
C TRP B 226 -43.22 -12.74 -17.87
N ILE B 227 -42.28 -13.34 -17.12
CA ILE B 227 -41.64 -12.71 -15.97
C ILE B 227 -40.19 -12.42 -16.36
N VAL B 228 -39.74 -11.20 -16.12
CA VAL B 228 -38.44 -10.71 -16.57
C VAL B 228 -37.62 -9.95 -15.47
N PRO B 229 -36.26 -9.88 -15.55
CA PRO B 229 -35.51 -9.14 -14.51
C PRO B 229 -35.41 -7.62 -14.78
N SER B 230 -34.90 -6.88 -13.79
CA SER B 230 -34.70 -5.44 -13.83
C SER B 230 -34.09 -4.90 -15.13
N LEU B 231 -33.02 -5.51 -15.65
CA LEU B 231 -32.38 -5.05 -16.87
C LEU B 231 -33.28 -5.09 -18.10
N VAL B 232 -34.29 -5.98 -18.14
CA VAL B 232 -35.22 -6.03 -19.29
C VAL B 232 -36.16 -4.82 -19.26
N ALA B 233 -36.78 -4.51 -18.13
CA ALA B 233 -37.66 -3.36 -18.01
C ALA B 233 -36.86 -2.06 -18.18
N GLY B 234 -35.65 -2.02 -17.60
CA GLY B 234 -34.74 -0.90 -17.64
C GLY B 234 -35.42 0.37 -17.19
N ASP B 235 -35.39 1.40 -18.03
CA ASP B 235 -36.03 2.68 -17.82
C ASP B 235 -37.50 2.43 -18.12
N THR B 236 -38.34 2.54 -17.06
CA THR B 236 -39.78 2.28 -17.11
C THR B 236 -40.51 3.29 -17.99
N ASP B 237 -39.87 4.42 -18.34
CA ASP B 237 -40.44 5.44 -19.23
C ASP B 237 -40.13 5.13 -20.72
N THR B 238 -39.37 4.05 -20.98
CA THR B 238 -39.03 3.62 -22.33
C THR B 238 -39.58 2.23 -22.48
N VAL B 239 -40.78 2.15 -23.04
CA VAL B 239 -41.47 0.89 -23.25
C VAL B 239 -41.42 0.51 -24.74
N PRO B 240 -40.58 -0.48 -25.11
CA PRO B 240 -40.54 -0.94 -26.52
C PRO B 240 -41.90 -1.49 -26.90
N ALA B 241 -42.41 -1.07 -28.07
CA ALA B 241 -43.71 -1.45 -28.61
C ALA B 241 -43.97 -2.95 -28.63
N GLU B 242 -42.90 -3.75 -28.83
CA GLU B 242 -42.97 -5.21 -28.91
C GLU B 242 -43.12 -5.88 -27.52
N PHE B 243 -42.98 -5.13 -26.42
CA PHE B 243 -43.17 -5.68 -25.06
C PHE B 243 -44.63 -6.06 -24.88
N PRO B 244 -44.96 -7.29 -24.45
CA PRO B 244 -46.38 -7.65 -24.33
C PRO B 244 -47.08 -7.03 -23.13
N THR B 245 -48.36 -6.75 -23.29
CA THR B 245 -49.20 -6.24 -22.20
C THR B 245 -49.33 -7.37 -21.16
N GLY B 246 -49.12 -7.05 -19.89
CA GLY B 246 -49.18 -8.03 -18.83
C GLY B 246 -47.83 -8.63 -18.52
N LEU B 247 -46.76 -7.95 -18.97
CA LEU B 247 -45.40 -8.36 -18.70
C LEU B 247 -45.09 -8.02 -17.24
N ILE B 248 -44.49 -8.97 -16.50
CA ILE B 248 -44.14 -8.75 -15.08
C ILE B 248 -42.62 -8.59 -14.97
N SER B 249 -42.17 -7.57 -14.25
CA SER B 249 -40.76 -7.36 -14.02
C SER B 249 -40.47 -7.02 -12.57
N VAL B 250 -39.25 -7.33 -12.14
CA VAL B 250 -38.72 -7.08 -10.80
C VAL B 250 -37.82 -5.83 -10.91
N SER B 251 -38.36 -4.61 -10.80
CA SER B 251 -37.52 -3.40 -10.92
C SER B 251 -36.90 -2.94 -9.62
N TYR B 252 -35.78 -2.25 -9.71
CA TYR B 252 -35.15 -1.66 -8.54
C TYR B 252 -35.83 -0.30 -8.42
N ASP B 253 -36.31 0.03 -7.18
CA ASP B 253 -37.06 1.22 -6.78
C ASP B 253 -36.49 2.58 -7.24
N GLU B 254 -36.72 2.95 -8.56
CA GLU B 254 -36.28 4.23 -9.16
C GLU B 254 -37.21 5.30 -8.57
N TRP B 255 -38.36 4.85 -8.02
CA TRP B 255 -39.42 5.67 -7.43
C TRP B 255 -38.99 6.35 -6.12
N ASP B 256 -38.87 5.58 -5.02
CA ASP B 256 -38.55 6.08 -3.67
C ASP B 256 -37.09 6.35 -3.41
N TYR B 257 -36.18 5.56 -4.04
CA TYR B 257 -34.74 5.73 -3.93
C TYR B 257 -34.27 6.52 -5.15
N GLY B 258 -34.54 7.82 -5.13
CA GLY B 258 -34.24 8.76 -6.19
C GLY B 258 -32.77 9.05 -6.33
N LEU B 259 -32.37 9.57 -7.48
CA LEU B 259 -30.99 9.85 -7.85
C LEU B 259 -30.20 10.72 -6.81
N PRO B 260 -30.69 11.88 -6.32
CA PRO B 260 -29.91 12.64 -5.32
C PRO B 260 -29.52 11.87 -4.04
N ALA B 261 -30.38 10.94 -3.60
CA ALA B 261 -30.14 10.05 -2.47
C ALA B 261 -29.01 9.05 -2.82
N ARG B 262 -29.07 8.44 -4.04
CA ARG B 262 -28.07 7.49 -4.53
C ARG B 262 -26.67 8.10 -4.61
N VAL B 263 -26.58 9.33 -5.17
CA VAL B 263 -25.30 10.04 -5.29
C VAL B 263 -24.73 10.29 -3.88
N ARG B 264 -25.59 10.76 -2.94
CA ARG B 264 -25.24 11.03 -1.53
C ARG B 264 -24.68 9.73 -0.91
N ASP B 265 -25.40 8.61 -1.09
CA ASP B 265 -25.00 7.30 -0.58
C ASP B 265 -23.67 6.82 -1.18
N GLY B 266 -23.51 7.03 -2.49
CA GLY B 266 -22.27 6.71 -3.20
C GLY B 266 -21.09 7.49 -2.68
N ILE B 267 -21.29 8.80 -2.38
CA ILE B 267 -20.24 9.65 -1.81
C ILE B 267 -19.89 9.16 -0.40
N ALA B 268 -20.91 8.78 0.39
CA ALA B 268 -20.74 8.24 1.74
C ALA B 268 -19.92 6.93 1.73
N ILE B 269 -20.17 6.00 0.77
CA ILE B 269 -19.46 4.71 0.65
C ILE B 269 -17.98 4.92 0.40
N ILE B 270 -17.62 5.77 -0.59
CA ILE B 270 -16.22 6.05 -0.93
C ILE B 270 -15.52 6.74 0.24
N THR B 271 -16.20 7.71 0.90
CA THR B 271 -15.61 8.46 2.02
C THR B 271 -15.42 7.59 3.25
N THR B 272 -16.47 6.89 3.70
CA THR B 272 -16.43 5.98 4.87
C THR B 272 -15.33 4.94 4.68
N ALA B 273 -15.26 4.30 3.47
CA ALA B 273 -14.26 3.28 3.15
C ALA B 273 -12.87 3.85 3.29
N ALA B 274 -12.64 5.05 2.73
CA ALA B 274 -11.36 5.75 2.81
C ALA B 274 -10.99 6.06 4.27
N SER B 275 -11.95 6.64 5.05
CA SER B 275 -11.79 6.96 6.47
C SER B 275 -11.36 5.70 7.25
N ASP B 276 -12.07 4.58 7.04
CA ASP B 276 -11.86 3.27 7.66
C ASP B 276 -10.48 2.69 7.35
N MET B 277 -10.00 2.76 6.08
CA MET B 277 -8.67 2.25 5.71
C MET B 277 -7.52 3.11 6.30
N LEU B 278 -7.71 4.44 6.34
CA LEU B 278 -6.77 5.41 6.88
C LEU B 278 -6.68 5.21 8.39
N SER B 279 -7.85 4.99 9.05
CA SER B 279 -7.95 4.74 10.49
C SER B 279 -7.26 3.44 10.95
N GLU B 280 -7.21 2.43 10.05
CA GLU B 280 -6.62 1.13 10.37
C GLU B 280 -5.20 0.92 9.86
N HIS B 281 -4.82 1.50 8.71
CA HIS B 281 -3.48 1.26 8.14
C HIS B 281 -2.58 2.51 8.01
N SER B 282 -3.10 3.71 8.40
CA SER B 282 -2.40 5.01 8.37
C SER B 282 -2.01 5.44 6.93
N PHE B 283 -2.83 4.99 5.96
CA PHE B 283 -2.73 5.26 4.53
C PHE B 283 -3.98 4.81 3.77
N ILE B 284 -4.16 5.36 2.57
CA ILE B 284 -5.19 5.03 1.58
C ILE B 284 -4.45 4.94 0.25
N PRO B 285 -4.92 4.19 -0.77
CA PRO B 285 -4.15 4.10 -2.01
C PRO B 285 -4.08 5.42 -2.79
N GLU B 286 -2.85 5.79 -3.20
CA GLU B 286 -2.59 6.99 -4.00
C GLU B 286 -3.26 6.85 -5.37
N PRO B 287 -4.22 7.76 -5.67
CA PRO B 287 -4.91 7.69 -6.96
C PRO B 287 -3.98 8.03 -8.11
N LYS B 288 -3.89 7.06 -9.02
CA LYS B 288 -3.19 7.00 -10.29
C LYS B 288 -3.53 8.22 -11.13
N SER B 289 -2.49 8.89 -11.62
CA SER B 289 -2.62 10.08 -12.45
C SER B 289 -2.65 9.68 -13.93
N SER B 290 -2.61 8.36 -14.22
CA SER B 290 -2.62 7.85 -15.60
C SER B 290 -3.21 6.46 -15.77
N CYS B 291 -3.82 6.25 -16.97
CA CYS B 291 -4.38 5.02 -17.51
C CYS B 291 -3.29 4.48 -18.39
N TYR B 292 -2.44 5.39 -18.86
CA TYR B 292 -1.33 5.18 -19.78
C TYR B 292 -0.03 4.67 -19.09
N ASN B 293 -0.04 4.52 -17.76
CA ASN B 293 1.10 4.00 -16.98
C ASN B 293 0.73 2.72 -16.18
N THR B 294 -0.57 2.27 -16.21
CA THR B 294 -1.12 1.11 -15.50
C THR B 294 -0.27 -0.16 -15.55
N HIS B 295 0.44 -0.40 -16.69
CA HIS B 295 1.31 -1.55 -16.93
C HIS B 295 2.57 -1.60 -16.04
N GLU B 296 3.29 -0.46 -15.92
CA GLU B 296 4.54 -0.29 -15.15
C GLU B 296 4.31 -0.04 -13.66
N LYS B 297 3.22 0.65 -13.32
CA LYS B 297 2.93 1.02 -11.95
C LYS B 297 1.91 0.11 -11.27
N ARG B 298 1.91 -1.23 -11.50
CA ARG B 298 0.86 -2.05 -10.87
C ARG B 298 1.34 -2.91 -9.69
N ILE B 299 2.66 -3.13 -9.55
CA ILE B 299 3.20 -3.80 -8.34
C ILE B 299 3.06 -2.87 -7.11
N TYR B 300 2.66 -1.61 -7.33
CA TYR B 300 2.48 -0.57 -6.33
C TYR B 300 1.02 -0.29 -6.05
N GLN B 301 0.11 -1.01 -6.73
CA GLN B 301 -1.33 -0.87 -6.60
C GLN B 301 -2.01 -2.16 -6.14
N SER B 302 -3.07 -2.00 -5.35
CA SER B 302 -3.84 -3.08 -4.71
C SER B 302 -5.36 -2.87 -4.86
N ASN B 303 -6.12 -3.91 -4.50
CA ASN B 303 -7.57 -3.93 -4.45
C ASN B 303 -8.01 -3.63 -3.00
N MET B 304 -7.05 -3.58 -2.04
CA MET B 304 -7.17 -3.38 -0.59
C MET B 304 -8.38 -2.55 -0.11
N LEU B 305 -8.73 -1.46 -0.80
CA LEU B 305 -9.88 -0.65 -0.41
C LEU B 305 -11.23 -1.39 -0.48
N ASN B 306 -11.30 -2.53 -1.20
CA ASN B 306 -12.52 -3.31 -1.38
C ASN B 306 -13.03 -3.90 -0.09
N ARG B 307 -12.15 -4.30 0.86
CA ARG B 307 -12.64 -4.85 2.14
C ARG B 307 -13.52 -3.86 2.87
N TYR B 308 -13.22 -2.58 2.68
CA TYR B 308 -13.92 -1.46 3.29
C TYR B 308 -15.13 -0.98 2.50
N LEU B 309 -15.02 -0.82 1.18
CA LEU B 309 -16.14 -0.37 0.32
C LEU B 309 -17.38 -1.27 0.39
N ILE B 310 -17.16 -2.53 0.70
CA ILE B 310 -18.12 -3.60 0.74
C ILE B 310 -18.90 -3.59 2.07
N ASN B 311 -18.40 -2.90 3.11
CA ASN B 311 -19.01 -2.88 4.45
C ASN B 311 -19.31 -1.45 5.02
N VAL B 312 -19.90 -0.54 4.22
CA VAL B 312 -20.21 0.83 4.67
C VAL B 312 -21.67 0.97 5.15
N THR B 313 -21.85 1.42 6.39
CA THR B 313 -23.17 1.70 6.96
C THR B 313 -23.23 3.21 7.21
N PHE B 314 -24.31 3.87 6.73
CA PHE B 314 -24.45 5.32 6.83
C PHE B 314 -25.90 5.75 7.14
N GLU B 315 -26.08 6.54 8.25
CA GLU B 315 -27.38 7.04 8.76
C GLU B 315 -28.32 5.88 9.10
N GLY B 316 -27.75 4.80 9.67
CA GLY B 316 -28.47 3.59 10.05
C GLY B 316 -29.01 2.80 8.88
N ARG B 317 -28.39 2.97 7.70
CA ARG B 317 -28.76 2.24 6.49
C ARG B 317 -27.55 1.39 6.07
N ASP B 318 -27.75 0.07 6.00
CA ASP B 318 -26.71 -0.89 5.62
C ASP B 318 -26.48 -0.83 4.10
N LEU B 319 -25.53 0.02 3.66
CA LEU B 319 -25.17 0.27 2.27
C LEU B 319 -24.19 -0.78 1.71
N SER B 320 -23.92 -1.84 2.48
CA SER B 320 -22.99 -2.90 2.12
C SER B 320 -23.31 -3.63 0.81
N PHE B 321 -22.25 -4.12 0.14
CA PHE B 321 -22.26 -4.87 -1.12
C PHE B 321 -21.77 -6.29 -0.89
N SER B 322 -22.07 -7.16 -1.86
CA SER B 322 -21.60 -8.54 -1.91
C SER B 322 -20.20 -8.51 -2.55
N GLU B 323 -19.41 -9.60 -2.35
CA GLU B 323 -18.08 -9.73 -2.94
C GLU B 323 -18.14 -9.68 -4.49
N ASP B 324 -19.34 -10.04 -5.06
CA ASP B 324 -19.67 -10.05 -6.49
C ASP B 324 -20.06 -8.67 -7.05
N GLY B 325 -20.12 -7.67 -6.18
CA GLY B 325 -20.36 -6.27 -6.52
C GLY B 325 -21.78 -5.80 -6.73
N TYR B 326 -22.74 -6.41 -6.04
CA TYR B 326 -24.16 -6.00 -6.09
C TYR B 326 -24.61 -5.62 -4.68
N GLN B 327 -25.69 -4.84 -4.56
CA GLN B 327 -26.24 -4.39 -3.27
C GLN B 327 -26.75 -5.56 -2.46
N MET B 328 -26.46 -5.54 -1.15
CA MET B 328 -26.85 -6.61 -0.24
C MET B 328 -28.34 -6.64 0.05
N HIS B 329 -28.90 -5.52 0.52
CA HIS B 329 -30.32 -5.50 0.84
C HIS B 329 -31.09 -4.44 0.08
N PRO B 330 -31.42 -4.66 -1.22
CA PRO B 330 -32.24 -3.66 -1.93
C PRO B 330 -33.74 -3.81 -1.66
N LYS B 331 -34.48 -2.70 -1.80
CA LYS B 331 -35.94 -2.65 -1.72
C LYS B 331 -36.39 -2.72 -3.20
N LEU B 332 -36.90 -3.88 -3.62
CA LEU B 332 -37.33 -4.12 -4.99
C LEU B 332 -38.81 -3.87 -5.17
N VAL B 333 -39.20 -3.52 -6.40
CA VAL B 333 -40.59 -3.20 -6.75
C VAL B 333 -41.03 -4.21 -7.81
N ILE B 334 -42.26 -4.73 -7.70
CA ILE B 334 -42.79 -5.64 -8.71
C ILE B 334 -43.67 -4.82 -9.61
N ILE B 335 -43.38 -4.82 -10.90
CA ILE B 335 -44.10 -3.98 -11.85
C ILE B 335 -44.78 -4.78 -12.92
N LEU B 336 -45.94 -4.27 -13.37
CA LEU B 336 -46.77 -4.85 -14.41
C LEU B 336 -47.02 -3.84 -15.53
N LEU B 337 -46.81 -4.25 -16.79
CA LEU B 337 -47.05 -3.42 -17.96
C LEU B 337 -48.55 -3.50 -18.23
N ASN B 338 -49.28 -2.37 -18.00
CA ASN B 338 -50.73 -2.36 -18.16
C ASN B 338 -51.20 -2.15 -19.62
N LYS B 339 -52.55 -2.13 -19.82
CA LYS B 339 -53.22 -1.97 -21.11
C LYS B 339 -52.95 -0.59 -21.75
N GLU B 340 -52.64 0.42 -20.91
CA GLU B 340 -52.31 1.78 -21.36
C GLU B 340 -50.80 1.89 -21.67
N ARG B 341 -50.10 0.75 -21.65
CA ARG B 341 -48.68 0.55 -21.95
C ARG B 341 -47.73 1.37 -21.02
N LYS B 342 -48.11 1.45 -19.73
CA LYS B 342 -47.35 2.09 -18.67
C LYS B 342 -47.06 1.06 -17.58
N TRP B 343 -45.88 1.14 -16.97
CA TRP B 343 -45.50 0.23 -15.91
C TRP B 343 -46.15 0.65 -14.62
N GLU B 344 -46.93 -0.27 -14.05
CA GLU B 344 -47.74 -0.12 -12.83
C GLU B 344 -47.08 -0.90 -11.67
N ARG B 345 -47.03 -0.30 -10.45
CA ARG B 345 -46.47 -0.96 -9.25
C ARG B 345 -47.51 -1.95 -8.72
N VAL B 346 -47.11 -3.21 -8.53
CA VAL B 346 -48.03 -4.27 -8.10
C VAL B 346 -47.50 -5.08 -6.90
N GLY B 347 -46.30 -4.75 -6.42
CA GLY B 347 -45.65 -5.43 -5.30
C GLY B 347 -44.39 -4.78 -4.78
N LYS B 348 -43.92 -5.26 -3.62
CA LYS B 348 -42.71 -4.80 -2.93
C LYS B 348 -41.96 -6.00 -2.39
N TRP B 349 -40.61 -5.97 -2.46
CA TRP B 349 -39.75 -7.02 -1.88
C TRP B 349 -38.89 -6.38 -0.80
N LYS B 350 -39.15 -6.73 0.47
CA LYS B 350 -38.47 -6.17 1.65
C LYS B 350 -37.28 -7.04 2.10
N ASP B 351 -37.18 -7.28 3.43
CA ASP B 351 -36.17 -8.12 4.06
C ASP B 351 -36.67 -9.56 3.92
N LYS B 352 -36.34 -10.11 2.75
CA LYS B 352 -36.69 -11.42 2.17
C LYS B 352 -38.23 -11.71 2.17
N SER B 353 -39.07 -10.64 2.25
CA SER B 353 -40.54 -10.73 2.28
C SER B 353 -41.21 -10.02 1.10
N LEU B 354 -42.14 -10.75 0.42
CA LEU B 354 -42.92 -10.28 -0.73
C LEU B 354 -44.31 -9.81 -0.31
N GLN B 355 -44.72 -8.63 -0.75
CA GLN B 355 -46.04 -8.13 -0.43
C GLN B 355 -46.65 -7.60 -1.71
N MET B 356 -47.66 -8.32 -2.21
CA MET B 356 -48.31 -7.97 -3.46
C MET B 356 -49.54 -7.15 -3.23
N LYS B 357 -49.96 -6.43 -4.27
CA LYS B 357 -51.15 -5.60 -4.24
C LYS B 357 -52.42 -6.48 -4.35
N TYR B 358 -52.41 -7.44 -5.29
CA TYR B 358 -53.53 -8.30 -5.64
C TYR B 358 -53.50 -9.71 -5.07
N TYR B 359 -54.69 -10.21 -4.69
CA TYR B 359 -54.76 -11.60 -4.28
C TYR B 359 -55.01 -12.43 -5.54
N VAL B 360 -55.95 -11.95 -6.35
CA VAL B 360 -56.31 -12.47 -7.68
C VAL B 360 -55.59 -11.58 -8.70
N TRP B 361 -54.67 -12.19 -9.43
CA TRP B 361 -53.89 -11.54 -10.49
C TRP B 361 -54.83 -11.03 -11.61
N PRO B 362 -54.83 -9.74 -11.97
CA PRO B 362 -55.81 -9.27 -12.97
C PRO B 362 -55.33 -9.27 -14.43
N ARG B 363 -56.30 -9.12 -15.37
CA ARG B 363 -56.12 -9.12 -16.83
C ARG B 363 -55.99 -7.69 -17.29
N ASP C 1 38.35 48.14 11.51
CA ASP C 1 37.83 47.00 10.74
C ASP C 1 37.49 45.80 11.67
N PRO C 2 36.19 45.47 11.84
CA PRO C 2 35.85 44.39 12.78
C PRO C 2 35.73 42.99 12.20
N LYS C 3 35.77 41.98 13.08
CA LYS C 3 35.55 40.58 12.73
C LYS C 3 34.04 40.39 12.68
N ILE C 4 33.52 39.97 11.53
CA ILE C 4 32.08 39.78 11.37
C ILE C 4 31.69 38.40 11.85
N VAL C 5 30.82 38.37 12.85
CA VAL C 5 30.27 37.20 13.54
C VAL C 5 28.80 37.01 13.18
N ASN C 6 28.48 35.95 12.44
CA ASN C 6 27.12 35.70 12.00
C ASN C 6 26.26 35.03 13.02
N ILE C 7 24.98 35.43 13.01
CA ILE C 7 23.92 34.86 13.83
C ILE C 7 22.85 34.41 12.84
N GLY C 8 22.38 33.17 13.01
CA GLY C 8 21.36 32.62 12.14
C GLY C 8 19.96 32.62 12.73
N ALA C 9 18.95 32.49 11.86
CA ALA C 9 17.55 32.42 12.27
C ALA C 9 16.69 31.71 11.26
N VAL C 10 15.76 30.89 11.76
CA VAL C 10 14.73 30.22 10.97
C VAL C 10 13.43 30.82 11.54
N LEU C 11 12.85 31.76 10.79
CA LEU C 11 11.67 32.52 11.24
C LEU C 11 10.41 32.30 10.37
N SER C 12 9.24 32.75 10.86
CA SER C 12 7.96 32.53 10.19
C SER C 12 7.75 33.21 8.84
N THR C 13 7.95 34.53 8.79
CA THR C 13 7.69 35.36 7.59
C THR C 13 8.86 36.27 7.25
N LYS C 14 8.77 36.93 6.07
CA LYS C 14 9.72 37.95 5.60
C LYS C 14 9.78 39.08 6.64
N LYS C 15 8.60 39.41 7.26
CA LYS C 15 8.43 40.46 8.29
C LYS C 15 9.24 40.16 9.54
N HIS C 16 9.31 38.86 9.93
CA HIS C 16 10.05 38.42 11.10
C HIS C 16 11.54 38.45 10.85
N GLU C 17 11.96 38.13 9.62
CA GLU C 17 13.37 38.23 9.21
C GLU C 17 13.87 39.69 9.31
N GLN C 18 12.96 40.68 9.04
CA GLN C 18 13.20 42.13 9.12
C GLN C 18 13.41 42.53 10.59
N ILE C 19 12.57 41.99 11.50
CA ILE C 19 12.64 42.21 12.95
C ILE C 19 13.96 41.58 13.50
N PHE C 20 14.43 40.47 12.91
CA PHE C 20 15.68 39.82 13.30
C PHE C 20 16.85 40.71 12.97
N ARG C 21 16.89 41.23 11.73
CA ARG C 21 17.92 42.15 11.20
C ARG C 21 18.04 43.41 12.10
N GLU C 22 16.86 43.97 12.54
CA GLU C 22 16.81 45.16 13.40
C GLU C 22 17.30 44.88 14.82
N ALA C 23 16.91 43.75 15.41
CA ALA C 23 17.38 43.37 16.74
C ALA C 23 18.92 43.20 16.74
N VAL C 24 19.47 42.61 15.65
CA VAL C 24 20.91 42.39 15.41
C VAL C 24 21.63 43.74 15.31
N ASN C 25 20.92 44.74 14.77
CA ASN C 25 21.44 46.09 14.64
C ASN C 25 21.46 46.80 16.02
N GLN C 26 20.37 46.69 16.82
CA GLN C 26 20.28 47.26 18.16
C GLN C 26 21.41 46.76 19.06
N ALA C 27 21.82 45.49 18.82
CA ALA C 27 22.91 44.80 19.50
C ALA C 27 24.24 45.48 19.24
N ASN C 28 24.53 45.85 17.96
CA ASN C 28 25.76 46.56 17.60
C ASN C 28 25.71 48.00 18.06
N LYS C 29 24.48 48.56 18.08
CA LYS C 29 24.18 49.93 18.49
C LYS C 29 24.47 50.16 19.97
N ARG C 30 24.43 49.09 20.78
CA ARG C 30 24.63 49.16 22.21
C ARG C 30 25.93 48.48 22.70
N HIS C 31 26.33 47.35 22.10
CA HIS C 31 27.48 46.56 22.51
C HIS C 31 28.86 47.08 22.14
N PHE C 32 28.94 48.08 21.23
CA PHE C 32 30.21 48.65 20.74
C PHE C 32 30.82 47.67 19.72
N THR C 33 30.83 48.12 18.47
CA THR C 33 31.36 47.45 17.28
C THR C 33 32.92 47.48 17.38
N ARG C 34 33.62 47.68 16.24
CA ARG C 34 35.09 47.79 16.07
C ARG C 34 35.85 46.66 16.74
N LYS C 35 36.37 45.73 15.90
CA LYS C 35 37.11 44.48 16.22
C LYS C 35 36.16 43.27 16.38
N ILE C 36 34.83 43.50 16.58
CA ILE C 36 33.76 42.48 16.67
C ILE C 36 32.40 43.05 16.24
N GLN C 37 31.68 42.39 15.29
CA GLN C 37 30.40 42.91 14.77
C GLN C 37 29.47 41.81 14.27
N LEU C 38 28.21 41.83 14.74
CA LEU C 38 27.22 40.82 14.36
C LEU C 38 26.64 41.03 12.98
N GLN C 39 26.23 39.92 12.34
CA GLN C 39 25.58 39.92 11.04
C GLN C 39 24.43 38.91 11.04
N ALA C 40 23.22 39.40 10.74
CA ALA C 40 22.01 38.61 10.69
C ALA C 40 21.96 37.83 9.37
N THR C 41 21.84 36.49 9.46
CA THR C 41 21.67 35.56 8.35
C THR C 41 20.37 34.86 8.70
N SER C 42 19.38 34.84 7.80
CA SER C 42 18.11 34.20 8.14
C SER C 42 17.39 33.66 6.93
N VAL C 43 16.43 32.77 7.20
CA VAL C 43 15.53 32.11 6.26
C VAL C 43 14.20 31.86 6.96
N THR C 44 13.18 31.54 6.15
CA THR C 44 11.86 31.12 6.63
C THR C 44 11.88 29.61 6.60
N HIS C 45 10.89 28.96 7.22
CA HIS C 45 10.73 27.52 7.26
C HIS C 45 10.53 26.92 5.87
N ARG C 46 11.11 25.72 5.64
CA ARG C 46 10.97 25.01 4.37
C ARG C 46 9.74 24.09 4.44
N PRO C 47 9.18 23.61 3.29
CA PRO C 47 7.93 22.83 3.36
C PRO C 47 7.98 21.53 4.15
N ASN C 48 9.15 20.87 4.20
CA ASN C 48 9.35 19.62 4.92
C ASN C 48 10.71 19.58 5.69
N ALA C 49 10.93 18.54 6.54
CA ALA C 49 12.11 18.36 7.38
C ALA C 49 13.43 18.17 6.64
N ILE C 50 13.44 17.34 5.56
CA ILE C 50 14.64 17.14 4.75
C ILE C 50 15.07 18.47 4.11
N GLN C 51 14.11 19.19 3.49
CA GLN C 51 14.35 20.50 2.89
C GLN C 51 14.88 21.50 3.94
N MET C 52 14.29 21.51 5.16
CA MET C 52 14.73 22.37 6.27
C MET C 52 16.17 22.09 6.70
N ALA C 53 16.53 20.80 6.87
CA ALA C 53 17.87 20.39 7.28
C ALA C 53 18.88 20.88 6.25
N LEU C 54 18.58 20.71 4.95
CA LEU C 54 19.43 21.14 3.84
C LEU C 54 19.59 22.66 3.81
N SER C 55 18.53 23.40 4.17
CA SER C 55 18.54 24.86 4.21
C SER C 55 19.49 25.32 5.31
N VAL C 56 19.47 24.66 6.47
CA VAL C 56 20.37 24.98 7.59
C VAL C 56 21.84 24.94 7.12
N CYS C 57 22.20 23.91 6.36
CA CYS C 57 23.53 23.73 5.78
C CYS C 57 23.89 24.80 4.75
N GLU C 58 23.05 24.91 3.71
CA GLU C 58 23.25 25.78 2.57
C GLU C 58 23.15 27.25 2.84
N ASP C 59 22.20 27.65 3.67
CA ASP C 59 21.92 29.04 3.93
C ASP C 59 22.52 29.59 5.20
N LEU C 60 22.65 28.77 6.26
CA LEU C 60 23.13 29.26 7.55
C LEU C 60 24.54 28.76 7.94
N ILE C 61 24.80 27.43 7.95
CA ILE C 61 26.11 26.90 8.30
C ILE C 61 27.16 27.35 7.25
N SER C 62 26.74 27.63 6.00
CA SER C 62 27.60 28.16 4.93
C SER C 62 28.14 29.56 5.29
N SER C 63 27.43 30.28 6.18
CA SER C 63 27.79 31.62 6.63
C SER C 63 28.51 31.63 8.01
N GLN C 64 28.90 30.44 8.51
CA GLN C 64 29.60 30.26 9.81
C GLN C 64 28.84 30.91 10.96
N VAL C 65 27.56 30.57 11.09
CA VAL C 65 26.69 31.09 12.16
C VAL C 65 27.19 30.56 13.49
N TYR C 66 27.16 31.40 14.53
CA TYR C 66 27.59 31.03 15.89
C TYR C 66 26.46 30.44 16.71
N ALA C 67 25.21 30.71 16.28
CA ALA C 67 23.95 30.25 16.90
C ALA C 67 22.78 30.40 15.91
N ILE C 68 21.70 29.65 16.12
CA ILE C 68 20.52 29.72 15.25
C ILE C 68 19.25 29.93 16.08
N LEU C 69 18.48 30.96 15.78
CA LEU C 69 17.20 31.27 16.43
C LEU C 69 16.12 30.49 15.66
N VAL C 70 15.11 29.94 16.34
CA VAL C 70 14.07 29.15 15.66
C VAL C 70 12.71 29.40 16.24
N SER C 71 11.76 29.78 15.41
CA SER C 71 10.37 29.96 15.83
C SER C 71 9.52 28.82 15.26
N HIS C 72 8.21 28.80 15.53
CA HIS C 72 7.26 27.85 14.98
C HIS C 72 6.60 28.57 13.78
N PRO C 73 6.43 27.89 12.61
CA PRO C 73 5.89 28.57 11.40
C PRO C 73 4.43 29.03 11.40
N LEU C 80 5.71 20.39 11.27
CA LEU C 80 6.89 21.20 10.97
C LEU C 80 7.45 21.86 12.27
N THR C 81 8.40 21.16 12.91
CA THR C 81 9.00 21.50 14.21
C THR C 81 10.47 21.97 14.11
N PRO C 82 11.07 22.44 15.25
CA PRO C 82 12.51 22.85 15.22
C PRO C 82 13.53 21.70 15.15
N THR C 83 13.07 20.43 15.27
CA THR C 83 13.93 19.23 15.28
C THR C 83 14.97 19.11 14.12
N PRO C 84 14.65 19.24 12.79
CA PRO C 84 15.72 19.12 11.78
C PRO C 84 16.80 20.18 11.92
N ILE C 85 16.44 21.35 12.49
CA ILE C 85 17.38 22.44 12.77
C ILE C 85 18.25 22.05 13.97
N SER C 86 17.61 21.55 15.05
CA SER C 86 18.30 21.12 16.25
C SER C 86 19.32 20.02 15.91
N TYR C 87 18.89 19.00 15.15
CA TYR C 87 19.72 17.90 14.70
C TYR C 87 20.92 18.37 13.85
N THR C 88 20.69 19.21 12.80
CA THR C 88 21.75 19.71 11.91
C THR C 88 22.77 20.57 12.67
N ALA C 89 22.29 21.53 13.48
CA ALA C 89 23.16 22.39 14.28
C ALA C 89 23.87 21.57 15.38
N GLY C 90 23.15 20.60 15.96
CA GLY C 90 23.63 19.69 17.00
C GLY C 90 24.79 18.85 16.53
N PHE C 91 24.79 18.46 15.25
CA PHE C 91 25.88 17.71 14.65
C PHE C 91 27.22 18.47 14.87
N TYR C 92 27.20 19.81 14.76
CA TYR C 92 28.36 20.67 14.89
C TYR C 92 28.50 21.32 16.22
N ARG C 93 27.50 21.17 17.10
CA ARG C 93 27.48 21.75 18.46
C ARG C 93 27.25 23.27 18.43
N ILE C 94 26.57 23.73 17.35
CA ILE C 94 26.14 25.11 17.16
C ILE C 94 24.84 25.25 18.02
N PRO C 95 24.81 26.16 19.02
CA PRO C 95 23.59 26.33 19.83
C PRO C 95 22.38 26.80 19.04
N VAL C 96 21.19 26.32 19.45
CA VAL C 96 19.90 26.67 18.88
C VAL C 96 19.09 27.32 19.98
N ILE C 97 18.44 28.46 19.65
CA ILE C 97 17.55 29.18 20.57
C ILE C 97 16.10 29.06 20.07
N GLY C 98 15.31 28.25 20.78
CA GLY C 98 13.90 28.04 20.51
C GLY C 98 13.13 29.26 20.98
N LEU C 99 12.38 29.87 20.07
CA LEU C 99 11.64 31.08 20.42
C LEU C 99 10.23 30.80 20.87
N THR C 100 9.58 29.72 20.38
CA THR C 100 8.15 29.52 20.71
C THR C 100 7.71 28.05 21.01
N THR C 101 8.58 27.06 20.82
CA THR C 101 8.24 25.66 21.11
C THR C 101 8.16 25.40 22.62
N ARG C 102 7.08 24.77 23.07
CA ARG C 102 6.86 24.50 24.48
C ARG C 102 6.88 23.02 24.81
N MET C 103 7.16 22.18 23.81
CA MET C 103 7.19 20.74 24.04
C MET C 103 8.43 20.39 24.86
N SER C 104 8.18 19.69 25.98
CA SER C 104 9.16 19.23 26.96
C SER C 104 10.26 18.35 26.38
N ILE C 105 10.02 17.68 25.25
CA ILE C 105 11.05 16.86 24.60
C ILE C 105 12.33 17.65 24.30
N TYR C 106 12.20 18.94 23.97
CA TYR C 106 13.33 19.81 23.68
C TYR C 106 14.20 20.10 24.91
N SER C 107 13.86 19.54 26.10
CA SER C 107 14.65 19.72 27.32
C SER C 107 15.58 18.51 27.53
N ASP C 108 15.46 17.50 26.64
CA ASP C 108 16.22 16.26 26.63
C ASP C 108 17.58 16.45 25.97
N LYS C 109 18.63 16.61 26.80
CA LYS C 109 20.04 16.86 26.46
C LYS C 109 20.61 15.84 25.52
N SER C 110 20.06 14.62 25.58
CA SER C 110 20.44 13.43 24.85
C SER C 110 20.10 13.55 23.37
N ILE C 111 18.93 14.11 23.05
CA ILE C 111 18.53 14.23 21.66
C ILE C 111 18.61 15.67 21.16
N HIS C 112 18.52 16.64 22.09
CA HIS C 112 18.66 18.07 21.81
C HIS C 112 19.74 18.61 22.73
N LEU C 113 21.04 18.42 22.33
CA LEU C 113 22.24 18.86 23.04
C LEU C 113 22.28 20.39 23.21
N SER C 114 22.90 21.10 22.23
CA SER C 114 23.02 22.56 22.26
C SER C 114 21.68 23.25 21.92
N PHE C 115 20.61 22.98 22.71
CA PHE C 115 19.29 23.59 22.55
C PHE C 115 18.85 24.36 23.81
N LEU C 116 18.67 25.68 23.66
CA LEU C 116 18.16 26.58 24.69
C LEU C 116 16.83 27.21 24.18
N ARG C 117 15.95 27.71 25.07
CA ARG C 117 14.72 28.38 24.61
C ARG C 117 14.25 29.49 25.54
N THR C 118 13.70 30.60 24.95
CA THR C 118 13.21 31.81 25.64
C THR C 118 11.77 31.65 26.18
N VAL C 119 11.14 30.50 25.91
CA VAL C 119 9.82 30.11 26.41
C VAL C 119 9.98 28.83 27.27
N PRO C 120 9.21 28.64 28.38
CA PRO C 120 9.39 27.42 29.18
C PRO C 120 8.62 26.23 28.61
N PRO C 121 8.95 24.97 28.91
CA PRO C 121 8.12 23.87 28.41
C PRO C 121 6.77 23.82 29.15
N TYR C 122 5.76 23.18 28.54
CA TYR C 122 4.46 23.04 29.18
C TYR C 122 4.56 22.47 30.61
N SER C 123 5.48 21.52 30.85
CA SER C 123 5.69 20.88 32.15
C SER C 123 5.95 21.86 33.28
N HIS C 124 6.50 23.04 32.95
CA HIS C 124 6.83 24.07 33.95
C HIS C 124 5.58 24.77 34.53
N GLN C 125 4.38 24.54 33.95
CA GLN C 125 3.08 25.04 34.43
C GLN C 125 2.80 24.43 35.81
N ALA C 126 3.41 23.26 36.14
CA ALA C 126 3.33 22.64 37.47
C ALA C 126 3.76 23.62 38.56
N LEU C 127 4.75 24.52 38.27
CA LEU C 127 5.24 25.59 39.18
C LEU C 127 4.11 26.55 39.56
N VAL C 128 3.20 26.81 38.63
CA VAL C 128 2.06 27.69 38.85
C VAL C 128 0.99 26.96 39.63
N TRP C 129 0.66 25.72 39.24
CA TRP C 129 -0.32 24.90 39.95
C TRP C 129 0.04 24.73 41.41
N PHE C 130 1.33 24.47 41.70
CA PHE C 130 1.85 24.30 43.04
C PHE C 130 1.66 25.55 43.89
N GLU C 131 1.94 26.74 43.32
CA GLU C 131 1.72 28.02 44.01
C GLU C 131 0.22 28.32 44.23
N MET C 132 -0.62 27.88 43.28
CA MET C 132 -2.07 27.99 43.32
C MET C 132 -2.62 27.09 44.43
N MET C 133 -2.03 25.89 44.59
CA MET C 133 -2.36 24.89 45.60
C MET C 133 -2.08 25.41 47.00
N ARG C 134 -0.91 26.07 47.18
CA ARG C 134 -0.51 26.67 48.46
C ARG C 134 -1.44 27.85 48.76
N LEU C 135 -1.72 28.70 47.77
CA LEU C 135 -2.59 29.86 47.93
C LEU C 135 -4.03 29.50 48.32
N PHE C 136 -4.71 28.62 47.57
CA PHE C 136 -6.11 28.27 47.85
C PHE C 136 -6.29 27.11 48.86
N ASN C 137 -5.17 26.55 49.35
CA ASN C 137 -5.07 25.48 50.35
C ASN C 137 -5.71 24.19 49.88
N TRP C 138 -5.35 23.79 48.65
CA TRP C 138 -5.76 22.53 48.03
C TRP C 138 -4.65 21.55 48.38
N ASN C 139 -4.79 20.91 49.54
CA ASN C 139 -3.81 19.98 50.05
C ASN C 139 -3.97 18.58 49.47
N HIS C 140 -5.12 18.29 48.87
CA HIS C 140 -5.41 17.00 48.24
C HIS C 140 -5.93 17.17 46.82
N VAL C 141 -5.11 16.71 45.83
CA VAL C 141 -5.41 16.85 44.40
C VAL C 141 -5.37 15.52 43.66
N ILE C 142 -6.01 15.48 42.49
CA ILE C 142 -6.02 14.33 41.58
C ILE C 142 -5.37 14.82 40.31
N LEU C 143 -4.31 14.14 39.89
CA LEU C 143 -3.58 14.49 38.68
C LEU C 143 -3.92 13.52 37.56
N ILE C 144 -4.47 14.05 36.45
CA ILE C 144 -4.83 13.28 35.26
C ILE C 144 -3.90 13.74 34.15
N VAL C 145 -3.07 12.81 33.66
CA VAL C 145 -2.09 13.11 32.63
C VAL C 145 -2.21 12.13 31.48
N SER C 146 -1.87 12.57 30.27
CA SER C 146 -1.83 11.68 29.13
C SER C 146 -0.57 10.83 29.26
N ASP C 147 -0.62 9.57 28.81
CA ASP C 147 0.55 8.71 28.88
C ASP C 147 1.41 8.88 27.61
N ASP C 148 1.96 10.08 27.48
CA ASP C 148 2.87 10.49 26.44
C ASP C 148 4.00 11.19 27.18
N HIS C 149 4.99 11.72 26.45
CA HIS C 149 6.13 12.39 27.05
C HIS C 149 5.68 13.62 27.84
N GLU C 150 4.84 14.47 27.22
CA GLU C 150 4.33 15.73 27.76
C GLU C 150 3.59 15.55 29.07
N GLY C 151 2.66 14.59 29.10
CA GLY C 151 1.88 14.24 30.27
C GLY C 151 2.75 13.79 31.41
N ARG C 152 3.74 12.91 31.12
CA ARG C 152 4.68 12.43 32.14
C ARG C 152 5.64 13.52 32.65
N ALA C 153 6.02 14.47 31.79
CA ALA C 153 6.90 15.59 32.13
C ALA C 153 6.28 16.50 33.19
N ALA C 154 4.96 16.77 33.04
CA ALA C 154 4.13 17.56 33.93
C ALA C 154 4.01 16.84 35.27
N GLN C 155 3.71 15.52 35.24
CA GLN C 155 3.59 14.69 36.45
C GLN C 155 4.90 14.68 37.23
N LYS C 156 6.06 14.49 36.52
CA LYS C 156 7.39 14.49 37.13
C LYS C 156 7.66 15.87 37.81
N LYS C 157 7.45 16.98 37.07
CA LYS C 157 7.68 18.34 37.61
C LYS C 157 6.84 18.63 38.87
N LEU C 158 5.54 18.28 38.87
CA LEU C 158 4.67 18.49 40.02
C LEU C 158 5.11 17.62 41.20
N GLU C 159 5.37 16.32 40.95
CA GLU C 159 5.83 15.39 41.98
C GLU C 159 7.10 15.88 42.66
N THR C 160 8.02 16.43 41.88
CA THR C 160 9.27 17.02 42.34
C THR C 160 8.99 18.13 43.35
N LEU C 161 7.99 19.00 43.05
CA LEU C 161 7.59 20.11 43.90
C LEU C 161 6.88 19.65 45.17
N LEU C 162 5.99 18.64 45.06
CA LEU C 162 5.22 18.11 46.18
C LEU C 162 6.10 17.30 47.14
N GLU C 163 7.24 16.77 46.63
CA GLU C 163 8.24 15.98 47.34
C GLU C 163 9.64 16.59 47.20
N GLY C 187 2.98 18.99 53.44
CA GLY C 187 2.31 20.06 52.71
C GLY C 187 1.25 19.58 51.76
N PRO C 188 1.07 20.21 50.56
CA PRO C 188 0.04 19.72 49.62
C PRO C 188 0.50 18.44 48.94
N LYS C 189 -0.45 17.52 48.68
CA LYS C 189 -0.18 16.19 48.14
C LYS C 189 -1.11 15.80 47.00
N ALA C 190 -0.58 14.97 46.08
CA ALA C 190 -1.37 14.41 44.99
C ALA C 190 -1.88 13.04 45.49
N ASP C 191 -3.15 12.99 45.91
CA ASP C 191 -3.83 11.79 46.41
C ASP C 191 -3.74 10.60 45.45
N LYS C 192 -3.74 10.88 44.13
CA LYS C 192 -3.61 9.89 43.08
C LYS C 192 -3.21 10.52 41.75
N VAL C 193 -2.48 9.76 40.95
CA VAL C 193 -2.11 10.11 39.60
C VAL C 193 -2.80 9.07 38.69
N LEU C 194 -3.49 9.55 37.67
CA LEU C 194 -4.19 8.72 36.70
C LEU C 194 -3.65 9.05 35.33
N GLN C 195 -3.23 8.04 34.59
CA GLN C 195 -2.70 8.19 33.23
C GLN C 195 -3.68 7.55 32.24
N PHE C 196 -3.81 8.14 31.05
CA PHE C 196 -4.67 7.60 30.00
C PHE C 196 -3.94 7.51 28.65
N GLU C 197 -4.38 6.60 27.78
CA GLU C 197 -3.74 6.47 26.47
C GLU C 197 -4.16 7.64 25.57
N PRO C 198 -3.18 8.40 25.02
CA PRO C 198 -3.55 9.49 24.10
C PRO C 198 -4.34 8.92 22.91
N GLY C 199 -5.46 9.57 22.61
CA GLY C 199 -6.34 9.15 21.53
C GLY C 199 -7.59 8.44 21.97
N THR C 200 -7.69 8.08 23.26
CA THR C 200 -8.87 7.39 23.81
C THR C 200 -10.04 8.37 23.87
N LYS C 201 -11.20 7.97 23.35
CA LYS C 201 -12.40 8.83 23.35
C LYS C 201 -13.32 8.56 24.55
N ASN C 202 -13.39 7.27 24.97
CA ASN C 202 -14.21 6.87 26.12
C ASN C 202 -13.33 6.75 27.33
N LEU C 203 -13.32 7.85 28.11
CA LEU C 203 -12.52 7.99 29.32
C LEU C 203 -13.42 7.87 30.54
N THR C 204 -14.46 7.05 30.39
CA THR C 204 -15.48 6.82 31.40
C THR C 204 -14.94 5.99 32.57
N ALA C 205 -14.07 5.00 32.29
CA ALA C 205 -13.45 4.15 33.28
C ALA C 205 -12.46 4.94 34.16
N LEU C 206 -11.64 5.82 33.53
CA LEU C 206 -10.65 6.65 34.21
C LEU C 206 -11.29 7.66 35.17
N LEU C 207 -12.30 8.42 34.71
CA LEU C 207 -12.94 9.46 35.51
C LEU C 207 -13.81 8.93 36.64
N LEU C 208 -14.39 7.71 36.46
CA LEU C 208 -15.20 7.02 37.48
C LEU C 208 -14.31 6.64 38.69
N GLU C 209 -12.98 6.40 38.45
CA GLU C 209 -11.95 6.14 39.45
C GLU C 209 -11.72 7.41 40.30
N ALA C 210 -11.51 8.56 39.64
CA ALA C 210 -11.29 9.87 40.24
C ALA C 210 -12.51 10.38 41.04
N LYS C 211 -13.73 10.01 40.59
CA LYS C 211 -14.97 10.42 41.25
C LYS C 211 -15.11 9.78 42.64
N GLU C 212 -14.69 8.50 42.75
CA GLU C 212 -14.73 7.69 43.98
C GLU C 212 -13.89 8.31 45.11
N LEU C 213 -12.74 8.96 44.75
CA LEU C 213 -11.79 9.61 45.65
C LEU C 213 -12.37 10.80 46.45
N GLU C 214 -11.79 11.04 47.63
CA GLU C 214 -12.17 12.11 48.55
C GLU C 214 -11.84 13.50 48.00
N ALA C 215 -10.71 13.64 47.25
CA ALA C 215 -10.24 14.87 46.62
C ALA C 215 -11.17 15.31 45.49
N ARG C 216 -11.43 16.63 45.42
CA ARG C 216 -12.29 17.22 44.39
C ARG C 216 -11.51 18.13 43.40
N VAL C 217 -10.20 18.40 43.69
CA VAL C 217 -9.34 19.24 42.85
C VAL C 217 -8.67 18.35 41.81
N ILE C 218 -9.01 18.57 40.53
CA ILE C 218 -8.48 17.78 39.42
C ILE C 218 -7.60 18.62 38.55
N ILE C 219 -6.34 18.19 38.42
CA ILE C 219 -5.32 18.83 37.57
C ILE C 219 -5.22 17.99 36.29
N LEU C 220 -5.26 18.65 35.13
CA LEU C 220 -5.17 17.95 33.85
C LEU C 220 -3.95 18.37 33.03
N SER C 221 -3.30 17.39 32.40
CA SER C 221 -2.20 17.56 31.47
C SER C 221 -2.49 16.68 30.27
N ALA C 222 -2.96 17.31 29.19
CA ALA C 222 -3.38 16.66 27.95
C ALA C 222 -3.31 17.63 26.79
N SER C 223 -3.27 17.08 25.57
CA SER C 223 -3.31 17.86 24.35
C SER C 223 -4.75 18.39 24.17
N GLU C 224 -4.91 19.38 23.26
CA GLU C 224 -6.19 20.00 22.89
C GLU C 224 -7.29 18.93 22.64
N ASP C 225 -7.01 17.92 21.77
CA ASP C 225 -7.99 16.87 21.45
C ASP C 225 -8.25 15.87 22.57
N ASP C 226 -7.22 15.57 23.41
CA ASP C 226 -7.30 14.65 24.55
C ASP C 226 -8.03 15.26 25.75
N ALA C 227 -7.90 16.58 25.96
CA ALA C 227 -8.57 17.34 27.01
C ALA C 227 -10.07 17.33 26.74
N THR C 228 -10.47 17.42 25.44
CA THR C 228 -11.86 17.42 24.96
C THR C 228 -12.55 16.13 25.41
N ALA C 229 -11.87 14.98 25.21
CA ALA C 229 -12.35 13.65 25.61
C ALA C 229 -12.56 13.59 27.13
N VAL C 230 -11.62 14.19 27.94
CA VAL C 230 -11.72 14.24 29.40
C VAL C 230 -12.99 15.00 29.82
N TYR C 231 -13.13 16.26 29.33
CA TYR C 231 -14.25 17.16 29.64
C TYR C 231 -15.62 16.55 29.33
N LYS C 232 -15.74 15.94 28.13
CA LYS C 232 -16.97 15.29 27.65
C LYS C 232 -17.34 14.14 28.59
N SER C 233 -16.43 13.17 28.75
CA SER C 233 -16.62 12.04 29.64
C SER C 233 -16.98 12.52 31.06
N ALA C 234 -16.31 13.59 31.55
CA ALA C 234 -16.52 14.21 32.86
C ALA C 234 -17.93 14.76 33.00
N ALA C 235 -18.42 15.48 31.96
CA ALA C 235 -19.76 16.09 31.92
C ALA C 235 -20.85 15.02 32.03
N MET C 236 -20.65 13.87 31.35
CA MET C 236 -21.54 12.70 31.35
C MET C 236 -21.57 12.09 32.74
N LEU C 237 -20.40 12.03 33.42
CA LEU C 237 -20.26 11.48 34.78
C LEU C 237 -20.59 12.55 35.85
N ASP C 238 -21.05 13.75 35.41
CA ASP C 238 -21.45 14.92 36.22
C ASP C 238 -20.40 15.27 37.29
N MET C 239 -19.20 15.68 36.82
CA MET C 239 -18.02 16.03 37.62
C MET C 239 -17.51 17.42 37.24
N THR C 240 -18.33 18.20 36.52
CA THR C 240 -17.99 19.54 36.05
C THR C 240 -18.75 20.65 36.76
N GLY C 241 -19.46 20.30 37.84
CA GLY C 241 -20.28 21.23 38.62
C GLY C 241 -19.75 21.59 40.00
N ALA C 242 -20.67 21.98 40.91
CA ALA C 242 -20.37 22.37 42.29
C ALA C 242 -19.67 21.27 43.08
N GLY C 243 -18.63 21.64 43.81
CA GLY C 243 -17.83 20.70 44.59
C GLY C 243 -16.47 20.40 43.99
N TYR C 244 -16.37 20.51 42.66
CA TYR C 244 -15.15 20.27 41.89
C TYR C 244 -14.41 21.54 41.50
N VAL C 245 -13.07 21.42 41.42
CA VAL C 245 -12.14 22.44 40.93
C VAL C 245 -11.37 21.78 39.78
N TRP C 246 -11.24 22.49 38.63
CA TRP C 246 -10.46 22.04 37.47
C TRP C 246 -9.31 23.03 37.23
N LEU C 247 -8.07 22.55 37.44
CA LEU C 247 -6.83 23.31 37.30
C LEU C 247 -6.08 22.67 36.14
N VAL C 248 -5.90 23.44 35.09
CA VAL C 248 -5.41 23.01 33.78
C VAL C 248 -4.28 23.97 33.28
N GLY C 249 -3.71 23.69 32.11
CA GLY C 249 -2.67 24.52 31.50
C GLY C 249 -3.17 25.31 30.32
N GLU C 250 -2.32 25.57 29.32
CA GLU C 250 -2.69 26.36 28.14
C GLU C 250 -3.33 25.55 27.03
N ARG C 251 -2.74 24.39 26.72
CA ARG C 251 -3.18 23.48 25.68
C ARG C 251 -4.63 23.03 25.88
N GLU C 252 -5.03 22.83 27.14
CA GLU C 252 -6.35 22.35 27.58
C GLU C 252 -7.44 23.44 27.62
N ILE C 253 -7.11 24.68 27.21
CA ILE C 253 -8.05 25.80 27.12
C ILE C 253 -7.87 26.49 25.77
N SER C 254 -7.45 25.71 24.77
CA SER C 254 -7.20 26.18 23.40
C SER C 254 -8.02 25.39 22.41
N GLY C 255 -8.31 26.00 21.27
CA GLY C 255 -9.07 25.39 20.19
C GLY C 255 -10.33 24.70 20.64
N SER C 256 -10.45 23.41 20.29
CA SER C 256 -11.62 22.58 20.63
C SER C 256 -11.76 22.35 22.12
N ALA C 257 -10.63 22.26 22.88
CA ALA C 257 -10.62 22.03 24.32
C ALA C 257 -11.53 23.04 25.04
N LEU C 258 -11.64 24.26 24.50
CA LEU C 258 -12.47 25.30 25.05
C LEU C 258 -13.98 25.11 24.75
N ARG C 259 -14.35 24.52 23.58
CA ARG C 259 -15.75 24.28 23.22
C ARG C 259 -16.48 23.39 24.22
N TYR C 260 -15.77 22.37 24.78
CA TYR C 260 -16.34 21.40 25.70
C TYR C 260 -15.86 21.55 27.13
N ALA C 261 -14.99 22.54 27.39
CA ALA C 261 -14.45 22.87 28.71
C ALA C 261 -15.56 23.25 29.68
N PRO C 262 -15.51 22.73 30.92
CA PRO C 262 -16.53 23.10 31.90
C PRO C 262 -16.46 24.55 32.38
N ASP C 263 -17.61 25.12 32.76
CA ASP C 263 -17.61 26.49 33.29
C ASP C 263 -16.89 26.45 34.63
N GLY C 264 -16.11 27.50 34.90
CA GLY C 264 -15.41 27.64 36.17
C GLY C 264 -13.97 27.17 36.19
N ILE C 265 -13.54 26.49 35.10
CA ILE C 265 -12.18 26.01 34.93
C ILE C 265 -11.13 27.13 35.10
N ILE C 266 -9.96 26.75 35.60
CA ILE C 266 -8.80 27.64 35.76
C ILE C 266 -7.72 27.05 34.86
N GLY C 267 -7.26 27.85 33.91
CA GLY C 267 -6.20 27.51 32.98
C GLY C 267 -5.11 28.56 33.03
N LEU C 268 -4.09 28.41 32.16
CA LEU C 268 -2.97 29.36 32.11
C LEU C 268 -2.72 29.80 30.71
N GLN C 269 -2.11 30.98 30.54
CA GLN C 269 -1.68 31.47 29.24
C GLN C 269 -0.33 32.13 29.41
N LEU C 270 0.71 31.62 28.73
CA LEU C 270 2.06 32.21 28.84
C LEU C 270 2.05 33.61 28.21
N ILE C 271 2.25 34.66 29.04
CA ILE C 271 2.26 36.06 28.56
C ILE C 271 3.39 36.18 27.54
N ASN C 272 3.05 36.66 26.31
CA ASN C 272 3.94 36.82 25.14
C ASN C 272 4.46 35.53 24.53
N GLY C 273 3.89 34.40 24.92
CA GLY C 273 4.27 33.06 24.48
C GLY C 273 4.23 32.88 22.97
N LYS C 274 3.32 33.60 22.33
CA LYS C 274 3.13 33.56 20.90
C LYS C 274 3.67 34.80 20.20
N ASN C 275 4.29 35.76 20.94
CA ASN C 275 4.89 36.96 20.33
C ASN C 275 6.27 36.60 19.76
N GLU C 276 6.32 36.16 18.48
CA GLU C 276 7.58 35.85 17.81
C GLU C 276 8.49 37.10 17.77
N SER C 277 7.89 38.28 17.54
CA SER C 277 8.59 39.55 17.49
C SER C 277 9.28 39.86 18.82
N ALA C 278 8.60 39.63 19.96
CA ALA C 278 9.17 39.89 21.29
C ALA C 278 10.30 38.90 21.59
N HIS C 279 10.12 37.63 21.21
CA HIS C 279 11.11 36.61 21.46
C HIS C 279 12.35 36.75 20.60
N ILE C 280 12.25 37.28 19.36
CA ILE C 280 13.39 37.56 18.48
C ILE C 280 14.23 38.62 19.18
N SER C 281 13.54 39.69 19.61
CA SER C 281 14.13 40.83 20.29
C SER C 281 14.97 40.38 21.50
N ASP C 282 14.36 39.57 22.38
CA ASP C 282 15.01 39.07 23.59
C ASP C 282 16.12 38.04 23.31
N ALA C 283 15.88 37.04 22.43
CA ALA C 283 16.89 36.05 22.06
C ALA C 283 18.15 36.71 21.43
N VAL C 284 17.96 37.72 20.54
CA VAL C 284 19.07 38.43 19.92
C VAL C 284 19.91 39.13 20.99
N ALA C 285 19.26 39.85 21.92
CA ALA C 285 19.92 40.55 23.02
C ALA C 285 20.76 39.60 23.88
N VAL C 286 20.23 38.38 24.16
CA VAL C 286 20.92 37.35 24.96
C VAL C 286 22.16 36.81 24.22
N VAL C 287 21.99 36.45 22.95
CA VAL C 287 23.03 35.92 22.07
C VAL C 287 24.15 36.98 21.85
N ALA C 288 23.75 38.26 21.60
CA ALA C 288 24.67 39.37 21.39
C ALA C 288 25.60 39.54 22.58
N GLN C 289 25.02 39.50 23.79
CA GLN C 289 25.72 39.63 25.05
C GLN C 289 26.69 38.47 25.25
N ALA C 290 26.22 37.23 25.00
CA ALA C 290 27.01 35.99 25.12
C ALA C 290 28.18 35.95 24.13
N ILE C 291 28.00 36.44 22.87
CA ILE C 291 29.05 36.49 21.84
C ILE C 291 30.21 37.35 22.38
N HIS C 292 29.86 38.57 22.87
CA HIS C 292 30.80 39.52 23.43
C HIS C 292 31.54 39.01 24.67
N GLU C 293 30.85 38.24 25.51
CA GLU C 293 31.40 37.61 26.70
C GLU C 293 32.38 36.50 26.26
N LEU C 294 32.01 35.73 25.22
CA LEU C 294 32.84 34.67 24.67
C LEU C 294 34.16 35.22 24.07
N PHE C 295 34.10 36.39 23.38
CA PHE C 295 35.31 36.97 22.79
C PHE C 295 36.21 37.67 23.81
N GLU C 296 35.84 37.66 25.11
CA GLU C 296 36.67 38.17 26.20
C GLU C 296 37.67 37.05 26.55
N MET C 297 37.36 35.80 26.13
CA MET C 297 38.17 34.60 26.34
C MET C 297 39.14 34.34 25.18
N GLU C 298 39.99 33.33 25.36
CA GLU C 298 41.02 32.94 24.41
C GLU C 298 40.72 31.63 23.70
N ASN C 299 41.50 31.38 22.62
CA ASN C 299 41.44 30.18 21.76
C ASN C 299 40.02 29.97 21.15
N ILE C 300 39.34 31.08 20.78
CA ILE C 300 37.98 31.10 20.22
C ILE C 300 38.00 30.76 18.70
N THR C 301 37.63 29.51 18.35
CA THR C 301 37.63 29.01 16.97
C THR C 301 36.34 29.39 16.25
N ASP C 302 36.37 29.50 14.91
CA ASP C 302 35.19 29.80 14.11
C ASP C 302 34.38 28.53 13.84
N PRO C 303 33.04 28.62 13.64
CA PRO C 303 32.28 27.42 13.30
C PRO C 303 32.63 26.93 11.90
N PRO C 304 32.26 25.70 11.50
CA PRO C 304 32.58 25.25 10.13
C PRO C 304 31.88 26.13 9.09
N ARG C 305 32.48 26.26 7.90
CA ARG C 305 31.91 27.02 6.78
C ARG C 305 31.25 25.96 5.92
N GLY C 306 29.95 25.79 6.10
CA GLY C 306 29.20 24.77 5.38
C GLY C 306 29.27 23.40 5.98
N CYS C 307 28.45 22.48 5.47
CA CYS C 307 28.39 21.10 5.93
C CYS C 307 29.33 20.19 5.16
N VAL C 308 29.32 20.25 3.82
CA VAL C 308 30.11 19.40 2.91
C VAL C 308 31.59 19.28 3.35
N GLY C 309 32.01 18.04 3.61
CA GLY C 309 33.37 17.71 4.02
C GLY C 309 33.73 17.92 5.48
N ASN C 310 32.83 18.56 6.26
CA ASN C 310 33.03 18.86 7.68
C ASN C 310 32.23 17.91 8.58
N THR C 311 32.93 17.01 9.26
CA THR C 311 32.27 16.04 10.14
C THR C 311 32.71 16.21 11.59
N ASN C 312 33.64 17.13 11.87
CA ASN C 312 34.05 17.40 13.24
C ASN C 312 33.12 18.45 13.82
N ILE C 313 33.00 18.47 15.14
CA ILE C 313 32.20 19.45 15.85
C ILE C 313 32.95 20.79 15.84
N TRP C 314 32.25 21.87 16.23
CA TRP C 314 32.82 23.20 16.42
C TRP C 314 33.44 23.11 17.82
N LYS C 315 34.79 23.12 17.92
CA LYS C 315 35.50 23.01 19.20
C LYS C 315 35.03 24.05 20.28
N THR C 316 34.61 25.26 19.87
CA THR C 316 34.13 26.31 20.78
C THR C 316 32.62 26.17 21.10
N GLY C 317 31.91 25.33 20.36
CA GLY C 317 30.50 25.05 20.56
C GLY C 317 30.14 24.79 22.01
N PRO C 318 30.78 23.79 22.70
CA PRO C 318 30.48 23.54 24.12
C PRO C 318 30.73 24.73 25.06
N LEU C 319 31.82 25.51 24.83
CA LEU C 319 32.12 26.69 25.63
C LEU C 319 31.05 27.74 25.42
N PHE C 320 30.68 27.98 24.14
CA PHE C 320 29.61 28.92 23.79
C PHE C 320 28.28 28.56 24.45
N LYS C 321 27.95 27.24 24.52
CA LYS C 321 26.75 26.73 25.20
C LYS C 321 26.78 27.16 26.67
N ARG C 322 27.90 26.90 27.39
CA ARG C 322 28.09 27.23 28.81
C ARG C 322 27.87 28.73 29.06
N VAL C 323 28.43 29.60 28.19
CA VAL C 323 28.29 31.06 28.25
C VAL C 323 26.80 31.45 28.11
N LEU C 324 26.09 30.84 27.14
CA LEU C 324 24.66 31.07 26.91
C LEU C 324 23.81 30.64 28.08
N MET C 325 24.01 29.40 28.55
CA MET C 325 23.32 28.78 29.66
C MET C 325 23.32 29.64 30.92
N SER C 326 24.38 30.42 31.12
CA SER C 326 24.57 31.24 32.31
C SER C 326 24.39 32.75 32.07
N SER C 327 23.78 33.11 30.93
CA SER C 327 23.49 34.50 30.57
C SER C 327 22.24 34.98 31.28
N LYS C 328 22.29 36.21 31.79
CA LYS C 328 21.16 36.88 32.45
C LYS C 328 20.91 38.17 31.69
N TYR C 329 19.65 38.41 31.33
CA TYR C 329 19.19 39.62 30.67
C TYR C 329 17.96 40.07 31.46
N PRO C 330 18.10 41.06 32.37
CA PRO C 330 16.95 41.42 33.20
C PRO C 330 15.89 42.27 32.55
N ASP C 331 16.28 43.15 31.60
CA ASP C 331 15.38 44.08 30.94
C ASP C 331 14.85 43.57 29.57
N GLY C 332 14.41 42.32 29.56
CA GLY C 332 13.83 41.74 28.36
C GLY C 332 12.39 42.19 28.20
N VAL C 333 11.91 42.17 26.96
CA VAL C 333 10.54 42.50 26.60
C VAL C 333 9.56 41.46 27.22
N THR C 334 10.00 40.20 27.33
CA THR C 334 9.19 39.12 27.88
C THR C 334 9.50 38.88 29.37
N GLY C 335 10.25 39.80 29.96
CA GLY C 335 10.63 39.74 31.36
C GLY C 335 12.10 39.50 31.58
N ARG C 336 12.42 38.85 32.73
CA ARG C 336 13.76 38.49 33.18
C ARG C 336 14.20 37.20 32.51
N ILE C 337 15.20 37.27 31.63
CA ILE C 337 15.72 36.09 30.92
C ILE C 337 16.89 35.46 31.65
N GLU C 338 16.70 34.21 32.03
CA GLU C 338 17.68 33.33 32.65
C GLU C 338 17.26 31.95 32.21
N PHE C 339 18.21 31.00 32.15
CA PHE C 339 17.95 29.62 31.75
C PHE C 339 18.27 28.69 32.89
N ASN C 340 17.53 27.59 33.00
CA ASN C 340 17.77 26.58 34.04
C ASN C 340 18.89 25.59 33.57
N GLU C 341 18.93 24.41 34.22
CA GLU C 341 19.86 23.32 33.97
C GLU C 341 19.61 22.65 32.60
N ASP C 342 18.40 22.82 32.03
CA ASP C 342 17.98 22.20 30.76
C ASP C 342 18.05 23.18 29.56
N GLY C 343 18.40 24.44 29.85
CA GLY C 343 18.46 25.52 28.86
C GLY C 343 17.09 26.14 28.64
N ASP C 344 16.11 25.82 29.52
CA ASP C 344 14.74 26.31 29.48
C ASP C 344 14.62 27.60 30.24
N ARG C 345 13.74 28.48 29.74
CA ARG C 345 13.46 29.77 30.33
C ARG C 345 12.98 29.67 31.78
N LYS C 346 13.58 30.52 32.64
CA LYS C 346 13.25 30.72 34.03
C LYS C 346 12.60 32.10 34.12
N PHE C 347 11.70 32.29 35.11
CA PHE C 347 11.02 33.56 35.38
C PHE C 347 10.02 33.96 34.32
N ALA C 348 9.37 32.95 33.71
CA ALA C 348 8.32 33.15 32.73
C ALA C 348 7.04 33.62 33.45
N GLN C 349 6.22 34.42 32.74
CA GLN C 349 5.02 34.96 33.34
C GLN C 349 3.77 34.42 32.67
N TYR C 350 2.76 34.10 33.50
CA TYR C 350 1.49 33.51 33.04
C TYR C 350 0.27 34.31 33.49
N SER C 351 -0.78 34.26 32.66
CA SER C 351 -2.10 34.81 32.96
C SER C 351 -2.87 33.65 33.56
N ILE C 352 -3.47 33.86 34.75
CA ILE C 352 -4.31 32.86 35.39
C ILE C 352 -5.73 33.14 34.85
N MET C 353 -6.21 32.23 33.97
CA MET C 353 -7.47 32.31 33.24
C MET C 353 -8.60 31.56 33.92
N ASN C 354 -9.82 32.10 33.85
CA ASN C 354 -11.02 31.52 34.46
C ASN C 354 -12.26 31.69 33.54
N LEU C 355 -12.97 30.57 33.25
CA LEU C 355 -14.16 30.55 32.37
C LEU C 355 -15.42 31.10 33.05
N GLN C 356 -15.63 32.41 32.87
CA GLN C 356 -16.80 33.09 33.41
C GLN C 356 -17.91 33.13 32.33
N ASN C 357 -18.75 32.05 32.43
CA ASN C 357 -19.84 31.58 31.56
C ASN C 357 -19.34 31.40 30.14
N ARG C 358 -19.17 32.51 29.35
CA ARG C 358 -18.71 32.34 27.97
C ARG C 358 -17.51 33.18 27.62
N LYS C 359 -16.65 33.50 28.59
CA LYS C 359 -15.46 34.31 28.32
C LYS C 359 -14.29 33.79 29.14
N LEU C 360 -13.06 33.80 28.56
CA LEU C 360 -11.87 33.43 29.31
C LEU C 360 -11.39 34.72 29.95
N VAL C 361 -11.50 34.80 31.27
CA VAL C 361 -11.24 36.00 32.07
C VAL C 361 -9.97 35.88 32.91
N GLN C 362 -9.16 36.94 32.90
CA GLN C 362 -7.92 36.96 33.68
C GLN C 362 -8.22 37.34 35.13
N VAL C 363 -7.89 36.43 36.05
CA VAL C 363 -8.12 36.58 37.49
C VAL C 363 -6.83 36.86 38.25
N GLY C 364 -5.71 36.69 37.57
CA GLY C 364 -4.42 36.92 38.17
C GLY C 364 -3.27 36.69 37.21
N ILE C 365 -2.05 36.86 37.74
CA ILE C 365 -0.80 36.65 37.02
C ILE C 365 0.20 35.92 37.91
N PHE C 366 1.01 35.06 37.28
CA PHE C 366 2.14 34.44 37.96
C PHE C 366 3.31 35.23 37.38
N ASN C 367 3.89 36.11 38.20
CA ASN C 367 4.91 37.08 37.78
C ASN C 367 6.34 36.53 37.52
N GLY C 368 6.54 35.23 37.71
CA GLY C 368 7.84 34.61 37.52
C GLY C 368 8.25 33.81 38.74
N SER C 369 7.71 34.22 39.91
CA SER C 369 7.96 33.61 41.23
C SER C 369 6.75 33.71 42.17
N TYR C 370 5.85 34.66 41.95
CA TYR C 370 4.71 34.92 42.83
C TYR C 370 3.35 35.04 42.12
N ILE C 371 2.25 34.70 42.82
CA ILE C 371 0.88 34.87 42.32
C ILE C 371 0.35 36.24 42.76
N ILE C 372 -0.17 37.02 41.81
CA ILE C 372 -0.77 38.32 42.08
C ILE C 372 -2.21 38.24 41.59
N GLN C 373 -3.17 38.31 42.49
CA GLN C 373 -4.58 38.26 42.12
C GLN C 373 -5.02 39.66 41.77
N ASN C 374 -5.85 39.82 40.74
CA ASN C 374 -6.40 41.14 40.40
C ASN C 374 -7.76 41.26 41.06
N ASP C 375 -8.47 42.39 40.86
CA ASP C 375 -9.78 42.65 41.46
C ASP C 375 -10.93 41.81 40.88
N ARG C 376 -10.65 41.00 39.85
CA ARG C 376 -11.66 40.11 39.24
C ARG C 376 -11.83 38.86 40.08
N LYS C 377 -13.06 38.66 40.58
CA LYS C 377 -13.43 37.52 41.42
C LYS C 377 -13.58 36.24 40.61
N ILE C 378 -13.03 35.13 41.12
CA ILE C 378 -13.10 33.82 40.48
C ILE C 378 -14.51 33.22 40.64
N ILE C 379 -15.04 32.64 39.56
CA ILE C 379 -16.29 31.87 39.55
C ILE C 379 -15.89 30.40 39.37
N TRP C 380 -16.14 29.58 40.39
CA TRP C 380 -15.80 28.16 40.40
C TRP C 380 -16.87 27.34 39.70
N PRO C 381 -16.55 26.10 39.21
CA PRO C 381 -17.60 25.29 38.55
C PRO C 381 -18.85 25.11 39.40
N GLY C 382 -20.01 25.17 38.75
CA GLY C 382 -21.30 25.12 39.43
C GLY C 382 -21.94 26.50 39.38
N GLY C 383 -21.11 27.54 39.50
CA GLY C 383 -21.50 28.94 39.40
C GLY C 383 -21.61 29.73 40.69
N GLU C 384 -20.53 29.79 41.49
CA GLU C 384 -20.50 30.55 42.75
C GLU C 384 -19.08 31.03 43.08
N THR C 385 -18.96 32.01 43.99
CA THR C 385 -17.66 32.54 44.41
C THR C 385 -17.12 31.83 45.67
N PRO D 2 9.77 -12.31 -11.23
CA PRO D 2 10.03 -11.46 -12.42
C PRO D 2 10.15 -9.94 -12.12
N PRO D 3 9.24 -9.24 -11.39
CA PRO D 3 9.45 -7.79 -11.19
C PRO D 3 10.77 -7.42 -10.51
N SER D 4 11.28 -6.22 -10.82
CA SER D 4 12.55 -5.73 -10.33
C SER D 4 12.41 -4.56 -9.35
N ILE D 5 13.02 -4.71 -8.15
CA ILE D 5 13.08 -3.67 -7.12
C ILE D 5 14.47 -3.06 -7.11
N GLY D 6 14.53 -1.74 -7.15
CA GLY D 6 15.81 -1.03 -7.14
C GLY D 6 16.38 -0.93 -5.75
N ILE D 7 17.60 -1.48 -5.56
CA ILE D 7 18.32 -1.43 -4.28
C ILE D 7 19.65 -0.68 -4.44
N ALA D 8 19.85 0.39 -3.64
CA ALA D 8 21.09 1.18 -3.66
C ALA D 8 22.01 0.72 -2.55
N VAL D 9 23.25 0.40 -2.91
CA VAL D 9 24.25 -0.01 -1.94
C VAL D 9 25.25 1.15 -1.87
N ILE D 10 25.22 1.93 -0.77
CA ILE D 10 26.09 3.09 -0.56
C ILE D 10 27.33 2.72 0.25
N LEU D 11 28.49 2.84 -0.40
CA LEU D 11 29.79 2.53 0.20
C LEU D 11 30.61 3.79 0.41
N VAL D 12 30.89 4.07 1.68
CA VAL D 12 31.70 5.20 2.09
C VAL D 12 33.08 4.68 2.42
N GLY D 13 34.07 5.24 1.74
CA GLY D 13 35.46 4.86 1.91
C GLY D 13 35.88 3.69 1.06
N THR D 14 37.11 3.23 1.26
CA THR D 14 37.74 2.14 0.53
C THR D 14 37.09 0.78 0.82
N SER D 15 36.70 0.08 -0.27
CA SER D 15 36.06 -1.23 -0.27
C SER D 15 36.22 -1.92 -1.63
N ASP D 16 36.27 -3.27 -1.60
CA ASP D 16 36.39 -4.10 -2.80
C ASP D 16 35.00 -4.33 -3.35
N GLU D 17 34.66 -3.59 -4.41
CA GLU D 17 33.36 -3.69 -5.09
C GLU D 17 33.21 -5.04 -5.77
N VAL D 18 34.33 -5.59 -6.31
CA VAL D 18 34.39 -6.91 -6.98
C VAL D 18 34.08 -8.04 -6.01
N ALA D 19 34.62 -7.98 -4.77
CA ALA D 19 34.36 -8.98 -3.73
C ALA D 19 32.91 -8.93 -3.25
N ILE D 20 32.31 -7.71 -3.21
CA ILE D 20 30.92 -7.44 -2.79
C ILE D 20 29.89 -8.03 -3.79
N LYS D 21 30.14 -7.90 -5.11
CA LYS D 21 29.23 -8.38 -6.18
C LYS D 21 29.00 -9.93 -6.19
N ASP D 22 29.50 -10.63 -5.15
CA ASP D 22 29.38 -12.06 -4.90
C ASP D 22 28.46 -12.30 -3.71
N PHE D 29 21.30 -16.04 -5.03
CA PHE D 29 20.34 -15.95 -6.12
C PHE D 29 18.87 -16.13 -5.67
N HIS D 30 17.93 -15.43 -6.33
CA HIS D 30 16.49 -15.41 -6.01
C HIS D 30 15.60 -16.46 -6.72
N HIS D 31 14.53 -16.85 -6.03
CA HIS D 31 13.49 -17.83 -6.39
C HIS D 31 12.13 -17.19 -6.07
N LEU D 32 12.19 -16.10 -5.27
CA LEU D 32 11.15 -15.22 -4.71
C LEU D 32 10.22 -14.59 -5.76
N SER D 33 9.16 -13.87 -5.29
CA SER D 33 8.17 -13.17 -6.13
C SER D 33 8.76 -11.97 -6.85
N VAL D 34 9.80 -11.36 -6.26
CA VAL D 34 10.48 -10.16 -6.76
C VAL D 34 12.01 -10.37 -6.89
N VAL D 35 12.68 -9.63 -7.78
CA VAL D 35 14.13 -9.75 -8.02
C VAL D 35 14.86 -8.38 -7.82
N PRO D 36 16.08 -8.36 -7.23
CA PRO D 36 16.75 -7.07 -7.00
C PRO D 36 17.58 -6.51 -8.16
N ARG D 37 17.53 -5.17 -8.37
CA ARG D 37 18.34 -4.46 -9.36
C ARG D 37 19.28 -3.57 -8.55
N VAL D 38 20.39 -4.19 -8.11
CA VAL D 38 21.44 -3.61 -7.25
C VAL D 38 22.31 -2.60 -7.98
N GLU D 39 22.62 -1.48 -7.32
CA GLU D 39 23.47 -0.42 -7.84
C GLU D 39 24.46 -0.02 -6.74
N LEU D 40 25.75 -0.32 -6.93
CA LEU D 40 26.80 0.05 -5.99
C LEU D 40 27.14 1.51 -6.24
N VAL D 41 27.01 2.31 -5.19
CA VAL D 41 27.18 3.76 -5.19
C VAL D 41 28.32 4.12 -4.24
N ALA D 42 29.29 4.91 -4.74
CA ALA D 42 30.40 5.38 -3.92
C ALA D 42 30.06 6.79 -3.41
N MET D 43 30.43 7.09 -2.15
CA MET D 43 30.18 8.37 -1.51
C MET D 43 31.43 8.80 -0.76
N ASN D 44 31.88 10.05 -0.97
CA ASN D 44 33.11 10.55 -0.34
C ASN D 44 32.92 11.23 1.01
N GLU D 45 31.80 11.95 1.21
CA GLU D 45 31.61 12.72 2.44
C GLU D 45 30.48 12.21 3.32
N THR D 46 30.63 12.33 4.67
CA THR D 46 29.66 11.82 5.65
C THR D 46 29.01 12.89 6.57
N ASP D 47 29.03 14.17 6.15
CA ASP D 47 28.35 15.28 6.84
C ASP D 47 26.80 15.20 6.55
N PRO D 48 25.90 15.90 7.29
CA PRO D 48 24.46 15.77 7.00
C PRO D 48 24.04 16.10 5.56
N LYS D 49 24.51 17.25 5.00
CA LYS D 49 24.15 17.69 3.65
C LYS D 49 24.50 16.65 2.59
N SER D 50 25.73 16.09 2.67
CA SER D 50 26.25 15.11 1.72
C SER D 50 25.44 13.85 1.72
N ILE D 51 25.11 13.30 2.91
CA ILE D 51 24.30 12.09 3.02
C ILE D 51 22.86 12.35 2.51
N ILE D 52 22.23 13.45 2.98
CA ILE D 52 20.87 13.80 2.59
C ILE D 52 20.81 13.95 1.07
N THR D 53 21.70 14.78 0.50
CA THR D 53 21.83 15.04 -0.93
C THR D 53 22.06 13.77 -1.74
N ARG D 54 23.00 12.90 -1.34
CA ARG D 54 23.26 11.65 -2.07
C ARG D 54 22.06 10.73 -2.17
N ILE D 55 21.41 10.44 -1.03
CA ILE D 55 20.25 9.54 -0.97
C ILE D 55 19.07 10.13 -1.74
N CYS D 56 18.85 11.45 -1.62
CA CYS D 56 17.76 12.15 -2.29
C CYS D 56 17.92 12.20 -3.82
N ASP D 57 19.16 12.41 -4.32
CA ASP D 57 19.47 12.39 -5.74
C ASP D 57 19.22 10.97 -6.31
N LEU D 58 19.70 9.92 -5.60
CA LEU D 58 19.49 8.51 -6.01
C LEU D 58 18.01 8.15 -6.09
N MET D 59 17.19 8.70 -5.16
CA MET D 59 15.75 8.46 -5.06
C MET D 59 14.97 9.03 -6.22
N SER D 60 15.51 10.12 -6.84
CA SER D 60 14.91 10.83 -7.98
C SER D 60 15.37 10.30 -9.36
N ASP D 61 16.50 9.59 -9.42
CA ASP D 61 17.07 9.01 -10.64
C ASP D 61 16.56 7.60 -10.91
N ARG D 62 16.40 6.79 -9.85
CA ARG D 62 15.92 5.40 -9.92
C ARG D 62 14.76 5.22 -8.93
N LYS D 63 13.92 4.18 -9.14
CA LYS D 63 12.85 3.86 -8.19
C LYS D 63 13.52 2.97 -7.15
N ILE D 64 14.06 3.62 -6.08
CA ILE D 64 14.78 2.98 -4.98
C ILE D 64 13.80 2.44 -3.92
N GLN D 65 13.70 1.11 -3.81
CA GLN D 65 12.88 0.40 -2.84
C GLN D 65 13.50 0.36 -1.43
N GLY D 66 14.84 0.42 -1.35
CA GLY D 66 15.59 0.36 -0.11
C GLY D 66 17.06 0.65 -0.30
N VAL D 67 17.76 0.96 0.81
CA VAL D 67 19.18 1.34 0.85
C VAL D 67 20.00 0.39 1.76
N VAL D 68 21.19 0.01 1.29
CA VAL D 68 22.13 -0.79 2.07
C VAL D 68 23.33 0.13 2.24
N PHE D 69 23.59 0.57 3.48
CA PHE D 69 24.64 1.54 3.78
C PHE D 69 25.80 0.93 4.59
N ALA D 70 27.02 1.17 4.13
CA ALA D 70 28.23 0.71 4.80
C ALA D 70 29.28 1.79 4.75
N ASP D 71 29.96 2.06 5.86
CA ASP D 71 31.02 3.07 5.91
C ASP D 71 32.25 2.56 6.66
N ASP D 72 33.41 3.25 6.49
CA ASP D 72 34.69 2.89 7.13
C ASP D 72 35.04 3.75 8.36
N THR D 73 34.17 4.70 8.69
CA THR D 73 34.34 5.71 9.76
C THR D 73 33.94 5.16 11.16
N ASP D 74 34.08 6.01 12.21
CA ASP D 74 33.72 5.74 13.61
C ASP D 74 32.73 6.85 13.99
N GLN D 75 31.93 7.27 13.02
CA GLN D 75 30.97 8.37 13.19
C GLN D 75 29.58 7.85 13.40
N GLU D 76 29.22 7.63 14.68
CA GLU D 76 27.90 7.19 15.14
C GLU D 76 26.75 8.11 14.70
N ALA D 77 27.07 9.38 14.28
CA ALA D 77 26.12 10.37 13.78
C ALA D 77 25.50 9.93 12.44
N ILE D 78 26.24 9.13 11.65
CA ILE D 78 25.74 8.58 10.37
C ILE D 78 24.43 7.82 10.60
N ALA D 79 24.36 7.02 11.71
CA ALA D 79 23.17 6.23 12.05
C ALA D 79 21.95 7.15 12.20
N GLN D 80 22.16 8.24 12.98
CA GLN D 80 21.16 9.27 13.26
C GLN D 80 20.69 9.97 11.99
N ILE D 81 21.62 10.40 11.12
CA ILE D 81 21.32 11.03 9.81
C ILE D 81 20.46 10.09 9.00
N LEU D 82 20.87 8.80 8.91
CA LEU D 82 20.14 7.74 8.19
C LEU D 82 18.73 7.48 8.74
N ASP D 83 18.58 7.43 10.09
CA ASP D 83 17.27 7.22 10.71
C ASP D 83 16.30 8.33 10.28
N PHE D 84 16.75 9.59 10.37
CA PHE D 84 16.00 10.78 9.97
C PHE D 84 15.56 10.65 8.51
N ILE D 85 16.50 10.36 7.58
CA ILE D 85 16.18 10.17 6.15
C ILE D 85 15.10 9.04 6.01
N SER D 86 15.36 7.86 6.65
CA SER D 86 14.46 6.70 6.62
C SER D 86 13.04 7.05 7.07
N ALA D 87 12.94 7.77 8.20
CA ALA D 87 11.66 8.19 8.77
C ALA D 87 10.95 9.21 7.88
N GLN D 88 11.66 10.25 7.36
CA GLN D 88 11.05 11.29 6.51
C GLN D 88 10.58 10.78 5.16
N THR D 89 11.36 9.89 4.53
CA THR D 89 11.04 9.38 3.20
C THR D 89 10.30 8.06 3.20
N LEU D 90 10.21 7.37 4.34
CA LEU D 90 9.55 6.05 4.45
C LEU D 90 10.20 5.05 3.50
N THR D 91 11.53 4.97 3.60
CA THR D 91 12.41 4.11 2.82
C THR D 91 13.23 3.22 3.77
N PRO D 92 13.16 1.87 3.61
CA PRO D 92 14.02 0.99 4.40
C PRO D 92 15.50 1.33 4.14
N ILE D 93 16.27 1.46 5.23
CA ILE D 93 17.71 1.73 5.19
C ILE D 93 18.33 0.78 6.18
N LEU D 94 19.42 0.06 5.76
CA LEU D 94 20.13 -0.87 6.64
C LEU D 94 21.57 -0.37 6.87
N GLY D 95 21.90 -0.10 8.12
CA GLY D 95 23.24 0.29 8.54
C GLY D 95 23.98 -0.98 8.89
N ILE D 96 24.80 -1.48 7.97
CA ILE D 96 25.47 -2.79 8.09
C ILE D 96 26.91 -2.74 8.57
N HIS D 97 27.61 -1.57 8.48
CA HIS D 97 29.01 -1.45 8.83
C HIS D 97 29.43 0.00 9.10
N GLY D 98 30.36 0.18 10.03
CA GLY D 98 30.95 1.46 10.41
C GLY D 98 30.12 2.27 11.38
N GLY D 99 30.04 3.57 11.13
CA GLY D 99 29.25 4.51 11.93
C GLY D 99 27.75 4.32 11.76
N SER D 100 27.32 3.78 10.61
CA SER D 100 25.91 3.48 10.34
C SER D 100 25.37 2.33 11.22
N SER D 101 26.28 1.44 11.69
CA SER D 101 25.95 0.25 12.50
C SER D 101 26.06 0.48 14.00
N MET D 102 26.58 1.69 14.38
CA MET D 102 26.73 2.16 15.77
C MET D 102 25.34 2.48 16.29
N ILE D 103 24.87 1.64 17.21
CA ILE D 103 23.53 1.60 17.76
C ILE D 103 22.91 2.95 17.98
N MET D 104 21.76 3.09 17.34
CA MET D 104 20.91 4.24 17.50
C MET D 104 19.74 3.90 18.42
N ALA D 105 19.80 4.38 19.65
CA ALA D 105 18.71 4.19 20.60
C ALA D 105 17.60 5.17 20.27
N ASP D 106 16.36 4.76 20.50
CA ASP D 106 15.18 5.60 20.31
C ASP D 106 15.12 6.23 18.88
N LYS D 107 14.99 5.32 17.90
CA LYS D 107 14.81 5.61 16.48
C LYS D 107 13.38 6.10 16.34
N ASP D 108 13.09 6.91 15.30
CA ASP D 108 11.75 7.48 15.07
C ASP D 108 10.67 6.41 14.96
N GLU D 109 9.43 6.76 15.35
CA GLU D 109 8.29 5.85 15.25
C GLU D 109 8.12 5.42 13.79
N SER D 110 8.26 6.38 12.85
CA SER D 110 8.12 6.18 11.41
C SER D 110 9.36 5.60 10.72
N SER D 111 10.40 5.30 11.50
CA SER D 111 11.66 4.76 11.00
C SER D 111 11.51 3.39 10.37
N MET D 112 12.31 3.16 9.33
CA MET D 112 12.46 1.89 8.62
C MET D 112 13.97 1.64 8.56
N PHE D 113 14.69 2.17 9.59
CA PHE D 113 16.13 2.08 9.78
C PHE D 113 16.47 0.90 10.71
N PHE D 114 17.30 -0.04 10.19
CA PHE D 114 17.72 -1.26 10.86
C PHE D 114 19.26 -1.39 10.83
N GLN D 115 19.86 -1.91 11.92
CA GLN D 115 21.31 -2.01 12.06
C GLN D 115 21.83 -3.41 12.36
N PHE D 116 23.02 -3.73 11.81
CA PHE D 116 23.69 -4.99 12.03
C PHE D 116 24.54 -4.77 13.28
N GLY D 117 24.03 -5.20 14.41
CA GLY D 117 24.76 -5.03 15.66
C GLY D 117 23.89 -5.37 16.83
N PRO D 118 24.50 -5.47 18.04
CA PRO D 118 23.69 -5.82 19.22
C PRO D 118 23.03 -4.61 19.87
N SER D 119 21.93 -4.86 20.61
CA SER D 119 21.26 -3.82 21.36
C SER D 119 22.13 -3.41 22.56
N ILE D 120 21.87 -2.20 23.09
CA ILE D 120 22.50 -1.66 24.28
C ILE D 120 22.30 -2.68 25.43
N GLU D 121 21.05 -3.20 25.56
CA GLU D 121 20.61 -4.20 26.53
C GLU D 121 21.35 -5.56 26.43
N GLN D 122 21.62 -6.04 25.21
CA GLN D 122 22.35 -7.29 25.00
C GLN D 122 23.82 -7.13 25.35
N GLN D 123 24.43 -5.98 24.99
CA GLN D 123 25.82 -5.68 25.28
C GLN D 123 26.02 -5.58 26.81
N ALA D 124 25.13 -4.85 27.49
CA ALA D 124 25.13 -4.71 28.95
C ALA D 124 25.06 -6.11 29.60
N SER D 125 24.25 -7.02 29.03
CA SER D 125 24.09 -8.39 29.49
C SER D 125 25.41 -9.17 29.34
N VAL D 126 26.04 -9.10 28.13
CA VAL D 126 27.33 -9.74 27.82
C VAL D 126 28.41 -9.28 28.81
N MET D 127 28.46 -7.96 29.11
CA MET D 127 29.39 -7.36 30.08
C MET D 127 29.28 -8.04 31.44
N LEU D 128 28.06 -8.22 31.96
CA LEU D 128 27.80 -8.88 33.25
C LEU D 128 28.15 -10.36 33.23
N ASN D 129 28.04 -11.00 32.05
CA ASN D 129 28.40 -12.41 31.87
C ASN D 129 29.92 -12.58 32.00
N ILE D 130 30.69 -11.59 31.48
CA ILE D 130 32.16 -11.54 31.57
C ILE D 130 32.54 -11.40 33.05
N MET D 131 31.91 -10.47 33.77
CA MET D 131 32.14 -10.21 35.18
C MET D 131 31.87 -11.42 36.07
N GLU D 132 30.71 -12.10 35.85
CA GLU D 132 30.35 -13.31 36.60
C GLU D 132 31.42 -14.41 36.45
N GLU D 133 32.04 -14.52 35.24
CA GLU D 133 33.08 -15.51 34.90
C GLU D 133 34.32 -15.37 35.78
N TYR D 134 34.80 -14.12 35.91
CA TYR D 134 36.00 -13.77 36.68
C TYR D 134 35.69 -13.28 38.10
N ASP D 135 34.41 -13.39 38.52
CA ASP D 135 33.87 -13.02 39.84
C ASP D 135 34.18 -11.55 40.17
N TRP D 136 33.81 -10.68 39.23
CA TRP D 136 33.98 -9.23 39.29
C TRP D 136 32.63 -8.65 39.65
N TYR D 137 32.27 -8.76 40.93
CA TYR D 137 30.97 -8.37 41.43
C TYR D 137 30.89 -6.94 41.92
N ILE D 138 32.04 -6.29 42.18
CA ILE D 138 32.08 -4.91 42.66
C ILE D 138 32.49 -4.00 41.50
N PHE D 139 31.60 -3.07 41.15
CA PHE D 139 31.79 -2.18 40.00
C PHE D 139 31.07 -0.84 40.10
N SER D 140 31.34 0.04 39.12
CA SER D 140 30.72 1.36 38.91
C SER D 140 30.42 1.55 37.41
N ILE D 141 29.45 2.42 37.10
CA ILE D 141 29.06 2.76 35.73
C ILE D 141 29.39 4.24 35.45
N VAL D 142 29.86 4.51 34.22
CA VAL D 142 30.09 5.87 33.74
C VAL D 142 29.44 5.94 32.39
N THR D 143 28.57 6.95 32.17
CA THR D 143 27.97 7.21 30.88
C THR D 143 27.96 8.73 30.65
N THR D 144 27.72 9.11 29.37
CA THR D 144 27.49 10.50 28.97
C THR D 144 25.99 10.54 28.69
N TYR D 145 25.50 11.60 28.03
CA TYR D 145 24.08 11.68 27.68
C TYR D 145 23.81 11.03 26.34
N PHE D 146 24.82 10.38 25.74
CA PHE D 146 24.65 9.69 24.46
C PHE D 146 23.45 8.74 24.55
N PRO D 147 22.47 8.87 23.63
CA PRO D 147 21.26 8.03 23.71
C PRO D 147 21.52 6.54 23.89
N GLY D 148 20.80 5.95 24.83
CA GLY D 148 20.90 4.54 25.19
C GLY D 148 21.50 4.37 26.57
N TYR D 149 22.04 5.46 27.14
CA TYR D 149 22.66 5.46 28.45
C TYR D 149 21.70 5.00 29.52
N GLN D 150 20.42 5.43 29.42
CA GLN D 150 19.34 5.09 30.34
C GLN D 150 19.03 3.61 30.18
N ASP D 151 18.92 3.13 28.92
CA ASP D 151 18.72 1.72 28.60
C ASP D 151 19.85 0.81 29.16
N PHE D 152 21.10 1.29 29.09
CA PHE D 152 22.29 0.60 29.60
C PHE D 152 22.23 0.46 31.11
N VAL D 153 22.17 1.60 31.84
CA VAL D 153 22.06 1.64 33.32
C VAL D 153 20.87 0.79 33.82
N ASN D 154 19.69 0.95 33.19
CA ASN D 154 18.48 0.19 33.55
C ASN D 154 18.61 -1.33 33.42
N LYS D 155 19.21 -1.84 32.31
CA LYS D 155 19.40 -3.28 32.09
C LYS D 155 20.31 -3.83 33.18
N ILE D 156 21.44 -3.11 33.47
CA ILE D 156 22.40 -3.49 34.50
C ILE D 156 21.64 -3.60 35.84
N ARG D 157 20.96 -2.51 36.23
CA ARG D 157 20.20 -2.40 37.47
C ARG D 157 19.17 -3.51 37.64
N SER D 158 18.31 -3.74 36.64
CA SER D 158 17.28 -4.78 36.70
C SER D 158 17.89 -6.18 36.80
N THR D 159 19.03 -6.44 36.09
CA THR D 159 19.75 -7.73 36.12
C THR D 159 20.21 -8.04 37.55
N ILE D 160 20.92 -7.09 38.20
CA ILE D 160 21.39 -7.17 39.58
C ILE D 160 20.22 -7.47 40.58
N GLU D 161 19.09 -6.75 40.44
CA GLU D 161 17.87 -6.88 41.26
C GLU D 161 17.33 -8.31 41.16
N ASN D 162 17.15 -8.78 39.90
CA ASN D 162 16.66 -10.12 39.53
C ASN D 162 17.81 -11.15 39.64
N SER D 163 18.41 -11.24 40.88
CA SER D 163 19.51 -12.12 41.30
C SER D 163 20.09 -11.71 42.66
N PHE D 164 21.04 -12.51 43.15
CA PHE D 164 21.86 -12.30 44.34
C PHE D 164 23.07 -13.21 44.26
N VAL D 165 23.98 -12.79 43.36
CA VAL D 165 25.27 -13.36 42.99
C VAL D 165 26.34 -12.66 43.89
N GLY D 166 25.93 -11.52 44.44
CA GLY D 166 26.68 -10.62 45.32
C GLY D 166 27.13 -9.34 44.64
N TRP D 167 26.33 -8.85 43.66
CA TRP D 167 26.62 -7.64 42.90
C TRP D 167 26.65 -6.42 43.80
N GLU D 168 27.55 -5.47 43.51
CA GLU D 168 27.65 -4.23 44.28
C GLU D 168 28.01 -3.05 43.37
N LEU D 169 26.96 -2.36 42.85
CA LEU D 169 27.12 -1.17 42.03
C LEU D 169 27.41 -0.01 42.98
N GLU D 170 28.68 0.46 43.00
CA GLU D 170 29.16 1.50 43.90
C GLU D 170 28.82 2.93 43.48
N GLU D 171 28.95 3.25 42.19
CA GLU D 171 28.65 4.58 41.64
C GLU D 171 28.14 4.55 40.22
N VAL D 172 27.30 5.53 39.88
CA VAL D 172 26.79 5.74 38.53
C VAL D 172 27.03 7.22 38.22
N LEU D 173 27.94 7.49 37.31
CA LEU D 173 28.25 8.87 36.95
C LEU D 173 27.68 9.22 35.60
N LEU D 174 27.14 10.43 35.48
CA LEU D 174 26.57 10.91 34.22
C LEU D 174 27.39 12.14 33.89
N LEU D 175 28.02 12.13 32.71
CA LEU D 175 28.90 13.23 32.33
C LEU D 175 28.26 14.04 31.22
N ASP D 176 28.29 15.36 31.38
CA ASP D 176 27.73 16.29 30.40
C ASP D 176 28.85 16.76 29.45
N MET D 177 29.00 16.06 28.33
CA MET D 177 29.97 16.34 27.29
C MET D 177 29.53 17.46 26.35
N SER D 178 28.36 18.05 26.59
CA SER D 178 27.82 19.15 25.77
C SER D 178 28.41 20.51 26.18
N LEU D 179 29.09 20.57 27.36
CA LEU D 179 29.75 21.74 27.94
C LEU D 179 31.27 21.55 27.97
N ASP D 180 32.04 22.64 28.09
CA ASP D 180 33.50 22.58 28.12
C ASP D 180 33.98 22.10 29.51
N ASP D 181 35.24 21.63 29.59
CA ASP D 181 35.78 21.21 30.87
C ASP D 181 36.84 22.19 31.35
N GLY D 182 36.40 23.44 31.53
CA GLY D 182 37.24 24.52 32.06
C GLY D 182 37.21 24.57 33.57
N ASP D 183 36.11 24.05 34.16
CA ASP D 183 35.83 23.94 35.59
C ASP D 183 36.30 22.58 36.15
N SER D 184 36.78 21.68 35.25
CA SER D 184 37.25 20.32 35.52
C SER D 184 36.17 19.48 36.26
N LYS D 185 34.90 19.60 35.82
CA LYS D 185 33.80 18.87 36.44
C LYS D 185 33.94 17.37 36.28
N ILE D 186 34.31 16.90 35.07
CA ILE D 186 34.53 15.48 34.76
C ILE D 186 35.62 14.90 35.67
N GLN D 187 36.77 15.60 35.80
CA GLN D 187 37.87 15.19 36.68
C GLN D 187 37.38 15.04 38.12
N ASN D 188 36.58 16.00 38.59
CA ASN D 188 36.02 15.97 39.94
C ASN D 188 34.99 14.86 40.09
N GLN D 189 34.28 14.52 39.00
CA GLN D 189 33.30 13.46 39.00
C GLN D 189 34.00 12.11 39.01
N LEU D 190 35.01 11.93 38.13
CA LEU D 190 35.82 10.71 37.99
C LEU D 190 36.58 10.37 39.27
N LYS D 191 37.04 11.39 40.02
CA LYS D 191 37.78 11.24 41.29
C LYS D 191 36.97 10.48 42.37
N LYS D 192 35.62 10.44 42.23
CA LYS D 192 34.70 9.74 43.12
C LYS D 192 34.76 8.19 42.93
N LEU D 193 35.30 7.72 41.79
CA LEU D 193 35.40 6.29 41.50
C LEU D 193 36.44 5.54 42.35
N GLN D 194 35.98 4.44 43.01
CA GLN D 194 36.79 3.58 43.87
C GLN D 194 36.84 2.11 43.39
N SER D 195 35.85 1.69 42.56
CA SER D 195 35.66 0.33 42.07
C SER D 195 36.76 -0.22 41.17
N PRO D 196 37.09 -1.53 41.31
CA PRO D 196 38.12 -2.11 40.43
C PRO D 196 37.68 -2.29 38.97
N ILE D 197 36.36 -2.25 38.70
CA ILE D 197 35.76 -2.42 37.36
C ILE D 197 34.86 -1.25 37.05
N ILE D 198 35.07 -0.62 35.88
CA ILE D 198 34.26 0.49 35.41
C ILE D 198 33.63 0.14 34.06
N LEU D 199 32.28 0.23 33.96
CA LEU D 199 31.56 0.03 32.71
C LEU D 199 31.35 1.44 32.12
N LEU D 200 31.85 1.66 30.91
CA LEU D 200 31.73 2.98 30.28
C LEU D 200 30.85 2.94 29.05
N TYR D 201 29.78 3.75 29.04
CA TYR D 201 28.88 3.89 27.90
C TYR D 201 28.95 5.34 27.38
N CYS D 202 29.45 5.52 26.13
CA CYS D 202 29.60 6.84 25.48
C CYS D 202 30.05 6.61 24.03
N THR D 203 30.35 7.70 23.29
CA THR D 203 30.88 7.59 21.92
C THR D 203 32.39 7.35 22.01
N LYS D 204 33.02 6.95 20.89
CA LYS D 204 34.47 6.70 20.80
C LYS D 204 35.22 8.04 21.01
N GLU D 205 34.73 9.15 20.41
CA GLU D 205 35.35 10.46 20.58
C GLU D 205 35.23 10.94 22.03
N GLU D 206 34.13 10.57 22.72
CA GLU D 206 33.93 10.88 24.14
C GLU D 206 34.85 10.06 25.04
N ALA D 207 35.01 8.76 24.74
CA ALA D 207 35.88 7.87 25.50
C ALA D 207 37.35 8.31 25.47
N THR D 208 37.83 8.88 24.31
CA THR D 208 39.23 9.35 24.22
C THR D 208 39.47 10.42 25.28
N TYR D 209 38.50 11.35 25.42
CA TYR D 209 38.58 12.41 26.42
C TYR D 209 38.53 11.85 27.84
N ILE D 210 37.50 11.01 28.14
CA ILE D 210 37.24 10.40 29.44
C ILE D 210 38.47 9.65 29.94
N PHE D 211 39.10 8.84 29.07
CA PHE D 211 40.33 8.10 29.40
C PHE D 211 41.49 9.01 29.70
N GLU D 212 41.68 10.10 28.91
CA GLU D 212 42.73 11.10 29.13
C GLU D 212 42.62 11.67 30.56
N VAL D 213 41.40 12.07 30.95
CA VAL D 213 41.10 12.59 32.28
C VAL D 213 41.33 11.48 33.32
N ALA D 214 40.76 10.25 33.09
CA ALA D 214 40.88 9.12 34.02
C ALA D 214 42.35 8.77 34.30
N ASN D 215 43.19 8.87 33.27
CA ASN D 215 44.62 8.62 33.34
C ASN D 215 45.34 9.60 34.29
N SER D 216 44.91 10.89 34.28
CA SER D 216 45.39 12.02 35.11
C SER D 216 45.10 11.77 36.60
N VAL D 217 43.95 11.16 36.89
CA VAL D 217 43.40 10.82 38.20
C VAL D 217 43.89 9.40 38.65
N GLY D 218 44.66 8.74 37.77
CA GLY D 218 45.27 7.43 38.00
C GLY D 218 44.28 6.29 38.08
N LEU D 219 43.32 6.23 37.14
CA LEU D 219 42.31 5.18 37.12
C LEU D 219 42.42 4.22 35.94
N THR D 220 43.56 4.17 35.23
CA THR D 220 43.58 3.33 34.02
C THR D 220 44.66 2.19 34.01
N GLY D 221 45.55 2.15 35.01
CA GLY D 221 46.60 1.14 35.14
C GLY D 221 46.14 -0.20 35.66
N TYR D 222 47.04 -0.93 36.39
CA TYR D 222 46.68 -2.22 36.99
C TYR D 222 45.66 -1.93 38.11
N GLY D 223 44.73 -2.87 38.34
CA GLY D 223 43.74 -2.69 39.41
C GLY D 223 42.50 -1.92 39.04
N TYR D 224 42.47 -1.34 37.82
CA TYR D 224 41.31 -0.66 37.25
C TYR D 224 41.07 -1.24 35.86
N THR D 225 39.94 -1.95 35.73
CA THR D 225 39.53 -2.58 34.48
C THR D 225 38.32 -1.84 33.90
N TRP D 226 38.44 -1.37 32.64
CA TRP D 226 37.37 -0.68 31.92
C TRP D 226 36.74 -1.59 30.88
N ILE D 227 35.43 -1.76 30.96
CA ILE D 227 34.64 -2.55 30.02
C ILE D 227 33.78 -1.58 29.24
N VAL D 228 33.80 -1.69 27.91
CA VAL D 228 33.18 -0.74 26.98
C VAL D 228 32.33 -1.39 25.84
N PRO D 229 31.30 -0.72 25.26
CA PRO D 229 30.54 -1.36 24.16
C PRO D 229 31.16 -1.21 22.77
N SER D 230 30.60 -1.92 21.80
CA SER D 230 31.04 -1.94 20.40
C SER D 230 31.38 -0.55 19.80
N LEU D 231 30.50 0.46 20.01
CA LEU D 231 30.71 1.80 19.43
C LEU D 231 31.99 2.49 19.97
N VAL D 232 32.45 2.13 21.19
CA VAL D 232 33.67 2.73 21.73
C VAL D 232 34.90 2.19 20.99
N ALA D 233 35.01 0.86 20.86
CA ALA D 233 36.13 0.25 20.13
C ALA D 233 36.08 0.67 18.63
N GLY D 234 34.88 0.70 18.06
CA GLY D 234 34.62 1.08 16.69
C GLY D 234 35.47 0.25 15.74
N ASP D 235 36.25 0.93 14.89
CA ASP D 235 37.18 0.34 13.97
C ASP D 235 38.38 -0.05 14.80
N THR D 236 38.62 -1.37 14.92
CA THR D 236 39.70 -1.96 15.72
C THR D 236 41.09 -1.60 15.20
N ASP D 237 41.17 -1.10 13.94
CA ASP D 237 42.42 -0.65 13.32
C ASP D 237 42.71 0.83 13.65
N THR D 238 41.79 1.50 14.36
CA THR D 238 41.97 2.89 14.79
C THR D 238 41.91 2.89 16.29
N VAL D 239 43.10 2.81 16.90
CA VAL D 239 43.23 2.76 18.35
C VAL D 239 43.70 4.11 18.88
N PRO D 240 42.79 4.93 19.49
CA PRO D 240 43.23 6.22 20.04
C PRO D 240 44.28 5.99 21.12
N ALA D 241 45.39 6.75 21.08
CA ALA D 241 46.51 6.66 22.00
C ALA D 241 46.10 6.69 23.47
N GLU D 242 45.01 7.44 23.80
CA GLU D 242 44.50 7.62 25.16
C GLU D 242 43.72 6.39 25.68
N PHE D 243 43.43 5.40 24.81
CA PHE D 243 42.74 4.16 25.22
C PHE D 243 43.68 3.38 26.14
N PRO D 244 43.24 2.95 27.34
CA PRO D 244 44.18 2.25 28.23
C PRO D 244 44.45 0.81 27.82
N THR D 245 45.66 0.34 28.08
CA THR D 245 46.03 -1.05 27.83
C THR D 245 45.24 -1.91 28.81
N GLY D 246 44.62 -2.96 28.27
CA GLY D 246 43.80 -3.85 29.08
C GLY D 246 42.35 -3.47 29.05
N LEU D 247 41.98 -2.65 28.05
CA LEU D 247 40.60 -2.23 27.84
C LEU D 247 39.86 -3.41 27.25
N ILE D 248 38.66 -3.72 27.80
CA ILE D 248 37.83 -4.82 27.30
C ILE D 248 36.65 -4.25 26.55
N SER D 249 36.38 -4.76 25.35
CA SER D 249 35.24 -4.33 24.56
C SER D 249 34.48 -5.52 23.99
N VAL D 250 33.17 -5.31 23.80
CA VAL D 250 32.27 -6.27 23.19
C VAL D 250 32.19 -5.79 21.72
N SER D 251 32.92 -6.41 20.79
CA SER D 251 32.83 -5.95 19.39
C SER D 251 31.91 -6.79 18.53
N TYR D 252 31.37 -6.18 17.48
CA TYR D 252 30.58 -6.90 16.52
C TYR D 252 31.59 -7.46 15.56
N ASP D 253 31.64 -8.82 15.43
CA ASP D 253 32.63 -9.55 14.65
C ASP D 253 32.74 -9.09 13.19
N GLU D 254 33.65 -8.13 12.98
CA GLU D 254 34.05 -7.56 11.71
C GLU D 254 34.93 -8.63 11.04
N TRP D 255 35.41 -9.59 11.86
CA TRP D 255 36.28 -10.71 11.50
C TRP D 255 35.60 -11.72 10.58
N ASP D 256 34.68 -12.55 11.14
CA ASP D 256 34.03 -13.65 10.42
C ASP D 256 32.88 -13.23 9.53
N TYR D 257 32.13 -12.17 9.95
CA TYR D 257 31.01 -11.62 9.17
C TYR D 257 31.51 -10.40 8.41
N GLY D 258 32.15 -10.66 7.27
CA GLY D 258 32.75 -9.64 6.43
C GLY D 258 31.76 -8.77 5.71
N LEU D 259 32.26 -7.66 5.13
CA LEU D 259 31.43 -6.72 4.38
C LEU D 259 30.71 -7.38 3.16
N PRO D 260 31.36 -8.14 2.24
CA PRO D 260 30.60 -8.75 1.12
C PRO D 260 29.42 -9.64 1.52
N ALA D 261 29.53 -10.32 2.68
CA ALA D 261 28.48 -11.16 3.26
C ALA D 261 27.33 -10.27 3.76
N ARG D 262 27.66 -9.16 4.46
CA ARG D 262 26.70 -8.19 5.01
C ARG D 262 25.88 -7.55 3.91
N VAL D 263 26.53 -7.10 2.82
CA VAL D 263 25.85 -6.47 1.67
C VAL D 263 24.87 -7.48 1.08
N ARG D 264 25.34 -8.75 0.85
CA ARG D 264 24.54 -9.85 0.33
C ARG D 264 23.29 -10.06 1.20
N ASP D 265 23.49 -10.14 2.54
CA ASP D 265 22.42 -10.32 3.50
C ASP D 265 21.43 -9.15 3.50
N GLY D 266 21.97 -7.92 3.40
CA GLY D 266 21.18 -6.69 3.31
C GLY D 266 20.30 -6.67 2.07
N ILE D 267 20.84 -7.13 0.92
CA ILE D 267 20.10 -7.22 -0.33
C ILE D 267 18.99 -8.26 -0.19
N ALA D 268 19.31 -9.43 0.44
CA ALA D 268 18.37 -10.53 0.69
C ALA D 268 17.22 -10.06 1.58
N ILE D 269 17.53 -9.27 2.64
CA ILE D 269 16.53 -8.72 3.56
C ILE D 269 15.48 -7.90 2.79
N ILE D 270 15.92 -6.85 2.06
CA ILE D 270 15.04 -5.94 1.30
C ILE D 270 14.24 -6.71 0.26
N THR D 271 14.88 -7.67 -0.43
CA THR D 271 14.21 -8.46 -1.48
C THR D 271 13.17 -9.41 -0.89
N THR D 272 13.53 -10.23 0.14
CA THR D 272 12.61 -11.16 0.81
C THR D 272 11.43 -10.40 1.41
N ALA D 273 11.68 -9.23 2.01
CA ALA D 273 10.63 -8.39 2.61
C ALA D 273 9.64 -7.97 1.55
N ALA D 274 10.16 -7.47 0.38
CA ALA D 274 9.37 -7.02 -0.77
C ALA D 274 8.55 -8.19 -1.35
N SER D 275 9.21 -9.36 -1.58
CA SER D 275 8.60 -10.60 -2.09
C SER D 275 7.43 -11.00 -1.19
N ASP D 276 7.66 -11.06 0.14
CA ASP D 276 6.68 -11.42 1.17
C ASP D 276 5.48 -10.49 1.20
N MET D 277 5.73 -9.17 1.07
CA MET D 277 4.64 -8.19 1.08
C MET D 277 3.76 -8.37 -0.14
N LEU D 278 4.38 -8.46 -1.35
CA LEU D 278 3.78 -8.61 -2.66
C LEU D 278 2.98 -9.92 -2.70
N SER D 279 3.54 -11.01 -2.13
CA SER D 279 2.90 -12.33 -2.05
C SER D 279 1.64 -12.33 -1.17
N GLU D 280 1.58 -11.45 -0.15
CA GLU D 280 0.45 -11.38 0.77
C GLU D 280 -0.59 -10.30 0.46
N HIS D 281 -0.17 -9.12 -0.09
CA HIS D 281 -1.10 -8.01 -0.33
C HIS D 281 -1.26 -7.59 -1.80
N SER D 282 -0.54 -8.24 -2.73
CA SER D 282 -0.57 -8.02 -4.19
C SER D 282 -0.12 -6.59 -4.58
N PHE D 283 0.81 -6.05 -3.75
CA PHE D 283 1.44 -4.73 -3.88
C PHE D 283 2.60 -4.55 -2.90
N ILE D 284 3.47 -3.60 -3.22
CA ILE D 284 4.61 -3.13 -2.43
C ILE D 284 4.55 -1.60 -2.47
N PRO D 285 5.08 -0.84 -1.48
CA PRO D 285 4.95 0.62 -1.56
C PRO D 285 5.76 1.24 -2.68
N GLU D 286 5.12 2.16 -3.43
CA GLU D 286 5.73 2.89 -4.52
C GLU D 286 6.84 3.79 -4.00
N PRO D 287 8.11 3.54 -4.44
CA PRO D 287 9.21 4.38 -3.98
C PRO D 287 9.10 5.80 -4.51
N LYS D 288 9.09 6.71 -3.55
CA LYS D 288 9.07 8.17 -3.61
C LYS D 288 10.18 8.66 -4.52
N SER D 289 9.81 9.52 -5.47
CA SER D 289 10.76 10.11 -6.41
C SER D 289 11.27 11.44 -5.86
N SER D 290 10.84 11.83 -4.63
CA SER D 290 11.26 13.08 -4.01
C SER D 290 11.27 13.06 -2.48
N CYS D 291 12.22 13.87 -1.92
CA CYS D 291 12.41 14.17 -0.50
C CYS D 291 11.69 15.49 -0.31
N TYR D 292 11.55 16.23 -1.41
CA TYR D 292 10.98 17.56 -1.52
C TYR D 292 9.43 17.53 -1.65
N ASN D 293 8.84 16.31 -1.69
CA ASN D 293 7.39 16.05 -1.80
C ASN D 293 6.80 15.31 -0.58
N THR D 294 7.66 14.83 0.35
CA THR D 294 7.31 14.01 1.55
C THR D 294 6.08 14.48 2.34
N HIS D 295 5.85 15.82 2.41
CA HIS D 295 4.73 16.47 3.08
C HIS D 295 3.37 16.16 2.41
N GLU D 296 3.33 16.21 1.05
CA GLU D 296 2.16 16.01 0.19
C GLU D 296 2.08 14.57 -0.38
N LYS D 297 2.25 13.56 0.50
CA LYS D 297 2.23 12.13 0.17
C LYS D 297 1.87 11.29 1.39
N ARG D 298 1.96 11.88 2.60
CA ARG D 298 1.76 11.27 3.92
C ARG D 298 0.49 10.42 4.08
N ILE D 299 -0.64 10.80 3.44
CA ILE D 299 -1.86 10.00 3.61
C ILE D 299 -1.85 8.77 2.69
N TYR D 300 -0.86 8.71 1.77
CA TYR D 300 -0.70 7.62 0.82
C TYR D 300 0.49 6.75 1.15
N GLN D 301 1.27 7.11 2.18
CA GLN D 301 2.45 6.35 2.57
C GLN D 301 2.28 5.64 3.89
N SER D 302 3.07 4.55 4.09
CA SER D 302 3.04 3.65 5.24
C SER D 302 4.41 3.11 5.65
N ASN D 303 4.46 2.53 6.87
CA ASN D 303 5.59 1.86 7.51
C ASN D 303 5.43 0.33 7.22
N MET D 304 4.25 -0.10 6.66
CA MET D 304 3.81 -1.48 6.34
C MET D 304 4.93 -2.48 5.97
N LEU D 305 5.96 -2.06 5.20
CA LEU D 305 7.04 -2.97 4.84
C LEU D 305 7.87 -3.47 6.05
N ASN D 306 7.79 -2.77 7.23
CA ASN D 306 8.55 -3.13 8.43
C ASN D 306 8.21 -4.52 8.94
N ARG D 307 6.91 -4.86 9.12
CA ARG D 307 6.41 -6.20 9.46
C ARG D 307 7.30 -7.32 8.83
N TYR D 308 7.58 -7.14 7.53
CA TYR D 308 8.31 -8.03 6.63
C TYR D 308 9.82 -7.92 6.75
N LEU D 309 10.38 -6.71 6.88
CA LEU D 309 11.82 -6.49 6.98
C LEU D 309 12.38 -7.05 8.27
N ILE D 310 11.51 -7.16 9.28
CA ILE D 310 11.86 -7.56 10.64
C ILE D 310 11.80 -9.08 10.84
N ASN D 311 11.39 -9.83 9.81
CA ASN D 311 11.16 -11.28 9.91
C ASN D 311 11.76 -12.08 8.73
N VAL D 312 12.75 -11.50 8.05
CA VAL D 312 13.42 -12.11 6.90
C VAL D 312 14.31 -13.28 7.35
N THR D 313 14.07 -14.46 6.75
CA THR D 313 14.82 -15.71 6.98
C THR D 313 15.53 -16.11 5.67
N PHE D 314 16.88 -16.16 5.68
CA PHE D 314 17.70 -16.46 4.50
C PHE D 314 18.35 -17.88 4.50
N GLU D 315 19.30 -18.10 5.46
CA GLU D 315 20.00 -19.38 5.60
C GLU D 315 20.16 -19.79 7.06
N ASP D 318 18.07 -17.02 10.34
CA ASP D 318 17.23 -16.02 11.00
C ASP D 318 17.90 -14.64 11.03
N LEU D 319 17.71 -13.88 9.93
CA LEU D 319 18.26 -12.53 9.76
C LEU D 319 17.45 -11.45 10.47
N SER D 320 16.35 -11.85 11.16
CA SER D 320 15.40 -10.97 11.85
C SER D 320 16.03 -9.92 12.76
N PHE D 321 15.35 -8.78 12.82
CA PHE D 321 15.69 -7.62 13.64
C PHE D 321 14.62 -7.46 14.72
N SER D 322 14.90 -6.61 15.73
CA SER D 322 13.91 -6.24 16.73
C SER D 322 13.15 -5.02 16.21
N GLU D 323 11.97 -4.75 16.80
CA GLU D 323 11.12 -3.57 16.48
C GLU D 323 11.95 -2.27 16.66
N ASP D 324 12.98 -2.32 17.56
CA ASP D 324 13.88 -1.23 17.90
C ASP D 324 15.03 -1.03 16.88
N GLY D 325 15.10 -1.88 15.87
CA GLY D 325 16.04 -1.77 14.77
C GLY D 325 17.45 -2.29 14.95
N TYR D 326 17.61 -3.35 15.75
CA TYR D 326 18.92 -3.99 15.97
C TYR D 326 18.79 -5.49 15.63
N GLN D 327 19.92 -6.15 15.33
CA GLN D 327 19.96 -7.58 15.00
C GLN D 327 19.54 -8.44 16.18
N MET D 328 18.72 -9.46 15.91
CA MET D 328 18.20 -10.36 16.94
C MET D 328 19.24 -11.28 17.50
N HIS D 329 19.92 -12.06 16.64
CA HIS D 329 20.92 -13.01 17.16
C HIS D 329 22.30 -12.74 16.58
N PRO D 330 23.02 -11.70 17.06
CA PRO D 330 24.34 -11.42 16.52
C PRO D 330 25.42 -12.23 17.25
N LYS D 331 26.46 -12.63 16.50
CA LYS D 331 27.60 -13.32 17.07
C LYS D 331 28.58 -12.21 17.51
N LEU D 332 28.92 -12.18 18.80
CA LEU D 332 29.78 -11.14 19.33
C LEU D 332 31.14 -11.67 19.74
N VAL D 333 32.14 -10.81 19.63
CA VAL D 333 33.50 -11.18 20.00
C VAL D 333 33.94 -10.29 21.16
N ILE D 334 34.66 -10.88 22.14
CA ILE D 334 35.18 -10.13 23.26
C ILE D 334 36.60 -9.80 22.95
N ILE D 335 36.93 -8.51 22.97
CA ILE D 335 38.27 -8.07 22.59
C ILE D 335 38.98 -7.37 23.70
N LEU D 336 40.31 -7.55 23.74
CA LEU D 336 41.20 -6.95 24.73
C LEU D 336 42.31 -6.17 24.02
N LEU D 337 42.54 -4.92 24.45
CA LEU D 337 43.59 -4.07 23.92
C LEU D 337 44.87 -4.51 24.62
N ASN D 338 45.81 -5.13 23.88
CA ASN D 338 47.04 -5.66 24.49
C ASN D 338 48.15 -4.61 24.64
N LYS D 339 49.32 -5.05 25.18
CA LYS D 339 50.49 -4.20 25.44
C LYS D 339 51.13 -3.66 24.15
N GLU D 340 50.92 -4.37 23.02
CA GLU D 340 51.42 -3.95 21.70
C GLU D 340 50.42 -3.01 21.01
N ARG D 341 49.37 -2.59 21.78
CA ARG D 341 48.29 -1.67 21.40
C ARG D 341 47.47 -2.13 20.17
N LYS D 342 47.22 -3.45 20.13
CA LYS D 342 46.40 -4.12 19.12
C LYS D 342 45.24 -4.83 19.82
N TRP D 343 44.07 -4.82 19.19
CA TRP D 343 42.90 -5.50 19.74
C TRP D 343 43.00 -7.00 19.47
N GLU D 344 43.01 -7.78 20.57
CA GLU D 344 43.16 -9.23 20.63
C GLU D 344 41.81 -9.88 20.96
N ARG D 345 41.45 -11.01 20.27
CA ARG D 345 40.21 -11.75 20.53
C ARG D 345 40.41 -12.60 21.79
N VAL D 346 39.53 -12.45 22.78
CA VAL D 346 39.65 -13.14 24.07
C VAL D 346 38.36 -13.90 24.48
N GLY D 347 37.32 -13.81 23.66
CA GLY D 347 36.05 -14.47 23.91
C GLY D 347 35.05 -14.44 22.76
N LYS D 348 33.99 -15.22 22.89
CA LYS D 348 32.92 -15.35 21.90
C LYS D 348 31.58 -15.39 22.62
N TRP D 349 30.55 -14.69 22.08
CA TRP D 349 29.20 -14.74 22.60
C TRP D 349 28.30 -15.40 21.55
N LYS D 350 27.93 -16.66 21.82
CA LYS D 350 27.10 -17.48 20.94
C LYS D 350 25.63 -17.50 21.42
N ASP D 351 24.94 -18.66 21.38
CA ASP D 351 23.54 -18.90 21.76
C ASP D 351 22.87 -17.79 22.62
N LYS D 352 23.50 -17.56 23.78
CA LYS D 352 23.26 -16.70 24.93
C LYS D 352 24.30 -17.29 25.93
N SER D 353 25.37 -17.89 25.35
CA SER D 353 26.47 -18.51 26.05
C SER D 353 27.75 -17.72 25.78
N LEU D 354 28.59 -17.61 26.82
CA LEU D 354 29.88 -16.95 26.74
C LEU D 354 30.98 -17.98 26.82
N GLN D 355 31.98 -17.88 25.94
CA GLN D 355 33.12 -18.79 25.98
C GLN D 355 34.38 -17.93 25.94
N MET D 356 35.12 -17.89 27.06
CA MET D 356 36.32 -17.05 27.12
C MET D 356 37.61 -17.87 26.92
N LYS D 357 38.65 -17.21 26.37
CA LYS D 357 39.95 -17.81 26.10
C LYS D 357 40.62 -18.18 27.42
N TYR D 358 40.60 -17.24 28.40
CA TYR D 358 41.28 -17.39 29.69
C TYR D 358 40.41 -17.79 30.86
N TYR D 359 40.94 -18.66 31.72
CA TYR D 359 40.23 -18.99 32.95
C TYR D 359 40.67 -17.98 34.01
N VAL D 360 41.98 -17.67 34.05
CA VAL D 360 42.60 -16.66 34.88
C VAL D 360 42.88 -15.47 33.94
N TRP D 361 42.23 -14.33 34.22
CA TRP D 361 42.39 -13.08 33.45
C TRP D 361 43.82 -12.57 33.57
N PRO D 362 44.56 -12.36 32.46
CA PRO D 362 45.97 -11.99 32.60
C PRO D 362 46.25 -10.48 32.77
N ARG D 363 47.46 -10.17 33.32
CA ARG D 363 47.92 -8.84 33.68
C ARG D 363 48.37 -7.90 32.51
N MET D 364 47.51 -6.89 32.21
CA MET D 364 47.74 -5.85 31.20
C MET D 364 47.92 -4.51 31.92
C1 NAG E . -5.57 -37.37 -42.81
C2 NAG E . -5.85 -36.71 -44.16
C3 NAG E . -7.08 -37.35 -44.83
C4 NAG E . -6.97 -38.88 -44.83
C5 NAG E . -6.59 -39.42 -43.45
C6 NAG E . -6.30 -40.91 -43.46
C7 NAG E . -5.18 -34.34 -44.34
C8 NAG E . -5.47 -32.95 -43.87
N2 NAG E . -6.07 -35.29 -43.96
O3 NAG E . -7.15 -36.89 -46.18
O4 NAG E . -8.23 -39.40 -45.24
O5 NAG E . -5.40 -38.78 -42.98
O6 NAG E . -5.47 -41.30 -44.55
O7 NAG E . -4.19 -34.60 -45.03
C1 NAG E . -8.29 -40.17 -46.43
C2 NAG E . -9.69 -40.76 -46.55
C3 NAG E . -9.73 -41.63 -47.80
C4 NAG E . -9.22 -40.88 -49.04
C5 NAG E . -7.88 -40.19 -48.78
C6 NAG E . -7.46 -39.27 -49.89
C7 NAG E . -10.61 -41.27 -44.31
C8 NAG E . -10.47 -42.16 -43.11
N2 NAG E . -9.85 -41.59 -45.37
O3 NAG E . -11.06 -42.07 -48.00
O4 NAG E . -8.99 -41.81 -50.09
O5 NAG E . -7.95 -39.40 -47.58
O6 NAG E . -8.44 -38.26 -50.12
O7 NAG E . -11.36 -40.30 -44.32
C1 BMA E . -10.01 -42.09 -51.01
C2 BMA E . -9.32 -42.49 -52.30
C3 BMA E . -10.35 -42.98 -53.31
C4 BMA E . -11.20 -44.12 -52.76
C5 BMA E . -11.81 -43.69 -51.42
C6 BMA E . -12.51 -44.82 -50.70
O2 BMA E . -8.32 -43.46 -52.03
O3 BMA E . -9.75 -43.31 -54.56
O4 BMA E . -12.27 -44.40 -53.64
O5 BMA E . -10.79 -43.20 -50.53
O6 BMA E . -12.61 -44.52 -49.33
C1 MAN E . -10.04 -42.47 -55.69
C2 MAN E . -9.46 -43.10 -56.97
C3 MAN E . -7.93 -43.00 -57.00
C4 MAN E . -7.47 -41.57 -56.73
C5 MAN E . -8.09 -41.06 -55.43
C6 MAN E . -7.74 -39.64 -55.07
O2 MAN E . -10.05 -42.51 -58.12
O3 MAN E . -7.44 -43.49 -58.23
O4 MAN E . -6.05 -41.53 -56.63
O5 MAN E . -9.53 -41.14 -55.53
O6 MAN E . -8.40 -39.25 -53.86
C1 MAN E . -13.33 -45.46 -48.61
C2 MAN E . -14.12 -44.71 -47.52
C3 MAN E . -13.20 -44.22 -46.40
C4 MAN E . -12.21 -45.29 -45.92
C5 MAN E . -11.51 -45.98 -47.10
C6 MAN E . -10.66 -47.16 -46.69
O2 MAN E . -15.18 -45.53 -47.05
O3 MAN E . -13.99 -43.84 -45.28
O4 MAN E . -11.23 -44.70 -45.07
O5 MAN E . -12.50 -46.48 -48.02
O6 MAN E . -11.41 -48.12 -45.96
NA NA F . -15.91 -18.02 -30.57
C1 NAG G . 5.97 -19.50 -41.46
C2 NAG G . 7.14 -20.38 -41.91
C3 NAG G . 7.66 -19.67 -43.16
C4 NAG G . 6.59 -19.66 -44.25
C5 NAG G . 5.30 -18.98 -43.76
C6 NAG G . 4.13 -19.29 -44.66
C7 NAG G . 8.43 -21.47 -40.09
C8 NAG G . 9.37 -21.23 -38.96
N2 NAG G . 8.17 -20.41 -40.87
O3 NAG G . 8.80 -20.34 -43.64
O4 NAG G . 7.09 -19.00 -45.41
O5 NAG G . 4.94 -19.47 -42.46
O6 NAG G . 3.28 -18.16 -44.80
O7 NAG G . 7.91 -22.57 -40.28
C1 NAG H . -23.16 18.17 -24.28
C2 NAG H . -21.92 19.04 -24.48
C3 NAG H . -22.32 20.37 -23.85
C4 NAG H . -23.57 20.95 -24.52
C5 NAG H . -24.74 19.96 -24.46
C6 NAG H . -25.92 20.37 -25.31
C7 NAG H . -19.50 18.69 -24.07
C8 NAG H . -18.49 17.86 -23.34
N2 NAG H . -20.79 18.45 -23.77
O3 NAG H . -21.24 21.30 -23.94
O4 NAG H . -23.94 22.17 -23.89
O5 NAG H . -24.33 18.67 -24.92
O6 NAG H . -26.58 21.52 -24.81
O7 NAG H . -19.17 19.55 -24.88
C1 NAG I . -18.37 -4.48 9.06
C2 NAG I . -17.51 -5.62 9.62
C3 NAG I . -17.39 -5.54 11.14
C4 NAG I . -17.12 -4.10 11.59
C5 NAG I . -18.28 -3.21 11.18
C6 NAG I . -18.11 -1.75 11.57
C7 NAG I . -17.35 -7.86 8.57
C8 NAG I . -18.00 -9.21 8.47
N2 NAG I . -18.05 -6.91 9.22
O3 NAG I . -16.37 -6.42 11.59
O4 NAG I . -16.89 -4.05 13.00
O5 NAG I . -18.44 -3.23 9.75
O6 NAG I . -18.22 -1.55 12.97
O7 NAG I . -16.23 -7.64 8.09
C1 QEL J . -13.98 -2.39 -23.17
N1 QEL J . -20.12 -7.18 -24.32
O1 QEL J . -20.84 -9.71 -22.73
C2 QEL J . -25.11 -9.78 -25.08
O2 QEL J . -26.06 -11.89 -25.74
C3 QEL J . -23.95 -11.83 -24.63
C4 QEL J . -16.66 -3.13 -23.46
C5 QEL J . -15.90 -3.59 -22.38
C6 QEL J . -14.57 -3.22 -22.23
C7 QEL J . -18.15 -3.37 -23.51
C8 QEL J . -18.59 -4.63 -24.27
C9 QEL J . -18.07 -5.91 -23.63
C01 QEL J . -14.72 -1.96 -24.27
C02 QEL J . -16.04 -2.33 -24.42
C10 QEL J . -18.63 -7.18 -24.29
C11 QEL J . -20.61 -5.98 -25.03
C12 QEL J . -20.12 -4.70 -24.37
C13 QEL J . -20.89 -8.36 -24.76
C14 QEL J . -21.70 -8.95 -23.58
C15 QEL J . -22.92 -9.73 -24.05
C16 QEL J . -24.05 -9.07 -24.53
C18 QEL J . -25.06 -11.17 -25.13
C19 QEL J . -22.90 -11.12 -24.10
C24 QEL J . -20.04 -9.42 -25.45
NA NA K . 18.64 21.84 26.19
C1 NAG L . 4.08 41.75 21.65
C2 NAG L . 4.96 42.66 20.79
C3 NAG L . 4.27 44.03 20.84
C4 NAG L . 2.80 43.95 20.42
C5 NAG L . 2.08 42.93 21.29
C6 NAG L . 0.65 42.68 20.91
C7 NAG L . 7.33 43.29 20.49
C8 NAG L . 8.60 43.60 21.21
N2 NAG L . 6.33 42.77 21.24
O3 NAG L . 4.96 44.95 19.98
O4 NAG L . 2.19 45.23 20.56
O5 NAG L . 2.75 41.68 21.14
O6 NAG L . 0.12 41.63 21.72
O7 NAG L . 7.17 43.55 19.31
C1 NAG M . 34.49 12.27 -4.93
C2 NAG M . 35.47 11.27 -5.54
C3 NAG M . 35.68 11.90 -6.93
C4 NAG M . 34.37 11.99 -7.71
C5 NAG M . 33.30 12.75 -6.91
C6 NAG M . 31.91 12.67 -7.52
C7 NAG M . 37.67 10.34 -4.85
C8 NAG M . 38.75 10.43 -3.81
N2 NAG M . 36.71 11.28 -4.78
O3 NAG M . 36.65 11.18 -7.68
O4 NAG M . 34.58 12.63 -8.97
O5 NAG M . 33.21 12.23 -5.58
O6 NAG M . 31.83 13.44 -8.72
O7 NAG M . 37.65 9.44 -5.69
C1 NAG N . 7.19 -14.30 10.13
C2 NAG N . 7.68 -15.67 9.65
C3 NAG N . 6.51 -16.62 9.92
C4 NAG N . 6.09 -16.58 11.39
C5 NAG N . 5.75 -15.15 11.83
C6 NAG N . 5.47 -15.01 13.31
C7 NAG N . 9.13 -16.13 7.68
C8 NAG N . 9.17 -16.20 6.19
N2 NAG N . 7.98 -15.66 8.22
O3 NAG N . 6.84 -17.96 9.54
O4 NAG N . 4.95 -17.41 11.58
O5 NAG N . 6.85 -14.28 11.53
O6 NAG N . 4.24 -15.62 13.69
O7 NAG N . 10.08 -16.49 8.37
C1 QEL O . 19.79 15.45 10.47
N1 QEL O . 23.16 14.33 17.53
O1 QEL O . 22.66 12.13 19.64
C2 QEL O . 26.73 12.92 21.96
O2 QEL O . 26.74 12.96 24.37
C3 QEL O . 24.69 13.03 23.21
C4 QEL O . 21.66 14.51 12.32
C5 QEL O . 20.38 13.94 12.24
C6 QEL O . 19.47 14.41 11.32
C7 QEL O . 22.71 13.90 13.22
C8 QEL O . 22.86 14.58 14.59
C9 QEL O . 21.69 14.26 15.52
C01 QEL O . 21.04 16.04 10.56
C02 QEL O . 21.97 15.58 11.49
C10 QEL O . 21.89 14.81 16.93
C11 QEL O . 24.28 14.76 16.68
C12 QEL O . 24.17 14.19 15.27
C13 QEL O . 23.40 14.37 18.99
C14 QEL O . 23.80 12.97 19.52
C15 QEL O . 24.61 13.02 20.80
C16 QEL O . 26.00 12.96 20.78
C18 QEL O . 26.07 12.96 23.19
C19 QEL O . 23.97 13.06 22.04
C24 QEL O . 22.25 14.99 19.79
#